data_1SUH
#
_entry.id   1SUH
#
_cell.length_a   1.000
_cell.length_b   1.000
_cell.length_c   1.000
_cell.angle_alpha   90.00
_cell.angle_beta   90.00
_cell.angle_gamma   90.00
#
_symmetry.space_group_name_H-M   'P 1'
#
_entity_poly.entity_id   1
_entity_poly.type   'polypeptide(L)'
_entity_poly.pdbx_seq_one_letter_code
;MRDWVIPPISCPENEKGEFPKNLVQIKSNRDKETKVFYSITGQGADKPPVGVFIIERETGWLKVTQPLDREAIAKYILYS
HAVSSNGEAVEDPMEIVITVTDQNDNRPEFTQEVFEGSVAEGAVPGTSVMKVSATDADDDVNTYNA
;
_entity_poly.pdbx_strand_id   A
#
# COMPACT_ATOMS: atom_id res chain seq x y z
N ASP A 3 13.74 5.52 9.80
CA ASP A 3 13.98 5.97 8.40
C ASP A 3 13.04 5.26 7.44
N TRP A 4 12.68 5.92 6.38
CA TRP A 4 11.77 5.29 5.40
C TRP A 4 12.54 4.37 4.46
N VAL A 5 12.66 3.12 4.84
CA VAL A 5 13.38 2.16 3.98
C VAL A 5 12.93 0.73 4.27
N ILE A 6 11.89 0.31 3.60
CA ILE A 6 11.38 -1.06 3.81
C ILE A 6 10.47 -1.49 2.65
N PRO A 7 11.06 -2.07 1.62
CA PRO A 7 10.29 -2.51 0.46
C PRO A 7 9.19 -3.53 0.81
N PRO A 8 9.52 -4.50 1.65
CA PRO A 8 8.57 -5.51 2.05
C PRO A 8 7.54 -4.96 3.04
N ILE A 9 6.33 -5.45 2.94
CA ILE A 9 5.26 -4.97 3.86
C ILE A 9 4.39 -6.15 4.30
N SER A 10 3.55 -5.92 5.28
CA SER A 10 2.66 -7.02 5.77
C SER A 10 1.22 -6.57 5.82
N CYS A 11 0.34 -7.41 5.29
CA CYS A 11 -1.11 -7.06 5.29
C CYS A 11 -1.96 -8.25 5.82
N PRO A 12 -2.71 -8.02 6.90
CA PRO A 12 -3.54 -9.07 7.48
C PRO A 12 -4.60 -9.57 6.49
N GLU A 13 -5.19 -10.70 6.83
CA GLU A 13 -6.24 -11.28 5.95
C GLU A 13 -7.55 -11.47 6.70
N ASN A 14 -8.63 -11.50 5.96
CA ASN A 14 -9.95 -11.67 6.60
C ASN A 14 -10.21 -10.64 7.69
N GLU A 15 -9.68 -9.45 7.51
CA GLU A 15 -9.91 -8.41 8.54
C GLU A 15 -11.38 -8.06 8.63
N LYS A 16 -11.89 -8.01 9.83
CA LYS A 16 -13.33 -7.68 10.03
C LYS A 16 -13.50 -6.43 10.90
N GLY A 17 -14.41 -5.59 10.52
CA GLY A 17 -14.64 -4.35 11.31
C GLY A 17 -15.43 -3.34 10.46
N GLU A 18 -14.76 -2.27 10.09
CA GLU A 18 -15.44 -1.22 9.27
C GLU A 18 -14.61 -0.92 8.02
N PHE A 19 -15.14 -1.31 6.87
CA PHE A 19 -14.40 -1.05 5.61
C PHE A 19 -14.94 0.20 4.92
N PRO A 20 -14.07 0.93 4.22
CA PRO A 20 -12.64 0.60 4.10
C PRO A 20 -11.90 0.78 5.42
N LYS A 21 -10.80 0.06 5.57
CA LYS A 21 -10.03 0.18 6.84
C LYS A 21 -8.54 0.33 6.60
N ASN A 22 -7.89 1.02 7.51
CA ASN A 22 -6.43 1.23 7.37
C ASN A 22 -5.67 -0.04 7.74
N LEU A 23 -4.48 -0.19 7.19
CA LEU A 23 -3.67 -1.40 7.49
C LEU A 23 -2.27 -1.03 7.95
N VAL A 24 -1.53 -0.35 7.12
CA VAL A 24 -0.15 0.05 7.51
C VAL A 24 0.30 1.33 6.82
N GLN A 25 1.18 2.04 7.46
CA GLN A 25 1.67 3.30 6.87
C GLN A 25 2.72 3.01 5.80
N ILE A 26 2.84 3.92 4.85
CA ILE A 26 3.83 3.71 3.77
C ILE A 26 5.13 4.46 4.03
N LYS A 27 6.18 3.99 3.43
CA LYS A 27 7.50 4.64 3.61
C LYS A 27 8.28 4.63 2.29
N SER A 28 8.66 5.81 1.83
CA SER A 28 9.42 5.89 0.55
C SER A 28 10.90 6.08 0.81
N ASN A 29 11.44 7.15 0.30
CA ASN A 29 12.88 7.42 0.50
C ASN A 29 13.16 8.91 0.30
N ARG A 30 12.65 9.45 -0.78
CA ARG A 30 12.87 10.90 -1.04
C ARG A 30 12.39 11.73 0.13
N ASP A 31 11.73 11.08 1.05
CA ASP A 31 11.22 11.80 2.23
C ASP A 31 12.36 12.33 3.08
N LYS A 32 13.53 12.39 2.49
CA LYS A 32 14.71 12.89 3.23
C LYS A 32 15.13 14.26 2.69
N GLU A 33 14.38 14.77 1.76
CA GLU A 33 14.71 16.10 1.18
C GLU A 33 13.48 17.00 1.09
N THR A 34 12.34 16.40 0.89
CA THR A 34 11.09 17.21 0.79
C THR A 34 9.87 16.35 1.08
N LYS A 35 8.91 16.91 1.76
CA LYS A 35 7.68 16.13 2.06
C LYS A 35 7.18 15.47 0.78
N VAL A 36 7.32 14.18 0.71
CA VAL A 36 6.87 13.45 -0.50
C VAL A 36 5.50 12.78 -0.30
N PHE A 37 4.65 12.94 -1.30
CA PHE A 37 3.30 12.33 -1.25
C PHE A 37 3.31 11.02 -2.02
N TYR A 38 2.34 10.17 -1.76
CA TYR A 38 2.32 8.85 -2.48
C TYR A 38 1.21 8.72 -3.52
N SER A 39 1.31 7.62 -4.23
CA SER A 39 0.34 7.28 -5.30
C SER A 39 0.44 5.78 -5.54
N ILE A 40 -0.64 5.14 -5.91
CA ILE A 40 -0.57 3.65 -6.14
C ILE A 40 -1.22 3.22 -7.45
N THR A 41 -0.69 2.14 -7.99
CA THR A 41 -1.22 1.60 -9.27
C THR A 41 -0.81 0.13 -9.42
N GLY A 42 -1.66 -0.66 -10.05
CA GLY A 42 -1.33 -2.11 -10.24
C GLY A 42 -2.52 -2.99 -9.82
N GLN A 43 -2.40 -4.28 -10.05
CA GLN A 43 -3.51 -5.17 -9.67
C GLN A 43 -3.86 -4.95 -8.20
N GLY A 44 -5.12 -4.77 -7.95
CA GLY A 44 -5.58 -4.54 -6.55
C GLY A 44 -6.10 -3.10 -6.43
N ALA A 45 -5.62 -2.26 -7.34
CA ALA A 45 -6.04 -0.84 -7.34
C ALA A 45 -6.73 -0.51 -8.66
N ASP A 46 -5.97 -0.52 -9.73
CA ASP A 46 -6.55 -0.21 -11.06
C ASP A 46 -6.70 -1.48 -11.91
N LYS A 47 -5.86 -2.45 -11.63
CA LYS A 47 -5.93 -3.72 -12.40
C LYS A 47 -6.68 -4.80 -11.60
N PRO A 48 -7.32 -5.72 -12.31
CA PRO A 48 -8.07 -6.80 -11.66
C PRO A 48 -7.19 -7.61 -10.69
N PRO A 49 -7.67 -7.83 -9.46
CA PRO A 49 -8.95 -7.29 -8.96
C PRO A 49 -8.87 -5.78 -8.78
N VAL A 50 -9.63 -5.06 -9.55
CA VAL A 50 -9.61 -3.59 -9.43
C VAL A 50 -10.47 -3.11 -8.25
N GLY A 51 -9.92 -2.21 -7.48
CA GLY A 51 -10.70 -1.69 -6.31
C GLY A 51 -10.51 -2.58 -5.08
N VAL A 52 -9.33 -2.55 -4.53
CA VAL A 52 -9.04 -3.37 -3.32
C VAL A 52 -8.22 -2.58 -2.32
N PHE A 53 -7.10 -2.09 -2.79
CA PHE A 53 -6.19 -1.30 -1.90
C PHE A 53 -6.19 0.18 -2.28
N ILE A 54 -6.05 1.00 -1.28
CA ILE A 54 -6.03 2.46 -1.51
C ILE A 54 -4.99 3.09 -0.58
N ILE A 55 -4.34 4.14 -1.05
CA ILE A 55 -3.31 4.79 -0.20
C ILE A 55 -3.50 6.30 -0.13
N GLU A 56 -3.16 6.85 1.00
CA GLU A 56 -3.32 8.32 1.18
C GLU A 56 -2.07 9.02 0.67
N ARG A 57 -2.18 9.65 -0.45
CA ARG A 57 -1.00 10.37 -1.02
C ARG A 57 -0.42 11.38 -0.03
N GLU A 58 -1.18 11.71 0.98
CA GLU A 58 -0.66 12.70 1.97
C GLU A 58 0.11 12.03 3.11
N THR A 59 -0.61 11.31 3.93
CA THR A 59 0.07 10.63 5.06
C THR A 59 0.74 9.34 4.61
N GLY A 60 0.26 8.81 3.52
CA GLY A 60 0.86 7.55 3.00
C GLY A 60 0.24 6.35 3.72
N TRP A 61 -0.92 6.56 4.30
CA TRP A 61 -1.59 5.46 5.02
C TRP A 61 -2.15 4.45 4.02
N LEU A 62 -1.75 3.21 4.18
CA LEU A 62 -2.25 2.17 3.25
C LEU A 62 -3.52 1.54 3.79
N LYS A 63 -4.62 1.84 3.16
CA LYS A 63 -5.91 1.29 3.60
C LYS A 63 -6.50 0.43 2.51
N VAL A 64 -7.41 -0.43 2.87
CA VAL A 64 -8.02 -1.30 1.83
C VAL A 64 -9.50 -1.50 2.04
N THR A 65 -10.19 -1.72 0.95
CA THR A 65 -11.64 -1.93 1.04
C THR A 65 -11.91 -3.42 1.20
N GLN A 66 -10.93 -4.22 0.82
CA GLN A 66 -11.09 -5.69 0.92
C GLN A 66 -9.81 -6.33 1.54
N PRO A 67 -9.99 -7.14 2.59
CA PRO A 67 -8.85 -7.78 3.25
C PRO A 67 -8.16 -8.79 2.32
N LEU A 68 -7.12 -9.42 2.82
CA LEU A 68 -6.38 -10.40 1.98
C LEU A 68 -6.84 -11.81 2.32
N ASP A 69 -6.42 -12.76 1.53
CA ASP A 69 -6.83 -14.17 1.80
C ASP A 69 -5.72 -15.15 1.44
N ARG A 70 -5.11 -15.72 2.44
CA ARG A 70 -4.03 -16.69 2.17
C ARG A 70 -4.51 -17.81 1.25
N GLU A 71 -5.76 -18.16 1.36
CA GLU A 71 -6.30 -19.23 0.49
C GLU A 71 -6.24 -18.82 -0.97
N ALA A 72 -6.29 -17.54 -1.21
CA ALA A 72 -6.24 -17.05 -2.60
C ALA A 72 -4.82 -16.61 -2.97
N ILE A 73 -4.31 -15.67 -2.21
CA ILE A 73 -2.94 -15.18 -2.49
C ILE A 73 -2.16 -15.02 -1.19
N ALA A 74 -0.90 -15.41 -1.22
CA ALA A 74 -0.08 -15.29 0.00
C ALA A 74 0.75 -14.01 -0.01
N LYS A 75 0.83 -13.39 -1.16
CA LYS A 75 1.63 -12.14 -1.25
C LYS A 75 1.16 -11.26 -2.41
N TYR A 76 0.78 -10.04 -2.08
CA TYR A 76 0.30 -9.12 -3.13
C TYR A 76 1.41 -8.15 -3.53
N ILE A 77 1.38 -7.71 -4.77
CA ILE A 77 2.42 -6.76 -5.26
C ILE A 77 1.78 -5.54 -5.89
N LEU A 78 2.29 -4.39 -5.56
CA LEU A 78 1.72 -3.14 -6.15
C LEU A 78 2.83 -2.17 -6.54
N TYR A 79 2.47 -1.18 -7.32
CA TYR A 79 3.47 -0.18 -7.76
C TYR A 79 3.06 1.19 -7.24
N SER A 80 4.02 2.03 -6.95
CA SER A 80 3.66 3.39 -6.44
C SER A 80 4.50 4.50 -7.03
N HIS A 81 3.97 5.70 -6.93
CA HIS A 81 4.66 6.90 -7.45
C HIS A 81 4.81 7.93 -6.33
N ALA A 82 5.84 8.74 -6.41
CA ALA A 82 6.06 9.78 -5.35
C ALA A 82 6.05 11.20 -5.93
N VAL A 83 5.50 12.12 -5.16
CA VAL A 83 5.44 13.54 -5.63
C VAL A 83 5.80 14.49 -4.48
N SER A 84 6.35 15.63 -4.80
CA SER A 84 6.71 16.56 -3.70
C SER A 84 5.52 17.47 -3.36
N SER A 85 5.13 17.45 -2.11
CA SER A 85 3.99 18.30 -1.69
C SER A 85 4.22 19.76 -2.06
N ASN A 86 5.33 20.04 -2.68
CA ASN A 86 5.61 21.44 -3.06
C ASN A 86 5.12 21.74 -4.48
N GLY A 87 5.04 20.71 -5.28
CA GLY A 87 4.56 20.90 -6.69
C GLY A 87 5.54 20.25 -7.67
N GLU A 88 6.64 19.76 -7.14
CA GLU A 88 7.65 19.10 -8.02
C GLU A 88 7.50 17.59 -7.98
N ALA A 89 7.35 16.99 -9.12
CA ALA A 89 7.19 15.51 -9.17
C ALA A 89 8.50 14.80 -8.82
N VAL A 90 8.40 13.79 -7.99
CA VAL A 90 9.61 13.02 -7.59
C VAL A 90 9.28 11.54 -7.59
N GLU A 91 8.39 11.18 -8.48
CA GLU A 91 8.00 9.75 -8.56
C GLU A 91 9.03 8.92 -9.30
N ASP A 92 8.96 7.66 -9.06
CA ASP A 92 9.89 6.72 -9.70
C ASP A 92 9.27 5.33 -9.65
N PRO A 93 9.54 4.52 -10.64
CA PRO A 93 9.00 3.18 -10.68
C PRO A 93 9.34 2.42 -9.39
N MET A 94 8.46 2.52 -8.41
CA MET A 94 8.70 1.82 -7.11
C MET A 94 7.78 0.61 -6.97
N GLU A 95 8.36 -0.52 -6.68
CA GLU A 95 7.54 -1.76 -6.52
C GLU A 95 7.34 -2.09 -5.04
N ILE A 96 6.12 -2.01 -4.60
CA ILE A 96 5.82 -2.34 -3.18
C ILE A 96 5.42 -3.79 -3.01
N VAL A 97 6.13 -4.50 -2.17
CA VAL A 97 5.80 -5.93 -1.94
C VAL A 97 5.00 -6.09 -0.66
N ILE A 98 3.83 -6.67 -0.78
CA ILE A 98 2.96 -6.87 0.42
C ILE A 98 2.74 -8.36 0.69
N THR A 99 3.28 -8.82 1.78
CA THR A 99 3.10 -10.25 2.12
C THR A 99 1.91 -10.43 3.03
N VAL A 100 1.27 -11.56 2.95
CA VAL A 100 0.09 -11.80 3.82
C VAL A 100 0.52 -12.40 5.15
N THR A 101 -0.23 -12.10 6.19
CA THR A 101 0.10 -12.65 7.53
C THR A 101 -1.15 -13.16 8.24
N ASP A 102 -0.96 -14.17 9.06
CA ASP A 102 -2.12 -14.72 9.80
C ASP A 102 -2.90 -13.63 10.52
N GLN A 103 -4.18 -13.64 10.35
CA GLN A 103 -5.02 -12.60 11.03
C GLN A 103 -4.74 -12.56 12.52
N ASN A 104 -5.32 -11.59 13.19
CA ASN A 104 -5.09 -11.49 14.66
C ASN A 104 -5.59 -12.75 15.36
N ASP A 105 -6.21 -13.60 14.61
CA ASP A 105 -6.72 -14.86 15.19
C ASP A 105 -5.69 -15.97 15.10
N ASN A 106 -5.22 -16.42 16.23
CA ASN A 106 -4.22 -17.50 16.23
C ASN A 106 -3.94 -17.99 17.65
N ASP A 3 13.32 7.90 9.48
CA ASP A 3 13.98 6.82 8.70
C ASP A 3 12.96 6.06 7.84
N TRP A 4 12.54 6.68 6.78
CA TRP A 4 11.55 6.05 5.88
C TRP A 4 12.24 5.05 4.95
N VAL A 5 12.22 3.79 5.33
CA VAL A 5 12.87 2.77 4.47
C VAL A 5 12.36 1.36 4.81
N ILE A 6 11.30 0.94 4.18
CA ILE A 6 10.76 -0.41 4.48
C ILE A 6 9.84 -0.90 3.31
N PRO A 7 10.44 -1.56 2.32
CA PRO A 7 9.70 -2.07 1.16
C PRO A 7 8.69 -3.22 1.47
N PRO A 8 9.09 -4.16 2.33
CA PRO A 8 8.22 -5.29 2.69
C PRO A 8 7.05 -4.86 3.58
N ILE A 9 5.89 -5.41 3.30
CA ILE A 9 4.70 -5.06 4.11
C ILE A 9 3.88 -6.32 4.41
N SER A 10 2.94 -6.19 5.32
CA SER A 10 2.10 -7.38 5.68
C SER A 10 0.62 -6.99 5.72
N CYS A 11 -0.22 -7.90 5.28
CA CYS A 11 -1.68 -7.62 5.28
C CYS A 11 -2.49 -8.84 5.79
N PRO A 12 -3.29 -8.64 6.85
CA PRO A 12 -4.11 -9.72 7.40
C PRO A 12 -5.11 -10.27 6.39
N GLU A 13 -5.45 -11.53 6.54
CA GLU A 13 -6.43 -12.16 5.62
C GLU A 13 -7.72 -12.49 6.36
N ASN A 14 -8.80 -12.54 5.62
CA ASN A 14 -10.10 -12.85 6.25
C ASN A 14 -10.46 -11.83 7.34
N GLU A 15 -10.57 -10.58 6.94
CA GLU A 15 -10.90 -9.51 7.93
C GLU A 15 -12.22 -8.83 7.54
N LYS A 16 -13.29 -9.26 8.16
CA LYS A 16 -14.62 -8.65 7.84
C LYS A 16 -15.04 -7.69 8.94
N GLY A 17 -15.46 -6.52 8.53
CA GLY A 17 -15.90 -5.51 9.53
C GLY A 17 -16.09 -4.14 8.89
N GLU A 18 -15.38 -3.17 9.37
CA GLU A 18 -15.50 -1.80 8.80
C GLU A 18 -14.43 -1.55 7.74
N PHE A 19 -14.76 -0.73 6.79
CA PHE A 19 -13.78 -0.41 5.71
C PHE A 19 -13.86 1.08 5.34
N PRO A 20 -12.77 1.61 4.80
CA PRO A 20 -11.53 0.86 4.56
C PRO A 20 -10.77 0.57 5.85
N LYS A 21 -9.87 -0.39 5.79
CA LYS A 21 -9.08 -0.75 6.99
C LYS A 21 -7.63 -0.30 6.84
N ASN A 22 -7.24 0.65 7.65
CA ASN A 22 -5.85 1.15 7.57
C ASN A 22 -4.85 0.08 7.96
N LEU A 23 -3.69 0.11 7.34
CA LEU A 23 -2.64 -0.91 7.66
C LEU A 23 -1.35 -0.24 8.14
N VAL A 24 -0.70 0.47 7.25
CA VAL A 24 0.55 1.15 7.64
C VAL A 24 0.88 2.29 6.67
N GLN A 25 1.71 3.20 7.11
CA GLN A 25 2.08 4.34 6.24
C GLN A 25 3.16 3.95 5.25
N ILE A 26 3.24 4.67 4.16
CA ILE A 26 4.27 4.35 3.15
C ILE A 26 5.56 5.10 3.43
N LYS A 27 6.67 4.51 3.01
CA LYS A 27 7.98 5.18 3.25
C LYS A 27 8.92 5.00 2.05
N SER A 28 9.23 6.08 1.39
CA SER A 28 10.14 6.00 0.20
C SER A 28 11.55 6.41 0.60
N ASN A 29 12.24 7.05 -0.30
CA ASN A 29 13.64 7.49 0.00
C ASN A 29 13.80 8.99 -0.20
N ARG A 30 13.32 9.47 -1.31
CA ARG A 30 13.46 10.93 -1.56
C ARG A 30 12.81 11.74 -0.43
N ASP A 31 12.12 11.06 0.43
CA ASP A 31 11.47 11.77 1.56
C ASP A 31 12.51 12.38 2.48
N LYS A 32 13.72 12.45 2.02
CA LYS A 32 14.81 13.03 2.85
C LYS A 32 15.07 14.47 2.48
N GLU A 33 14.54 14.89 1.35
CA GLU A 33 14.76 16.30 0.91
C GLU A 33 13.52 17.16 1.15
N THR A 34 12.37 16.60 0.94
CA THR A 34 11.14 17.38 1.15
C THR A 34 9.92 16.48 1.34
N LYS A 35 8.93 16.98 2.05
CA LYS A 35 7.72 16.15 2.27
C LYS A 35 7.29 15.55 0.95
N VAL A 36 6.72 14.37 0.98
CA VAL A 36 6.30 13.76 -0.30
C VAL A 36 4.95 13.06 -0.22
N PHE A 37 4.21 13.17 -1.29
CA PHE A 37 2.88 12.55 -1.36
C PHE A 37 3.01 11.25 -2.14
N TYR A 38 2.04 10.35 -2.00
CA TYR A 38 2.16 9.04 -2.75
C TYR A 38 0.97 8.73 -3.65
N SER A 39 1.08 7.61 -4.30
CA SER A 39 0.02 7.14 -5.22
C SER A 39 0.20 5.64 -5.44
N ILE A 40 -0.88 4.94 -5.67
CA ILE A 40 -0.76 3.46 -5.90
C ILE A 40 -1.43 3.02 -7.20
N THR A 41 -0.89 1.98 -7.78
CA THR A 41 -1.46 1.47 -9.04
C THR A 41 -1.00 0.03 -9.29
N GLY A 42 -1.73 -0.66 -10.14
CA GLY A 42 -1.36 -2.09 -10.44
C GLY A 42 -2.43 -3.05 -9.93
N GLN A 43 -2.13 -4.32 -9.98
CA GLN A 43 -3.11 -5.33 -9.51
C GLN A 43 -3.55 -5.03 -8.09
N GLY A 44 -4.82 -4.76 -7.93
CA GLY A 44 -5.35 -4.45 -6.56
C GLY A 44 -5.92 -3.03 -6.53
N ALA A 45 -5.53 -2.26 -7.52
CA ALA A 45 -6.02 -0.85 -7.59
C ALA A 45 -6.80 -0.65 -8.88
N ASP A 46 -6.09 -0.71 -9.98
CA ASP A 46 -6.76 -0.52 -11.31
C ASP A 46 -6.75 -1.82 -12.10
N LYS A 47 -5.81 -2.67 -11.79
CA LYS A 47 -5.71 -3.97 -12.52
C LYS A 47 -6.35 -5.10 -11.71
N PRO A 48 -6.88 -6.10 -12.40
CA PRO A 48 -7.53 -7.23 -11.74
C PRO A 48 -6.55 -7.96 -10.78
N PRO A 49 -6.98 -8.19 -9.53
CA PRO A 49 -8.29 -7.76 -9.02
C PRO A 49 -8.36 -6.24 -8.90
N VAL A 50 -9.31 -5.66 -9.58
CA VAL A 50 -9.45 -4.18 -9.52
C VAL A 50 -10.15 -3.73 -8.25
N GLY A 51 -9.64 -2.68 -7.66
CA GLY A 51 -10.27 -2.16 -6.41
C GLY A 51 -9.97 -3.08 -5.21
N VAL A 52 -8.88 -2.82 -4.56
CA VAL A 52 -8.52 -3.67 -3.39
C VAL A 52 -7.75 -2.86 -2.35
N PHE A 53 -6.68 -2.22 -2.79
CA PHE A 53 -5.87 -1.40 -1.84
C PHE A 53 -5.95 0.09 -2.18
N ILE A 54 -5.87 0.90 -1.15
CA ILE A 54 -5.93 2.37 -1.36
C ILE A 54 -4.93 3.06 -0.45
N ILE A 55 -4.48 4.23 -0.86
CA ILE A 55 -3.50 4.96 -0.02
C ILE A 55 -3.79 6.45 0.01
N GLU A 56 -3.49 7.07 1.12
CA GLU A 56 -3.74 8.52 1.23
C GLU A 56 -2.59 9.28 0.59
N ARG A 57 -2.80 9.72 -0.61
CA ARG A 57 -1.75 10.48 -1.32
C ARG A 57 -1.09 11.51 -0.43
N GLU A 58 -1.77 11.89 0.62
CA GLU A 58 -1.17 12.91 1.55
C GLU A 58 -0.40 12.26 2.69
N THR A 59 -1.10 11.62 3.57
CA THR A 59 -0.42 10.96 4.72
C THR A 59 0.17 9.62 4.34
N GLY A 60 0.19 9.33 3.07
CA GLY A 60 0.77 8.03 2.62
C GLY A 60 0.21 6.87 3.45
N TRP A 61 -0.92 7.10 4.08
CA TRP A 61 -1.52 6.01 4.90
C TRP A 61 -2.01 4.89 3.99
N LEU A 62 -1.39 3.74 4.09
CA LEU A 62 -1.83 2.60 3.25
C LEU A 62 -2.97 1.82 3.90
N LYS A 63 -4.11 1.83 3.24
CA LYS A 63 -5.29 1.10 3.77
C LYS A 63 -5.82 0.12 2.73
N VAL A 64 -6.57 -0.85 3.20
CA VAL A 64 -7.14 -1.87 2.26
C VAL A 64 -8.65 -1.96 2.40
N THR A 65 -9.33 -2.07 1.29
CA THR A 65 -10.80 -2.18 1.33
C THR A 65 -11.24 -3.63 1.42
N GLN A 66 -10.64 -4.46 0.59
CA GLN A 66 -11.00 -5.90 0.61
C GLN A 66 -9.94 -6.71 1.38
N PRO A 67 -10.39 -7.59 2.28
CA PRO A 67 -9.45 -8.39 3.06
C PRO A 67 -8.62 -9.28 2.15
N LEU A 68 -7.57 -9.87 2.69
CA LEU A 68 -6.71 -10.75 1.86
C LEU A 68 -7.09 -12.21 2.06
N ASP A 69 -6.56 -13.06 1.22
CA ASP A 69 -6.89 -14.52 1.36
C ASP A 69 -5.71 -15.39 0.96
N ARG A 70 -4.99 -15.87 1.94
CA ARG A 70 -3.82 -16.74 1.64
C ARG A 70 -4.23 -17.90 0.74
N GLU A 71 -5.50 -18.20 0.72
CA GLU A 71 -5.98 -19.32 -0.12
C GLU A 71 -5.95 -18.94 -1.60
N ALA A 72 -6.21 -17.69 -1.88
CA ALA A 72 -6.20 -17.24 -3.30
C ALA A 72 -4.86 -16.64 -3.66
N ILE A 73 -4.37 -15.78 -2.79
CA ILE A 73 -3.06 -15.13 -3.04
C ILE A 73 -2.30 -15.01 -1.73
N ALA A 74 -1.01 -15.27 -1.78
CA ALA A 74 -0.19 -15.18 -0.53
C ALA A 74 0.63 -13.90 -0.51
N LYS A 75 0.74 -13.25 -1.63
CA LYS A 75 1.53 -11.99 -1.67
C LYS A 75 1.08 -11.10 -2.82
N TYR A 76 0.75 -9.88 -2.49
CA TYR A 76 0.29 -8.92 -3.53
C TYR A 76 1.39 -7.91 -3.87
N ILE A 77 1.67 -7.76 -5.14
CA ILE A 77 2.71 -6.80 -5.58
C ILE A 77 2.07 -5.51 -6.09
N LEU A 78 2.28 -4.44 -5.36
CA LEU A 78 1.68 -3.14 -5.78
C LEU A 78 2.74 -2.17 -6.28
N TYR A 79 2.31 -1.24 -7.11
CA TYR A 79 3.26 -0.23 -7.66
C TYR A 79 2.86 1.14 -7.15
N SER A 80 3.81 2.02 -6.95
CA SER A 80 3.44 3.37 -6.44
C SER A 80 4.28 4.49 -7.02
N HIS A 81 3.74 5.68 -6.94
CA HIS A 81 4.43 6.89 -7.46
C HIS A 81 4.49 7.94 -6.35
N ALA A 82 5.50 8.78 -6.38
CA ALA A 82 5.61 9.85 -5.32
C ALA A 82 5.81 11.24 -5.92
N VAL A 83 5.30 12.23 -5.20
CA VAL A 83 5.45 13.64 -5.68
C VAL A 83 5.75 14.55 -4.50
N SER A 84 6.72 15.40 -4.65
CA SER A 84 7.05 16.31 -3.52
C SER A 84 5.90 17.26 -3.22
N SER A 85 5.55 17.36 -1.97
CA SER A 85 4.44 18.27 -1.60
C SER A 85 4.76 19.71 -1.97
N ASN A 86 5.86 19.89 -2.66
CA ASN A 86 6.25 21.27 -3.07
C ASN A 86 5.74 21.58 -4.47
N GLY A 87 5.44 20.54 -5.20
CA GLY A 87 4.93 20.74 -6.59
C GLY A 87 5.92 20.14 -7.62
N GLU A 88 6.85 19.36 -7.13
CA GLU A 88 7.85 18.74 -8.04
C GLU A 88 7.67 17.22 -8.09
N ALA A 89 7.67 16.69 -9.28
CA ALA A 89 7.50 15.22 -9.41
C ALA A 89 8.73 14.48 -8.91
N VAL A 90 8.51 13.54 -8.03
CA VAL A 90 9.64 12.76 -7.47
C VAL A 90 9.24 11.30 -7.41
N GLU A 91 8.36 10.92 -8.29
CA GLU A 91 7.89 9.52 -8.31
C GLU A 91 8.88 8.62 -9.02
N ASP A 92 9.01 7.44 -8.49
CA ASP A 92 9.94 6.47 -9.09
C ASP A 92 9.27 5.09 -9.07
N PRO A 93 9.58 4.27 -10.04
CA PRO A 93 9.00 2.94 -10.11
C PRO A 93 9.20 2.19 -8.78
N MET A 94 8.29 2.43 -7.86
CA MET A 94 8.40 1.76 -6.54
C MET A 94 7.46 0.57 -6.46
N GLU A 95 8.02 -0.59 -6.21
CA GLU A 95 7.20 -1.81 -6.11
C GLU A 95 7.05 -2.25 -4.66
N ILE A 96 5.86 -2.14 -4.15
CA ILE A 96 5.63 -2.53 -2.74
C ILE A 96 5.27 -4.01 -2.66
N VAL A 97 5.92 -4.71 -1.77
CA VAL A 97 5.63 -6.16 -1.61
C VAL A 97 4.77 -6.40 -0.37
N ILE A 98 3.53 -6.77 -0.60
CA ILE A 98 2.62 -7.03 0.55
C ILE A 98 2.42 -8.53 0.76
N THR A 99 2.96 -9.04 1.84
CA THR A 99 2.80 -10.48 2.11
C THR A 99 1.56 -10.73 2.94
N VAL A 100 0.97 -11.87 2.77
CA VAL A 100 -0.26 -12.18 3.55
C VAL A 100 0.07 -12.86 4.86
N THR A 101 -0.52 -12.36 5.93
CA THR A 101 -0.26 -12.95 7.26
C THR A 101 -1.50 -13.67 7.78
N ASP A 102 -1.28 -14.77 8.45
CA ASP A 102 -2.44 -15.53 8.98
C ASP A 102 -3.06 -14.82 10.18
N GLN A 103 -4.29 -14.39 10.00
CA GLN A 103 -4.97 -13.69 11.12
C GLN A 103 -4.71 -14.41 12.44
N ASN A 104 -5.00 -15.68 12.45
CA ASN A 104 -4.77 -16.47 13.68
C ASN A 104 -5.12 -17.92 13.45
N ASP A 105 -6.09 -18.41 14.17
CA ASP A 105 -6.48 -19.81 13.99
C ASP A 105 -5.36 -20.76 14.45
N ASN A 106 -5.69 -21.63 15.36
CA ASN A 106 -4.67 -22.58 15.86
C ASN A 106 -4.70 -23.87 15.06
N ASP A 3 14.81 6.79 9.09
CA ASP A 3 14.95 6.79 7.60
C ASP A 3 13.83 6.01 6.95
N TRP A 4 13.25 6.59 5.93
CA TRP A 4 12.15 5.92 5.21
C TRP A 4 12.69 4.87 4.26
N VAL A 5 12.71 3.63 4.70
CA VAL A 5 13.23 2.54 3.83
C VAL A 5 12.70 1.18 4.26
N ILE A 6 11.58 0.79 3.73
CA ILE A 6 11.00 -0.52 4.11
C ILE A 6 9.99 -1.01 3.05
N PRO A 7 10.51 -1.68 2.04
CA PRO A 7 9.67 -2.21 0.95
C PRO A 7 8.68 -3.32 1.38
N PRO A 8 9.12 -4.23 2.23
CA PRO A 8 8.27 -5.33 2.69
C PRO A 8 7.09 -4.86 3.54
N ILE A 9 5.99 -5.55 3.41
CA ILE A 9 4.78 -5.21 4.18
C ILE A 9 3.96 -6.46 4.47
N SER A 10 2.95 -6.34 5.30
CA SER A 10 2.11 -7.53 5.62
C SER A 10 0.62 -7.19 5.66
N CYS A 11 -0.18 -8.12 5.19
CA CYS A 11 -1.65 -7.90 5.18
C CYS A 11 -2.38 -9.21 5.57
N PRO A 12 -3.00 -9.23 6.75
CA PRO A 12 -3.72 -10.42 7.22
C PRO A 12 -4.95 -10.78 6.37
N GLU A 13 -5.50 -11.92 6.69
CA GLU A 13 -6.70 -12.41 5.96
C GLU A 13 -7.96 -12.10 6.74
N ASN A 14 -9.00 -11.70 6.05
CA ASN A 14 -10.26 -11.39 6.76
C ASN A 14 -9.99 -10.56 8.02
N GLU A 15 -9.84 -9.29 7.84
CA GLU A 15 -9.57 -8.41 9.01
C GLU A 15 -10.85 -8.07 9.76
N LYS A 16 -10.71 -7.37 10.85
CA LYS A 16 -11.90 -6.99 11.66
C LYS A 16 -12.03 -5.47 11.75
N GLY A 17 -13.26 -5.00 11.72
CA GLY A 17 -13.49 -3.52 11.80
C GLY A 17 -14.29 -3.05 10.59
N GLU A 18 -14.20 -1.78 10.29
CA GLU A 18 -14.94 -1.22 9.13
C GLU A 18 -13.98 -0.88 8.00
N PHE A 19 -14.41 -1.13 6.79
CA PHE A 19 -13.54 -0.83 5.62
C PHE A 19 -13.92 0.52 4.99
N PRO A 20 -12.95 1.18 4.36
CA PRO A 20 -11.56 0.69 4.28
C PRO A 20 -10.84 0.80 5.63
N LYS A 21 -10.01 -0.18 5.91
CA LYS A 21 -9.25 -0.17 7.21
C LYS A 21 -7.79 0.19 6.98
N ASN A 22 -7.28 1.04 7.82
CA ASN A 22 -5.86 1.44 7.67
C ASN A 22 -4.93 0.33 8.16
N LEU A 23 -3.96 -0.02 7.35
CA LEU A 23 -3.01 -1.09 7.75
C LEU A 23 -1.72 -0.49 8.29
N VAL A 24 -1.02 0.22 7.45
CA VAL A 24 0.24 0.83 7.91
C VAL A 24 0.67 1.98 7.01
N GLN A 25 1.53 2.82 7.53
CA GLN A 25 2.00 3.98 6.71
C GLN A 25 3.12 3.54 5.77
N ILE A 26 3.29 4.29 4.71
CA ILE A 26 4.35 3.94 3.74
C ILE A 26 5.61 4.79 3.94
N LYS A 27 6.69 4.34 3.36
CA LYS A 27 7.97 5.07 3.49
C LYS A 27 8.72 5.05 2.15
N SER A 28 9.06 6.21 1.64
CA SER A 28 9.79 6.28 0.33
C SER A 28 11.26 6.55 0.53
N ASN A 29 11.67 7.74 0.20
CA ASN A 29 13.09 8.10 0.36
C ASN A 29 13.29 9.58 0.12
N ARG A 30 12.75 10.07 -0.95
CA ARG A 30 12.90 11.51 -1.26
C ARG A 30 12.30 12.35 -0.13
N ASP A 31 11.67 11.68 0.79
CA ASP A 31 11.06 12.40 1.93
C ASP A 31 12.12 13.07 2.79
N LYS A 32 13.31 13.19 2.24
CA LYS A 32 14.42 13.83 3.00
C LYS A 32 14.72 15.22 2.47
N GLU A 33 14.16 15.54 1.32
CA GLU A 33 14.41 16.89 0.72
C GLU A 33 13.17 17.76 0.82
N THR A 34 12.02 17.18 0.65
CA THR A 34 10.77 17.98 0.73
C THR A 34 9.56 17.09 0.99
N LYS A 35 8.58 17.64 1.65
CA LYS A 35 7.37 16.83 1.94
C LYS A 35 6.90 16.15 0.68
N VAL A 36 7.07 14.85 0.63
CA VAL A 36 6.65 14.10 -0.58
C VAL A 36 5.32 13.38 -0.40
N PHE A 37 4.53 13.40 -1.44
CA PHE A 37 3.20 12.73 -1.42
C PHE A 37 3.31 11.39 -2.09
N TYR A 38 2.37 10.50 -1.82
CA TYR A 38 2.43 9.16 -2.45
C TYR A 38 1.32 8.90 -3.46
N SER A 39 1.43 7.76 -4.08
CA SER A 39 0.45 7.36 -5.10
C SER A 39 0.55 5.85 -5.28
N ILE A 40 -0.56 5.20 -5.51
CA ILE A 40 -0.54 3.71 -5.69
C ILE A 40 -1.10 3.31 -7.05
N THR A 41 -0.58 2.22 -7.55
CA THR A 41 -1.04 1.73 -8.85
C THR A 41 -0.70 0.26 -9.02
N GLY A 42 -1.40 -0.40 -9.90
CA GLY A 42 -1.13 -1.85 -10.13
C GLY A 42 -2.29 -2.71 -9.63
N GLN A 43 -2.18 -3.99 -9.79
CA GLN A 43 -3.26 -4.89 -9.35
C GLN A 43 -3.66 -4.58 -7.91
N GLY A 44 -4.94 -4.55 -7.66
CA GLY A 44 -5.42 -4.25 -6.28
C GLY A 44 -5.86 -2.79 -6.20
N ALA A 45 -5.26 -1.96 -7.03
CA ALA A 45 -5.61 -0.52 -7.02
C ALA A 45 -6.40 -0.17 -8.28
N ASP A 46 -5.68 0.00 -9.36
CA ASP A 46 -6.36 0.34 -10.64
C ASP A 46 -6.54 -0.89 -11.50
N LYS A 47 -5.70 -1.87 -11.29
CA LYS A 47 -5.82 -3.11 -12.11
C LYS A 47 -6.55 -4.21 -11.32
N PRO A 48 -7.23 -5.08 -12.03
CA PRO A 48 -7.97 -6.17 -11.42
C PRO A 48 -7.08 -7.03 -10.49
N PRO A 49 -7.54 -7.31 -9.27
CA PRO A 49 -8.82 -6.79 -8.75
C PRO A 49 -8.76 -5.29 -8.49
N VAL A 50 -9.56 -4.54 -9.20
CA VAL A 50 -9.56 -3.08 -9.01
C VAL A 50 -10.37 -2.69 -7.79
N GLY A 51 -9.83 -1.79 -7.00
CA GLY A 51 -10.55 -1.36 -5.77
C GLY A 51 -10.33 -2.34 -4.62
N VAL A 52 -9.11 -2.39 -4.13
CA VAL A 52 -8.80 -3.30 -3.01
C VAL A 52 -7.83 -2.64 -2.04
N PHE A 53 -6.90 -1.88 -2.61
CA PHE A 53 -5.89 -1.16 -1.77
C PHE A 53 -5.96 0.33 -2.04
N ILE A 54 -5.81 1.12 -1.01
CA ILE A 54 -5.86 2.61 -1.20
C ILE A 54 -4.82 3.30 -0.34
N ILE A 55 -4.00 4.09 -0.97
CA ILE A 55 -2.94 4.82 -0.23
C ILE A 55 -3.19 6.31 -0.21
N GLU A 56 -3.03 6.90 0.94
CA GLU A 56 -3.26 8.37 1.05
C GLU A 56 -2.05 9.12 0.52
N ARG A 57 -2.20 9.73 -0.62
CA ARG A 57 -1.06 10.49 -1.19
C ARG A 57 -0.57 11.58 -0.25
N GLU A 58 -1.36 11.89 0.74
CA GLU A 58 -0.95 12.95 1.70
C GLU A 58 -0.21 12.36 2.91
N THR A 59 -0.92 11.61 3.71
CA THR A 59 -0.27 11.01 4.91
C THR A 59 0.49 9.74 4.55
N GLY A 60 0.26 9.24 3.38
CA GLY A 60 0.97 8.00 2.95
C GLY A 60 0.41 6.79 3.71
N TRP A 61 -0.77 6.95 4.25
CA TRP A 61 -1.39 5.84 5.00
C TRP A 61 -1.93 4.77 4.05
N LEU A 62 -1.43 3.56 4.18
CA LEU A 62 -1.92 2.48 3.28
C LEU A 62 -3.08 1.75 3.91
N LYS A 63 -4.24 1.90 3.32
CA LYS A 63 -5.45 1.23 3.84
C LYS A 63 -5.97 0.23 2.84
N VAL A 64 -6.78 -0.69 3.31
CA VAL A 64 -7.34 -1.71 2.39
C VAL A 64 -8.86 -1.67 2.41
N THR A 65 -9.43 -1.82 1.24
CA THR A 65 -10.90 -1.80 1.16
C THR A 65 -11.45 -3.21 1.33
N GLN A 66 -10.63 -4.18 1.01
CA GLN A 66 -11.06 -5.59 1.16
C GLN A 66 -9.91 -6.46 1.72
N PRO A 67 -10.22 -7.29 2.71
CA PRO A 67 -9.21 -8.16 3.32
C PRO A 67 -8.58 -9.09 2.29
N LEU A 68 -7.49 -9.72 2.66
CA LEU A 68 -6.84 -10.65 1.70
C LEU A 68 -7.36 -12.06 1.87
N ASP A 69 -7.01 -12.91 0.94
CA ASP A 69 -7.46 -14.32 1.01
C ASP A 69 -6.30 -15.27 0.78
N ARG A 70 -5.77 -15.79 1.85
CA ARG A 70 -4.63 -16.73 1.72
C ARG A 70 -4.96 -17.87 0.77
N GLU A 71 -6.20 -18.25 0.71
CA GLU A 71 -6.59 -19.35 -0.20
C GLU A 71 -6.50 -18.90 -1.66
N ALA A 72 -6.64 -17.63 -1.87
CA ALA A 72 -6.57 -17.11 -3.26
C ALA A 72 -5.15 -16.71 -3.62
N ILE A 73 -4.46 -16.13 -2.67
CA ILE A 73 -3.05 -15.71 -2.95
C ILE A 73 -2.20 -15.86 -1.69
N ALA A 74 -0.99 -15.36 -1.76
CA ALA A 74 -0.09 -15.47 -0.59
C ALA A 74 0.76 -14.20 -0.47
N LYS A 75 0.86 -13.47 -1.54
CA LYS A 75 1.66 -12.23 -1.52
C LYS A 75 1.17 -11.27 -2.59
N TYR A 76 0.83 -10.07 -2.17
CA TYR A 76 0.33 -9.07 -3.15
C TYR A 76 1.43 -8.08 -3.54
N ILE A 77 1.51 -7.81 -4.82
CA ILE A 77 2.54 -6.88 -5.32
C ILE A 77 1.89 -5.53 -5.65
N LEU A 78 2.58 -4.46 -5.39
CA LEU A 78 2.00 -3.12 -5.68
C LEU A 78 3.05 -2.16 -6.24
N TYR A 79 2.58 -1.17 -6.95
CA TYR A 79 3.51 -0.17 -7.54
C TYR A 79 3.14 1.21 -7.03
N SER A 80 4.12 1.97 -6.59
CA SER A 80 3.80 3.33 -6.07
C SER A 80 4.63 4.42 -6.72
N HIS A 81 4.13 5.63 -6.60
CA HIS A 81 4.81 6.80 -7.17
C HIS A 81 4.87 7.93 -6.14
N ALA A 82 5.88 8.76 -6.24
CA ALA A 82 6.01 9.89 -5.25
C ALA A 82 6.03 11.25 -5.94
N VAL A 83 5.41 12.23 -5.32
CA VAL A 83 5.36 13.59 -5.92
C VAL A 83 5.54 14.64 -4.83
N SER A 84 6.46 15.54 -5.04
CA SER A 84 6.67 16.59 -4.01
C SER A 84 5.41 17.41 -3.78
N SER A 85 4.98 17.45 -2.55
CA SER A 85 3.76 18.22 -2.21
C SER A 85 3.89 19.67 -2.66
N ASN A 86 5.01 19.99 -3.27
CA ASN A 86 5.21 21.38 -3.73
C ASN A 86 4.66 21.55 -5.14
N GLY A 87 4.73 20.49 -5.91
CA GLY A 87 4.22 20.56 -7.32
C GLY A 87 5.26 20.00 -8.30
N GLU A 88 6.18 19.23 -7.78
CA GLU A 88 7.24 18.64 -8.65
C GLU A 88 7.22 17.12 -8.59
N ALA A 89 7.25 16.52 -9.75
CA ALA A 89 7.23 15.04 -9.80
C ALA A 89 8.54 14.45 -9.30
N VAL A 90 8.44 13.58 -8.33
CA VAL A 90 9.66 12.94 -7.78
C VAL A 90 9.41 11.46 -7.59
N GLU A 91 8.51 10.96 -8.39
CA GLU A 91 8.16 9.52 -8.31
C GLU A 91 9.18 8.65 -9.02
N ASP A 92 9.05 7.38 -8.77
CA ASP A 92 9.97 6.41 -9.40
C ASP A 92 9.30 5.03 -9.35
N PRO A 93 9.42 4.28 -10.43
CA PRO A 93 8.83 2.95 -10.49
C PRO A 93 9.25 2.11 -9.27
N MET A 94 8.49 2.24 -8.19
CA MET A 94 8.82 1.47 -6.97
C MET A 94 7.81 0.35 -6.75
N GLU A 95 8.31 -0.86 -6.59
CA GLU A 95 7.40 -2.01 -6.38
C GLU A 95 7.35 -2.43 -4.91
N ILE A 96 6.20 -2.25 -4.32
CA ILE A 96 6.05 -2.63 -2.89
C ILE A 96 5.61 -4.08 -2.77
N VAL A 97 6.18 -4.78 -1.81
CA VAL A 97 5.81 -6.20 -1.61
C VAL A 97 4.99 -6.39 -0.34
N ILE A 98 3.85 -7.03 -0.47
CA ILE A 98 2.97 -7.26 0.71
C ILE A 98 2.70 -8.76 0.89
N THR A 99 3.12 -9.29 2.00
CA THR A 99 2.89 -10.75 2.24
C THR A 99 1.58 -11.00 2.99
N VAL A 100 0.98 -12.13 2.74
CA VAL A 100 -0.30 -12.46 3.43
C VAL A 100 -0.06 -13.28 4.68
N THR A 101 -0.94 -13.12 5.64
CA THR A 101 -0.80 -13.89 6.92
C THR A 101 -2.13 -14.55 7.28
N ASP A 102 -2.05 -15.69 7.93
CA ASP A 102 -3.29 -16.39 8.32
C ASP A 102 -4.02 -15.64 9.42
N GLN A 103 -4.96 -16.31 10.04
CA GLN A 103 -5.72 -15.66 11.14
C GLN A 103 -6.21 -16.70 12.14
N ASN A 104 -6.75 -16.22 13.23
CA ASN A 104 -7.25 -17.17 14.26
C ASN A 104 -8.73 -17.48 14.03
N ASP A 105 -9.00 -18.28 13.06
CA ASP A 105 -10.41 -18.64 12.75
C ASP A 105 -10.99 -19.53 13.86
N ASN A 106 -12.28 -19.48 14.01
CA ASN A 106 -12.92 -20.32 15.06
C ASN A 106 -14.41 -20.51 14.78
N ASP A 3 13.64 6.24 9.06
CA ASP A 3 14.18 5.87 7.72
C ASP A 3 13.09 5.26 6.85
N TRP A 4 12.72 5.96 5.81
CA TRP A 4 11.66 5.43 4.91
C TRP A 4 12.23 4.43 3.92
N VAL A 5 12.31 3.17 4.34
CA VAL A 5 12.86 2.14 3.40
C VAL A 5 12.48 0.71 3.84
N ILE A 6 11.35 0.25 3.40
CA ILE A 6 10.92 -1.13 3.79
C ILE A 6 9.80 -1.63 2.84
N PRO A 7 10.21 -2.26 1.74
CA PRO A 7 9.26 -2.79 0.75
C PRO A 7 8.30 -3.90 1.28
N PRO A 8 8.83 -4.80 2.09
CA PRO A 8 8.01 -5.89 2.64
C PRO A 8 6.91 -5.40 3.60
N ILE A 9 5.71 -5.91 3.40
CA ILE A 9 4.56 -5.51 4.26
C ILE A 9 3.66 -6.71 4.54
N SER A 10 2.71 -6.54 5.45
CA SER A 10 1.79 -7.67 5.79
C SER A 10 0.33 -7.29 5.54
N CYS A 11 -0.48 -8.26 5.16
CA CYS A 11 -1.92 -7.97 4.89
C CYS A 11 -2.84 -9.11 5.43
N PRO A 12 -3.73 -8.78 6.37
CA PRO A 12 -4.65 -9.78 6.94
C PRO A 12 -5.66 -10.29 5.91
N GLU A 13 -6.14 -11.50 6.12
CA GLU A 13 -7.13 -12.09 5.18
C GLU A 13 -8.45 -12.38 5.88
N ASN A 14 -9.46 -12.65 5.10
CA ASN A 14 -10.79 -12.96 5.68
C ASN A 14 -11.26 -11.89 6.65
N GLU A 15 -10.44 -10.90 6.87
CA GLU A 15 -10.85 -9.82 7.81
C GLU A 15 -12.02 -9.02 7.24
N LYS A 16 -13.21 -9.30 7.76
CA LYS A 16 -14.42 -8.56 7.27
C LYS A 16 -15.05 -7.78 8.41
N GLY A 17 -15.85 -6.80 8.05
CA GLY A 17 -16.53 -5.98 9.10
C GLY A 17 -16.56 -4.52 8.68
N GLU A 18 -15.78 -3.71 9.35
CA GLU A 18 -15.74 -2.26 9.01
C GLU A 18 -14.58 -1.95 8.07
N PHE A 19 -14.82 -1.04 7.16
CA PHE A 19 -13.76 -0.65 6.19
C PHE A 19 -13.86 0.85 5.92
N PRO A 20 -12.78 1.43 5.42
CA PRO A 20 -11.52 0.71 5.17
C PRO A 20 -10.77 0.42 6.47
N LYS A 21 -9.78 -0.44 6.37
CA LYS A 21 -8.98 -0.80 7.58
C LYS A 21 -7.54 -0.32 7.40
N ASN A 22 -7.09 0.50 8.30
CA ASN A 22 -5.70 1.01 8.17
C ASN A 22 -4.67 -0.06 8.55
N LEU A 23 -3.59 -0.12 7.80
CA LEU A 23 -2.53 -1.13 8.08
C LEU A 23 -1.24 -0.45 8.55
N VAL A 24 -0.60 0.25 7.66
CA VAL A 24 0.67 0.93 8.04
C VAL A 24 0.97 2.11 7.11
N GLN A 25 1.81 3.00 7.56
CA GLN A 25 2.15 4.17 6.73
C GLN A 25 3.09 3.78 5.59
N ILE A 26 3.06 4.56 4.54
CA ILE A 26 3.94 4.27 3.39
C ILE A 26 5.28 4.96 3.54
N LYS A 27 6.27 4.51 2.80
CA LYS A 27 7.61 5.13 2.90
C LYS A 27 8.29 5.24 1.52
N SER A 28 8.76 6.44 1.21
CA SER A 28 9.45 6.65 -0.10
C SER A 28 10.95 6.75 0.08
N ASN A 29 11.47 7.92 -0.15
CA ASN A 29 12.93 8.11 0.00
C ASN A 29 13.30 9.59 -0.12
N ARG A 30 12.83 10.21 -1.16
CA ARG A 30 13.15 11.65 -1.35
C ARG A 30 12.43 12.50 -0.31
N ASP A 31 11.78 11.84 0.61
CA ASP A 31 11.06 12.59 1.67
C ASP A 31 12.02 13.36 2.56
N LYS A 32 13.22 13.53 2.07
CA LYS A 32 14.24 14.29 2.86
C LYS A 32 14.51 15.67 2.26
N GLU A 33 14.01 15.90 1.06
CA GLU A 33 14.22 17.23 0.42
C GLU A 33 12.97 18.10 0.49
N THR A 34 11.82 17.51 0.28
CA THR A 34 10.57 18.31 0.33
C THR A 34 9.35 17.43 0.58
N LYS A 35 8.34 17.98 1.19
CA LYS A 35 7.13 17.18 1.45
C LYS A 35 6.75 16.40 0.19
N VAL A 36 6.60 15.11 0.33
CA VAL A 36 6.25 14.28 -0.85
C VAL A 36 4.90 13.57 -0.69
N PHE A 37 4.15 13.55 -1.76
CA PHE A 37 2.82 12.89 -1.75
C PHE A 37 2.96 11.50 -2.36
N TYR A 38 2.03 10.62 -2.02
CA TYR A 38 2.10 9.24 -2.57
C TYR A 38 1.02 8.91 -3.59
N SER A 39 1.33 7.89 -4.36
CA SER A 39 0.40 7.41 -5.41
C SER A 39 0.60 5.91 -5.56
N ILE A 40 -0.47 5.17 -5.72
CA ILE A 40 -0.31 3.68 -5.86
C ILE A 40 -1.09 3.14 -7.06
N THR A 41 -0.57 2.07 -7.60
CA THR A 41 -1.23 1.44 -8.76
C THR A 41 -0.76 -0.01 -8.92
N GLY A 42 -1.55 -0.79 -9.62
CA GLY A 42 -1.17 -2.22 -9.83
C GLY A 42 -2.28 -3.15 -9.31
N GLN A 43 -1.98 -4.42 -9.28
CA GLN A 43 -2.99 -5.40 -8.78
C GLN A 43 -3.47 -5.00 -7.40
N GLY A 44 -4.77 -4.91 -7.27
CA GLY A 44 -5.34 -4.53 -5.94
C GLY A 44 -5.75 -3.06 -5.96
N ALA A 45 -5.37 -2.39 -7.02
CA ALA A 45 -5.71 -0.94 -7.16
C ALA A 45 -6.48 -0.72 -8.45
N ASP A 46 -5.78 -0.77 -9.55
CA ASP A 46 -6.43 -0.56 -10.87
C ASP A 46 -6.53 -1.89 -11.63
N LYS A 47 -5.67 -2.82 -11.27
CA LYS A 47 -5.69 -4.13 -11.97
C LYS A 47 -6.44 -5.18 -11.12
N PRO A 48 -7.34 -5.93 -11.77
CA PRO A 48 -8.11 -6.95 -11.07
C PRO A 48 -7.21 -7.84 -10.21
N PRO A 49 -7.58 -8.05 -8.93
CA PRO A 49 -8.79 -7.45 -8.32
C PRO A 49 -8.65 -5.93 -8.15
N VAL A 50 -9.50 -5.20 -8.81
CA VAL A 50 -9.44 -3.71 -8.71
C VAL A 50 -10.14 -3.22 -7.44
N GLY A 51 -9.57 -2.23 -6.81
CA GLY A 51 -10.19 -1.70 -5.56
C GLY A 51 -9.92 -2.63 -4.38
N VAL A 52 -8.73 -2.52 -3.84
CA VAL A 52 -8.40 -3.38 -2.67
C VAL A 52 -7.52 -2.62 -1.68
N PHE A 53 -6.55 -1.89 -2.21
CA PHE A 53 -5.64 -1.10 -1.32
C PHE A 53 -5.76 0.38 -1.62
N ILE A 54 -5.56 1.18 -0.59
CA ILE A 54 -5.65 2.65 -0.78
C ILE A 54 -4.55 3.33 0.02
N ILE A 55 -4.02 4.40 -0.54
CA ILE A 55 -2.93 5.14 0.16
C ILE A 55 -3.25 6.62 0.29
N GLU A 56 -2.94 7.18 1.42
CA GLU A 56 -3.21 8.62 1.61
C GLU A 56 -2.20 9.47 0.85
N ARG A 57 -2.62 9.99 -0.27
CA ARG A 57 -1.71 10.82 -1.08
C ARG A 57 -0.94 11.85 -0.22
N GLU A 58 -1.54 12.25 0.87
CA GLU A 58 -0.86 13.24 1.76
C GLU A 58 0.02 12.58 2.80
N THR A 59 -0.58 11.88 3.72
CA THR A 59 0.22 11.21 4.78
C THR A 59 0.84 9.91 4.28
N GLY A 60 0.16 9.26 3.39
CA GLY A 60 0.71 7.99 2.85
C GLY A 60 0.21 6.81 3.68
N TRP A 61 -0.86 7.02 4.39
CA TRP A 61 -1.40 5.92 5.21
C TRP A 61 -1.90 4.79 4.32
N LEU A 62 -1.33 3.62 4.50
CA LEU A 62 -1.77 2.45 3.68
C LEU A 62 -2.92 1.72 4.35
N LYS A 63 -4.06 1.76 3.72
CA LYS A 63 -5.25 1.07 4.29
C LYS A 63 -5.86 0.15 3.24
N VAL A 64 -6.57 -0.85 3.69
CA VAL A 64 -7.20 -1.81 2.72
C VAL A 64 -8.71 -1.70 2.76
N THR A 65 -9.33 -1.79 1.60
CA THR A 65 -10.80 -1.69 1.53
C THR A 65 -11.43 -3.08 1.45
N GLN A 66 -10.70 -4.00 0.85
CA GLN A 66 -11.23 -5.39 0.71
C GLN A 66 -10.27 -6.40 1.37
N PRO A 67 -10.82 -7.36 2.11
CA PRO A 67 -9.99 -8.38 2.77
C PRO A 67 -9.19 -9.18 1.75
N LEU A 68 -8.17 -9.85 2.22
CA LEU A 68 -7.34 -10.65 1.28
C LEU A 68 -7.60 -12.14 1.47
N ASP A 69 -7.10 -12.94 0.57
CA ASP A 69 -7.32 -14.41 0.69
C ASP A 69 -6.06 -15.20 0.33
N ARG A 70 -5.36 -15.65 1.34
CA ARG A 70 -4.14 -16.42 1.08
C ARG A 70 -4.41 -17.61 0.18
N GLU A 71 -5.62 -18.14 0.26
CA GLU A 71 -5.97 -19.29 -0.59
C GLU A 71 -5.74 -18.97 -2.05
N ALA A 72 -5.94 -17.72 -2.40
CA ALA A 72 -5.75 -17.31 -3.82
C ALA A 72 -4.45 -16.54 -3.96
N ILE A 73 -4.35 -15.46 -3.21
CA ILE A 73 -3.14 -14.63 -3.25
C ILE A 73 -2.43 -14.63 -1.91
N ALA A 74 -1.29 -15.24 -1.86
CA ALA A 74 -0.55 -15.29 -0.58
C ALA A 74 0.38 -14.09 -0.46
N LYS A 75 0.50 -13.36 -1.51
CA LYS A 75 1.39 -12.17 -1.49
C LYS A 75 1.03 -11.21 -2.62
N TYR A 76 0.72 -10.00 -2.25
CA TYR A 76 0.35 -8.99 -3.28
C TYR A 76 1.54 -8.08 -3.60
N ILE A 77 1.61 -7.65 -4.84
CA ILE A 77 2.73 -6.76 -5.26
C ILE A 77 2.17 -5.45 -5.79
N LEU A 78 2.39 -4.38 -5.06
CA LEU A 78 1.89 -3.05 -5.49
C LEU A 78 3.02 -2.17 -5.98
N TYR A 79 2.67 -1.15 -6.73
CA TYR A 79 3.70 -0.21 -7.26
C TYR A 79 3.29 1.20 -6.90
N SER A 80 4.25 2.02 -6.52
CA SER A 80 3.89 3.42 -6.16
C SER A 80 4.79 4.47 -6.79
N HIS A 81 4.28 5.67 -6.83
CA HIS A 81 5.02 6.81 -7.41
C HIS A 81 4.95 8.00 -6.44
N ALA A 82 6.06 8.66 -6.25
CA ALA A 82 6.08 9.82 -5.31
C ALA A 82 6.08 11.16 -6.06
N VAL A 83 5.39 12.14 -5.51
CA VAL A 83 5.34 13.47 -6.18
C VAL A 83 5.47 14.58 -5.14
N SER A 84 6.36 15.49 -5.37
CA SER A 84 6.53 16.60 -4.38
C SER A 84 5.27 17.43 -4.28
N SER A 85 4.76 17.54 -3.08
CA SER A 85 3.53 18.35 -2.88
C SER A 85 3.72 19.77 -3.40
N ASN A 86 4.88 20.05 -3.95
CA ASN A 86 5.12 21.41 -4.48
C ASN A 86 4.63 21.53 -5.91
N GLY A 87 4.69 20.44 -6.64
CA GLY A 87 4.24 20.48 -8.06
C GLY A 87 5.26 19.81 -8.98
N GLU A 88 6.19 19.08 -8.40
CA GLU A 88 7.23 18.40 -9.23
C GLU A 88 7.21 16.90 -9.00
N ALA A 89 7.20 16.16 -10.07
CA ALA A 89 7.19 14.69 -9.95
C ALA A 89 8.52 14.16 -9.44
N VAL A 90 8.47 13.47 -8.32
CA VAL A 90 9.71 12.91 -7.71
C VAL A 90 9.50 11.43 -7.46
N GLU A 91 8.71 10.83 -8.30
CA GLU A 91 8.43 9.40 -8.14
C GLU A 91 9.55 8.53 -8.69
N ASP A 92 9.45 7.29 -8.36
CA ASP A 92 10.44 6.30 -8.82
C ASP A 92 9.80 4.93 -8.79
N PRO A 93 10.16 4.08 -9.73
CA PRO A 93 9.59 2.75 -9.78
C PRO A 93 9.75 2.03 -8.44
N MET A 94 8.78 2.23 -7.57
CA MET A 94 8.84 1.57 -6.23
C MET A 94 7.87 0.41 -6.15
N GLU A 95 8.40 -0.78 -6.13
CA GLU A 95 7.52 -1.97 -6.05
C GLU A 95 7.35 -2.42 -4.60
N ILE A 96 6.17 -2.24 -4.08
CA ILE A 96 5.91 -2.64 -2.68
C ILE A 96 5.46 -4.08 -2.59
N VAL A 97 6.07 -4.81 -1.69
CA VAL A 97 5.70 -6.25 -1.51
C VAL A 97 4.82 -6.40 -0.28
N ILE A 98 3.76 -7.17 -0.42
CA ILE A 98 2.84 -7.38 0.74
C ILE A 98 2.49 -8.85 0.91
N THR A 99 2.92 -9.42 1.99
CA THR A 99 2.63 -10.86 2.24
C THR A 99 1.33 -11.01 3.01
N VAL A 100 0.61 -12.06 2.74
CA VAL A 100 -0.68 -12.27 3.45
C VAL A 100 -0.49 -13.18 4.67
N THR A 101 -1.31 -12.96 5.68
CA THR A 101 -1.21 -13.79 6.92
C THR A 101 -2.57 -14.40 7.26
N ASP A 102 -2.57 -15.67 7.55
CA ASP A 102 -3.86 -16.34 7.89
C ASP A 102 -4.59 -15.60 9.00
N GLN A 103 -5.83 -15.92 9.19
CA GLN A 103 -6.62 -15.24 10.25
C GLN A 103 -7.60 -16.20 10.90
N ASN A 104 -8.52 -15.67 11.66
CA ASN A 104 -9.52 -16.55 12.33
C ASN A 104 -10.86 -15.83 12.49
N ASP A 105 -11.60 -16.21 13.49
CA ASP A 105 -12.90 -15.56 13.72
C ASP A 105 -13.55 -16.06 15.01
N ASN A 106 -14.12 -15.16 15.76
CA ASN A 106 -14.77 -15.57 17.02
C ASN A 106 -15.75 -16.72 16.79
N ASP A 3 15.53 7.06 8.55
CA ASP A 3 14.39 7.77 7.90
C ASP A 3 13.39 6.79 7.30
N TRP A 4 12.75 7.23 6.25
CA TRP A 4 11.74 6.38 5.57
C TRP A 4 12.40 5.34 4.66
N VAL A 5 12.38 4.09 5.07
CA VAL A 5 13.00 3.02 4.22
C VAL A 5 12.43 1.63 4.54
N ILE A 6 11.41 1.22 3.82
CA ILE A 6 10.82 -0.13 4.10
C ILE A 6 10.00 -0.67 2.90
N PRO A 7 10.70 -1.31 1.99
CA PRO A 7 10.05 -1.88 0.79
C PRO A 7 9.04 -3.03 1.10
N PRO A 8 9.42 -3.92 1.99
CA PRO A 8 8.56 -5.06 2.37
C PRO A 8 7.38 -4.65 3.25
N ILE A 9 6.25 -5.29 3.02
CA ILE A 9 5.03 -4.97 3.83
C ILE A 9 4.21 -6.23 4.08
N SER A 10 3.24 -6.12 4.97
CA SER A 10 2.39 -7.30 5.28
C SER A 10 0.92 -6.88 5.44
N CYS A 11 0.03 -7.79 5.13
CA CYS A 11 -1.43 -7.48 5.26
C CYS A 11 -2.20 -8.65 5.90
N PRO A 12 -3.04 -8.34 6.91
CA PRO A 12 -3.82 -9.36 7.61
C PRO A 12 -4.89 -10.01 6.71
N GLU A 13 -5.34 -11.17 7.14
CA GLU A 13 -6.38 -11.89 6.37
C GLU A 13 -7.72 -11.81 7.10
N ASN A 14 -8.78 -12.12 6.40
CA ASN A 14 -10.11 -12.07 7.03
C ASN A 14 -10.27 -10.83 7.91
N GLU A 15 -9.80 -9.70 7.40
CA GLU A 15 -9.91 -8.45 8.19
C GLU A 15 -11.25 -8.37 8.92
N LYS A 16 -11.22 -7.88 10.13
CA LYS A 16 -12.48 -7.76 10.93
C LYS A 16 -12.83 -6.29 11.16
N GLY A 17 -14.01 -6.07 11.67
CA GLY A 17 -14.45 -4.67 11.94
C GLY A 17 -15.26 -4.12 10.75
N GLU A 18 -14.80 -3.05 10.19
CA GLU A 18 -15.53 -2.44 9.03
C GLU A 18 -14.53 -1.93 8.00
N PHE A 19 -14.95 -1.95 6.76
CA PHE A 19 -14.06 -1.46 5.68
C PHE A 19 -14.39 0.00 5.31
N PRO A 20 -13.39 0.72 4.83
CA PRO A 20 -12.02 0.22 4.66
C PRO A 20 -11.30 0.07 6.01
N LYS A 21 -10.11 -0.48 5.96
CA LYS A 21 -9.32 -0.66 7.22
C LYS A 21 -7.86 -0.26 7.01
N ASN A 22 -7.33 0.48 7.96
CA ASN A 22 -5.92 0.91 7.83
C ASN A 22 -4.96 -0.24 8.10
N LEU A 23 -3.84 -0.23 7.41
CA LEU A 23 -2.83 -1.32 7.59
C LEU A 23 -1.52 -0.78 8.12
N VAL A 24 -0.85 -0.01 7.30
CA VAL A 24 0.46 0.56 7.76
C VAL A 24 0.83 1.78 6.94
N GLN A 25 1.71 2.57 7.48
CA GLN A 25 2.14 3.79 6.76
C GLN A 25 3.24 3.46 5.73
N ILE A 26 3.30 4.25 4.70
CA ILE A 26 4.33 4.01 3.65
C ILE A 26 5.54 4.91 3.88
N LYS A 27 6.71 4.45 3.44
CA LYS A 27 7.93 5.27 3.63
C LYS A 27 8.89 5.23 2.40
N SER A 28 9.15 6.40 1.83
CA SER A 28 10.07 6.46 0.62
C SER A 28 11.33 7.27 0.95
N ASN A 29 12.24 7.32 0.01
CA ASN A 29 13.49 8.09 0.25
C ASN A 29 13.31 9.59 0.01
N ARG A 30 12.86 9.94 -1.18
CA ARG A 30 12.65 11.38 -1.51
C ARG A 30 12.14 12.18 -0.31
N ASP A 31 11.45 11.54 0.58
CA ASP A 31 10.94 12.26 1.76
C ASP A 31 12.08 12.85 2.59
N LYS A 32 13.26 12.87 2.01
CA LYS A 32 14.42 13.42 2.74
C LYS A 32 14.70 14.88 2.35
N GLU A 33 13.94 15.41 1.42
CA GLU A 33 14.17 16.84 1.00
C GLU A 33 12.89 17.66 0.94
N THR A 34 11.77 17.01 0.75
CA THR A 34 10.51 17.80 0.69
C THR A 34 9.28 16.93 0.92
N LYS A 35 8.22 17.55 1.35
CA LYS A 35 6.97 16.77 1.60
C LYS A 35 6.61 16.02 0.32
N VAL A 36 6.77 14.73 0.37
CA VAL A 36 6.45 13.92 -0.83
C VAL A 36 5.07 13.28 -0.74
N PHE A 37 4.34 13.33 -1.82
CA PHE A 37 2.99 12.73 -1.85
C PHE A 37 3.07 11.37 -2.48
N TYR A 38 2.25 10.47 -2.00
CA TYR A 38 2.27 9.09 -2.56
C TYR A 38 1.16 8.83 -3.56
N SER A 39 1.35 7.76 -4.30
CA SER A 39 0.35 7.37 -5.33
C SER A 39 0.56 5.90 -5.67
N ILE A 40 -0.38 5.08 -5.27
CA ILE A 40 -0.24 3.62 -5.56
C ILE A 40 -1.05 3.18 -6.78
N THR A 41 -0.56 2.16 -7.44
CA THR A 41 -1.25 1.64 -8.63
C THR A 41 -0.86 0.18 -8.88
N GLY A 42 -1.75 -0.57 -9.47
CA GLY A 42 -1.43 -2.00 -9.75
C GLY A 42 -2.66 -2.87 -9.49
N GLN A 43 -2.51 -4.16 -9.68
CA GLN A 43 -3.66 -5.07 -9.46
C GLN A 43 -4.16 -4.94 -8.02
N GLY A 44 -5.26 -4.26 -7.87
CA GLY A 44 -5.83 -4.07 -6.51
C GLY A 44 -6.27 -2.62 -6.34
N ALA A 45 -5.70 -1.75 -7.13
CA ALA A 45 -6.05 -0.32 -7.05
C ALA A 45 -6.63 0.16 -8.37
N ASP A 46 -5.80 0.18 -9.38
CA ASP A 46 -6.27 0.64 -10.72
C ASP A 46 -6.43 -0.54 -11.67
N LYS A 47 -5.75 -1.62 -11.36
CA LYS A 47 -5.84 -2.82 -12.25
C LYS A 47 -6.73 -3.89 -11.60
N PRO A 48 -7.38 -4.69 -12.43
CA PRO A 48 -8.26 -5.76 -11.94
C PRO A 48 -7.50 -6.70 -10.98
N PRO A 49 -8.09 -6.96 -9.80
CA PRO A 49 -9.38 -6.39 -9.37
C PRO A 49 -9.25 -4.87 -9.15
N VAL A 50 -10.11 -4.13 -9.79
CA VAL A 50 -10.06 -2.66 -9.63
C VAL A 50 -10.70 -2.22 -8.32
N GLY A 51 -9.97 -1.49 -7.54
CA GLY A 51 -10.52 -1.01 -6.23
C GLY A 51 -10.40 -2.08 -5.13
N VAL A 52 -9.27 -2.10 -4.48
CA VAL A 52 -9.05 -3.11 -3.39
C VAL A 52 -8.16 -2.51 -2.32
N PHE A 53 -7.17 -1.76 -2.77
CA PHE A 53 -6.21 -1.12 -1.80
C PHE A 53 -6.21 0.39 -1.98
N ILE A 54 -6.40 1.10 -0.89
CA ILE A 54 -6.41 2.60 -0.97
C ILE A 54 -5.28 3.15 -0.13
N ILE A 55 -4.65 4.18 -0.64
CA ILE A 55 -3.53 4.80 0.10
C ILE A 55 -3.70 6.30 0.26
N GLU A 56 -3.17 6.83 1.32
CA GLU A 56 -3.28 8.29 1.57
C GLU A 56 -2.08 9.02 0.99
N ARG A 57 -2.27 9.66 -0.12
CA ARG A 57 -1.15 10.39 -0.75
C ARG A 57 -0.50 11.38 0.21
N GLU A 58 -1.23 11.78 1.22
CA GLU A 58 -0.64 12.75 2.19
C GLU A 58 0.03 12.05 3.37
N THR A 59 -0.74 11.36 4.16
CA THR A 59 -0.15 10.66 5.32
C THR A 59 0.50 9.34 4.92
N GLY A 60 0.40 9.00 3.68
CA GLY A 60 1.02 7.72 3.22
C GLY A 60 0.39 6.52 3.95
N TRP A 61 -0.74 6.75 4.55
CA TRP A 61 -1.41 5.64 5.27
C TRP A 61 -1.98 4.62 4.29
N LEU A 62 -1.50 3.40 4.36
CA LEU A 62 -2.01 2.36 3.43
C LEU A 62 -3.17 1.60 4.04
N LYS A 63 -4.33 1.78 3.46
CA LYS A 63 -5.54 1.09 3.97
C LYS A 63 -6.08 0.16 2.88
N VAL A 64 -6.84 -0.84 3.29
CA VAL A 64 -7.41 -1.79 2.29
C VAL A 64 -8.91 -1.94 2.46
N THR A 65 -9.57 -2.18 1.37
CA THR A 65 -11.04 -2.34 1.42
C THR A 65 -11.41 -3.82 1.48
N GLN A 66 -10.63 -4.65 0.81
CA GLN A 66 -10.93 -6.12 0.82
C GLN A 66 -9.87 -6.90 1.62
N PRO A 67 -10.32 -7.82 2.49
CA PRO A 67 -9.40 -8.63 3.29
C PRO A 67 -8.58 -9.55 2.41
N LEU A 68 -7.43 -9.99 2.90
CA LEU A 68 -6.61 -10.89 2.05
C LEU A 68 -6.97 -12.34 2.30
N ASP A 69 -6.62 -13.18 1.38
CA ASP A 69 -6.96 -14.61 1.55
C ASP A 69 -5.91 -15.51 0.93
N ARG A 70 -5.20 -16.24 1.75
CA ARG A 70 -4.15 -17.14 1.21
C ARG A 70 -4.76 -18.13 0.23
N GLU A 71 -6.02 -18.44 0.42
CA GLU A 71 -6.67 -19.40 -0.49
C GLU A 71 -6.65 -18.90 -1.94
N ALA A 72 -6.59 -17.58 -2.08
CA ALA A 72 -6.56 -16.99 -3.44
C ALA A 72 -5.18 -16.43 -3.75
N ILE A 73 -4.66 -15.68 -2.82
CA ILE A 73 -3.32 -15.09 -3.03
C ILE A 73 -2.56 -15.02 -1.71
N ALA A 74 -1.31 -15.39 -1.73
CA ALA A 74 -0.51 -15.36 -0.48
C ALA A 74 0.32 -14.09 -0.41
N LYS A 75 0.39 -13.38 -1.50
CA LYS A 75 1.19 -12.12 -1.49
C LYS A 75 0.75 -11.20 -2.62
N TYR A 76 0.50 -9.96 -2.28
CA TYR A 76 0.07 -8.99 -3.31
C TYR A 76 1.23 -8.06 -3.70
N ILE A 77 1.34 -7.79 -4.99
CA ILE A 77 2.44 -6.91 -5.46
C ILE A 77 1.89 -5.60 -6.02
N LEU A 78 2.16 -4.53 -5.32
CA LEU A 78 1.66 -3.20 -5.78
C LEU A 78 2.80 -2.31 -6.26
N TYR A 79 2.45 -1.31 -7.03
CA TYR A 79 3.48 -0.36 -7.56
C TYR A 79 3.18 1.03 -7.04
N SER A 80 4.18 1.86 -6.87
CA SER A 80 3.90 3.24 -6.37
C SER A 80 4.75 4.32 -7.04
N HIS A 81 4.22 5.51 -6.99
CA HIS A 81 4.91 6.69 -7.58
C HIS A 81 4.79 7.85 -6.59
N ALA A 82 5.75 8.76 -6.59
CA ALA A 82 5.66 9.92 -5.63
C ALA A 82 5.91 11.28 -6.28
N VAL A 83 5.26 12.28 -5.73
CA VAL A 83 5.43 13.67 -6.27
C VAL A 83 5.55 14.68 -5.14
N SER A 84 6.44 15.62 -5.29
CA SER A 84 6.60 16.65 -4.22
C SER A 84 5.43 17.60 -4.19
N SER A 85 4.86 17.77 -3.02
CA SER A 85 3.71 18.69 -2.92
C SER A 85 4.11 20.12 -3.26
N ASN A 86 5.32 20.26 -3.77
CA ASN A 86 5.81 21.62 -4.14
C ASN A 86 5.70 21.83 -5.65
N GLY A 87 5.36 20.77 -6.36
CA GLY A 87 5.24 20.89 -7.84
C GLY A 87 6.38 20.16 -8.56
N GLU A 88 7.24 19.52 -7.79
CA GLU A 88 8.38 18.78 -8.40
C GLU A 88 8.14 17.28 -8.38
N ALA A 89 8.20 16.67 -9.52
CA ALA A 89 7.98 15.22 -9.59
C ALA A 89 9.15 14.46 -8.96
N VAL A 90 8.84 13.52 -8.11
CA VAL A 90 9.92 12.74 -7.45
C VAL A 90 9.52 11.28 -7.41
N GLU A 91 8.73 10.90 -8.37
CA GLU A 91 8.28 9.50 -8.44
C GLU A 91 9.34 8.58 -9.03
N ASP A 92 9.30 7.35 -8.62
CA ASP A 92 10.28 6.38 -9.13
C ASP A 92 9.65 4.98 -9.07
N PRO A 93 10.07 4.12 -9.96
CA PRO A 93 9.54 2.76 -10.01
C PRO A 93 9.72 2.07 -8.65
N MET A 94 8.71 2.19 -7.81
CA MET A 94 8.78 1.56 -6.47
C MET A 94 7.75 0.45 -6.35
N GLU A 95 8.22 -0.75 -6.18
CA GLU A 95 7.27 -1.89 -6.05
C GLU A 95 7.02 -2.24 -4.60
N ILE A 96 5.80 -2.11 -4.18
CA ILE A 96 5.46 -2.43 -2.78
C ILE A 96 5.09 -3.90 -2.64
N VAL A 97 5.78 -4.60 -1.78
CA VAL A 97 5.47 -6.05 -1.59
C VAL A 97 4.66 -6.27 -0.32
N ILE A 98 3.49 -6.85 -0.49
CA ILE A 98 2.62 -7.13 0.69
C ILE A 98 2.40 -8.63 0.88
N THR A 99 2.95 -9.16 1.93
CA THR A 99 2.79 -10.62 2.18
C THR A 99 1.54 -10.88 3.01
N VAL A 100 0.93 -12.01 2.79
CA VAL A 100 -0.30 -12.34 3.55
C VAL A 100 0.04 -13.14 4.81
N THR A 101 -0.77 -12.97 5.83
CA THR A 101 -0.52 -13.71 7.09
C THR A 101 -1.83 -14.12 7.75
N ASP A 102 -1.88 -15.32 8.26
CA ASP A 102 -3.12 -15.77 8.91
C ASP A 102 -3.65 -14.74 9.89
N GLN A 103 -4.92 -14.81 10.17
CA GLN A 103 -5.53 -13.83 11.12
C GLN A 103 -5.75 -14.46 12.49
N ASN A 104 -6.15 -13.64 13.44
CA ASN A 104 -6.40 -14.15 14.80
C ASN A 104 -7.64 -13.49 15.39
N ASP A 105 -8.78 -13.91 14.95
CA ASP A 105 -10.04 -13.32 15.47
C ASP A 105 -9.98 -13.12 16.97
N ASN A 106 -10.42 -11.97 17.41
CA ASN A 106 -10.40 -11.67 18.87
C ASN A 106 -11.73 -11.07 19.31
N ASP A 3 14.67 6.49 8.57
CA ASP A 3 14.92 6.38 7.12
C ASP A 3 13.78 5.66 6.40
N TRP A 4 13.18 6.35 5.46
CA TRP A 4 12.05 5.76 4.70
C TRP A 4 12.57 4.83 3.61
N VAL A 5 12.74 3.58 3.95
CA VAL A 5 13.23 2.60 2.94
C VAL A 5 12.82 1.18 3.33
N ILE A 6 11.66 0.78 2.86
CA ILE A 6 11.19 -0.59 3.19
C ILE A 6 10.09 -1.05 2.21
N PRO A 7 10.52 -1.63 1.09
CA PRO A 7 9.57 -2.11 0.08
C PRO A 7 8.61 -3.21 0.59
N PRO A 8 9.13 -4.14 1.38
CA PRO A 8 8.30 -5.22 1.92
C PRO A 8 7.29 -4.74 2.95
N ILE A 9 6.12 -5.31 2.91
CA ILE A 9 5.05 -4.91 3.87
C ILE A 9 4.25 -6.14 4.30
N SER A 10 3.42 -5.97 5.30
CA SER A 10 2.60 -7.12 5.78
C SER A 10 1.12 -6.72 5.90
N CYS A 11 0.26 -7.60 5.43
CA CYS A 11 -1.20 -7.30 5.50
C CYS A 11 -1.97 -8.57 5.94
N PRO A 12 -2.52 -8.56 7.16
CA PRO A 12 -3.26 -9.70 7.66
C PRO A 12 -4.53 -10.00 6.85
N GLU A 13 -5.01 -11.20 7.00
CA GLU A 13 -6.23 -11.60 6.26
C GLU A 13 -7.46 -11.53 7.16
N ASN A 14 -8.62 -11.52 6.55
CA ASN A 14 -9.86 -11.45 7.37
C ASN A 14 -9.73 -10.41 8.48
N GLU A 15 -9.45 -9.20 8.11
CA GLU A 15 -9.32 -8.13 9.14
C GLU A 15 -10.70 -7.68 9.63
N LYS A 16 -10.76 -7.28 10.87
CA LYS A 16 -12.06 -6.83 11.43
C LYS A 16 -12.25 -5.33 11.21
N GLY A 17 -13.45 -4.87 11.47
CA GLY A 17 -13.74 -3.41 11.29
C GLY A 17 -14.52 -3.17 9.99
N GLU A 18 -15.14 -2.03 9.90
CA GLU A 18 -15.92 -1.71 8.68
C GLU A 18 -14.99 -1.23 7.57
N PHE A 19 -15.01 -1.91 6.45
CA PHE A 19 -14.13 -1.50 5.34
C PHE A 19 -14.69 -0.25 4.64
N PRO A 20 -13.80 0.52 4.03
CA PRO A 20 -12.35 0.28 4.03
C PRO A 20 -11.73 0.50 5.40
N LYS A 21 -10.58 -0.10 5.61
CA LYS A 21 -9.89 0.07 6.93
C LYS A 21 -8.40 0.28 6.74
N ASN A 22 -7.81 0.98 7.66
CA ASN A 22 -6.35 1.25 7.57
C ASN A 22 -5.53 0.00 7.94
N LEU A 23 -4.48 -0.23 7.19
CA LEU A 23 -3.61 -1.42 7.46
C LEU A 23 -2.28 -0.98 8.05
N VAL A 24 -1.51 -0.27 7.26
CA VAL A 24 -0.18 0.19 7.76
C VAL A 24 0.28 1.42 6.99
N GLN A 25 1.17 2.16 7.58
CA GLN A 25 1.68 3.38 6.89
C GLN A 25 2.74 3.03 5.86
N ILE A 26 2.78 3.78 4.79
CA ILE A 26 3.79 3.51 3.74
C ILE A 26 5.02 4.40 3.90
N LYS A 27 6.06 4.03 3.20
CA LYS A 27 7.32 4.82 3.27
C LYS A 27 7.89 5.00 1.87
N SER A 28 8.31 6.20 1.57
CA SER A 28 8.87 6.47 0.22
C SER A 28 10.39 6.46 0.26
N ASN A 29 10.98 7.48 -0.27
CA ASN A 29 12.47 7.55 -0.27
C ASN A 29 12.91 8.99 -0.41
N ARG A 30 12.44 9.65 -1.43
CA ARG A 30 12.84 11.07 -1.63
C ARG A 30 12.33 11.92 -0.47
N ASP A 31 11.65 11.28 0.44
CA ASP A 31 11.12 12.03 1.61
C ASP A 31 12.26 12.61 2.43
N LYS A 32 13.44 12.60 1.87
CA LYS A 32 14.60 13.14 2.61
C LYS A 32 14.83 14.60 2.25
N GLU A 33 14.05 15.10 1.31
CA GLU A 33 14.22 16.54 0.90
C GLU A 33 12.95 17.35 1.14
N THR A 34 11.81 16.76 0.95
CA THR A 34 10.55 17.53 1.17
C THR A 34 9.35 16.60 1.38
N LYS A 35 8.38 17.08 2.12
CA LYS A 35 7.18 16.24 2.36
C LYS A 35 6.67 15.72 1.03
N VAL A 36 6.76 14.44 0.85
CA VAL A 36 6.29 13.84 -0.41
C VAL A 36 4.92 13.20 -0.28
N PHE A 37 4.18 13.24 -1.36
CA PHE A 37 2.81 12.65 -1.37
C PHE A 37 2.88 11.28 -2.02
N TYR A 38 1.97 10.41 -1.64
CA TYR A 38 1.98 9.04 -2.22
C TYR A 38 0.95 8.82 -3.32
N SER A 39 1.20 7.76 -4.05
CA SER A 39 0.33 7.35 -5.17
C SER A 39 0.61 5.87 -5.45
N ILE A 40 -0.40 5.11 -5.79
CA ILE A 40 -0.15 3.65 -6.05
C ILE A 40 -0.89 3.13 -7.30
N THR A 41 -0.28 2.14 -7.92
CA THR A 41 -0.88 1.55 -9.14
C THR A 41 -0.46 0.08 -9.25
N GLY A 42 -1.33 -0.75 -9.78
CA GLY A 42 -0.96 -2.20 -9.92
C GLY A 42 -2.16 -3.09 -9.60
N GLN A 43 -1.93 -4.39 -9.60
CA GLN A 43 -3.03 -5.34 -9.29
C GLN A 43 -3.60 -5.07 -7.91
N GLY A 44 -4.81 -4.59 -7.88
CA GLY A 44 -5.45 -4.30 -6.57
C GLY A 44 -5.95 -2.86 -6.55
N ALA A 45 -5.42 -2.07 -7.46
CA ALA A 45 -5.84 -0.64 -7.54
C ALA A 45 -6.45 -0.34 -8.89
N ASP A 46 -5.62 -0.38 -9.89
CA ASP A 46 -6.10 -0.11 -11.27
C ASP A 46 -6.09 -1.39 -12.10
N LYS A 47 -5.27 -2.32 -11.73
CA LYS A 47 -5.19 -3.60 -12.48
C LYS A 47 -5.99 -4.70 -11.76
N PRO A 48 -6.53 -5.63 -12.52
CA PRO A 48 -7.31 -6.72 -11.94
C PRO A 48 -6.50 -7.50 -10.89
N PRO A 49 -7.07 -7.68 -9.69
CA PRO A 49 -8.37 -7.12 -9.31
C PRO A 49 -8.33 -5.60 -9.22
N VAL A 50 -9.12 -4.94 -10.02
CA VAL A 50 -9.14 -3.46 -9.99
C VAL A 50 -10.00 -2.95 -8.84
N GLY A 51 -9.38 -2.31 -7.88
CA GLY A 51 -10.16 -1.78 -6.73
C GLY A 51 -10.06 -2.71 -5.52
N VAL A 52 -9.02 -2.56 -4.75
CA VAL A 52 -8.84 -3.42 -3.55
C VAL A 52 -8.03 -2.69 -2.48
N PHE A 53 -7.00 -1.98 -2.92
CA PHE A 53 -6.14 -1.23 -1.95
C PHE A 53 -6.20 0.28 -2.22
N ILE A 54 -6.04 1.03 -1.17
CA ILE A 54 -6.07 2.52 -1.30
C ILE A 54 -5.00 3.12 -0.41
N ILE A 55 -4.34 4.16 -0.88
CA ILE A 55 -3.27 4.80 -0.05
C ILE A 55 -3.57 6.26 0.26
N GLU A 56 -3.10 6.71 1.40
CA GLU A 56 -3.34 8.12 1.79
C GLU A 56 -2.27 9.03 1.19
N ARG A 57 -2.65 9.73 0.17
CA ARG A 57 -1.71 10.66 -0.50
C ARG A 57 -0.89 11.50 0.49
N GLU A 58 -1.47 11.81 1.62
CA GLU A 58 -0.73 12.63 2.62
C GLU A 58 -0.06 11.78 3.71
N THR A 59 -0.86 11.14 4.52
CA THR A 59 -0.26 10.30 5.60
C THR A 59 0.25 8.98 5.07
N GLY A 60 0.26 8.83 3.78
CA GLY A 60 0.75 7.55 3.20
C GLY A 60 0.10 6.37 3.92
N TRP A 61 -0.97 6.64 4.63
CA TRP A 61 -1.66 5.56 5.34
C TRP A 61 -2.20 4.54 4.34
N LEU A 62 -1.66 3.35 4.36
CA LEU A 62 -2.14 2.32 3.41
C LEU A 62 -3.41 1.66 3.91
N LYS A 63 -4.50 1.97 3.28
CA LYS A 63 -5.80 1.37 3.70
C LYS A 63 -6.31 0.45 2.62
N VAL A 64 -7.20 -0.43 2.97
CA VAL A 64 -7.74 -1.36 1.94
C VAL A 64 -9.24 -1.51 2.03
N THR A 65 -9.84 -1.79 0.91
CA THR A 65 -11.31 -1.95 0.89
C THR A 65 -11.64 -3.39 1.18
N GLN A 66 -10.71 -4.26 0.88
CA GLN A 66 -10.94 -5.71 1.14
C GLN A 66 -9.72 -6.32 1.86
N PRO A 67 -9.96 -7.14 2.87
CA PRO A 67 -8.87 -7.77 3.61
C PRO A 67 -8.06 -8.68 2.71
N LEU A 68 -7.05 -9.30 3.26
CA LEU A 68 -6.23 -10.20 2.42
C LEU A 68 -6.81 -11.60 2.44
N ASP A 69 -6.65 -12.29 1.34
CA ASP A 69 -7.18 -13.67 1.25
C ASP A 69 -6.04 -14.68 1.03
N ARG A 70 -5.61 -15.27 2.11
CA ARG A 70 -4.51 -16.27 1.99
C ARG A 70 -4.89 -17.40 1.05
N GLU A 71 -6.17 -17.64 0.90
CA GLU A 71 -6.60 -18.73 0.00
C GLU A 71 -6.47 -18.30 -1.46
N ALA A 72 -6.43 -17.01 -1.67
CA ALA A 72 -6.30 -16.51 -3.06
C ALA A 72 -4.86 -16.11 -3.35
N ILE A 73 -4.31 -15.27 -2.52
CA ILE A 73 -2.91 -14.84 -2.73
C ILE A 73 -2.22 -14.62 -1.39
N ALA A 74 -1.05 -15.21 -1.24
CA ALA A 74 -0.32 -15.06 0.03
C ALA A 74 0.62 -13.86 -0.05
N LYS A 75 0.69 -13.27 -1.21
CA LYS A 75 1.58 -12.10 -1.38
C LYS A 75 1.15 -11.26 -2.58
N TYR A 76 0.92 -9.98 -2.35
CA TYR A 76 0.48 -9.08 -3.45
C TYR A 76 1.60 -8.15 -3.89
N ILE A 77 1.60 -7.81 -5.17
CA ILE A 77 2.66 -6.90 -5.70
C ILE A 77 2.03 -5.54 -6.01
N LEU A 78 2.71 -4.49 -5.62
CA LEU A 78 2.16 -3.13 -5.89
C LEU A 78 3.25 -2.15 -6.33
N TYR A 79 2.89 -1.22 -7.19
CA TYR A 79 3.89 -0.22 -7.66
C TYR A 79 3.51 1.14 -7.10
N SER A 80 4.47 1.81 -6.50
CA SER A 80 4.17 3.15 -5.92
C SER A 80 4.94 4.30 -6.58
N HIS A 81 4.35 5.46 -6.45
CA HIS A 81 4.95 6.69 -7.03
C HIS A 81 4.91 7.79 -5.97
N ALA A 82 5.86 8.71 -6.03
CA ALA A 82 5.87 9.81 -5.00
C ALA A 82 6.03 11.20 -5.64
N VAL A 83 5.21 12.13 -5.18
CA VAL A 83 5.30 13.53 -5.73
C VAL A 83 5.39 14.56 -4.61
N SER A 84 6.31 15.47 -4.74
CA SER A 84 6.48 16.51 -3.69
C SER A 84 5.17 17.26 -3.43
N SER A 85 4.86 17.44 -2.18
CA SER A 85 3.61 18.15 -1.81
C SER A 85 3.59 19.59 -2.34
N ASN A 86 4.54 19.93 -3.18
CA ASN A 86 4.56 21.32 -3.74
C ASN A 86 4.29 21.33 -5.24
N GLY A 87 4.36 20.17 -5.86
CA GLY A 87 4.10 20.12 -7.34
C GLY A 87 5.30 19.58 -8.11
N GLU A 88 6.34 19.20 -7.40
CA GLU A 88 7.55 18.66 -8.10
C GLU A 88 7.54 17.14 -8.08
N ALA A 89 7.57 16.56 -9.24
CA ALA A 89 7.57 15.08 -9.31
C ALA A 89 8.86 14.49 -8.77
N VAL A 90 8.71 13.55 -7.87
CA VAL A 90 9.89 12.89 -7.27
C VAL A 90 9.63 11.40 -7.15
N GLU A 91 8.72 10.93 -7.96
CA GLU A 91 8.37 9.49 -7.91
C GLU A 91 9.38 8.64 -8.65
N ASP A 92 9.33 7.38 -8.37
CA ASP A 92 10.24 6.44 -9.01
C ASP A 92 9.57 5.05 -9.05
N PRO A 93 9.62 4.39 -10.19
CA PRO A 93 9.01 3.08 -10.31
C PRO A 93 9.50 2.14 -9.20
N MET A 94 8.81 2.16 -8.07
CA MET A 94 9.23 1.28 -6.94
C MET A 94 8.20 0.21 -6.68
N GLU A 95 8.63 -1.02 -6.70
CA GLU A 95 7.68 -2.11 -6.44
C GLU A 95 7.47 -2.28 -4.94
N ILE A 96 6.37 -2.89 -4.60
CA ILE A 96 6.05 -3.10 -3.16
C ILE A 96 5.58 -4.53 -2.95
N VAL A 97 6.26 -5.23 -2.09
CA VAL A 97 5.86 -6.64 -1.83
C VAL A 97 5.05 -6.74 -0.54
N ILE A 98 3.78 -7.00 -0.69
CA ILE A 98 2.92 -7.12 0.51
C ILE A 98 2.66 -8.58 0.83
N THR A 99 3.23 -9.04 1.90
CA THR A 99 3.03 -10.46 2.28
C THR A 99 1.85 -10.61 3.23
N VAL A 100 1.14 -11.71 3.09
CA VAL A 100 -0.03 -11.93 3.97
C VAL A 100 0.39 -12.67 5.24
N THR A 101 -0.06 -12.16 6.38
CA THR A 101 0.28 -12.81 7.67
C THR A 101 -0.96 -13.35 8.37
N ASP A 102 -0.82 -14.46 9.01
CA ASP A 102 -1.99 -15.05 9.70
C ASP A 102 -2.65 -14.04 10.63
N GLN A 103 -3.83 -14.38 11.11
CA GLN A 103 -4.56 -13.46 12.01
C GLN A 103 -4.77 -14.13 13.37
N ASN A 104 -4.61 -15.42 13.40
CA ASN A 104 -4.78 -16.15 14.68
C ASN A 104 -6.21 -15.99 15.21
N ASP A 105 -7.12 -16.75 14.67
CA ASP A 105 -8.52 -16.66 15.13
C ASP A 105 -8.81 -17.71 16.20
N ASN A 106 -9.71 -17.39 17.10
CA ASN A 106 -10.05 -18.34 18.19
C ASN A 106 -10.86 -17.64 19.27
N ASP A 3 13.66 5.31 9.80
CA ASP A 3 13.84 5.99 8.49
C ASP A 3 12.83 5.46 7.49
N TRP A 4 12.66 6.17 6.42
CA TRP A 4 11.68 5.71 5.40
C TRP A 4 12.32 4.70 4.45
N VAL A 5 12.30 3.44 4.83
CA VAL A 5 12.90 2.37 3.97
C VAL A 5 12.38 0.98 4.36
N ILE A 6 11.37 0.50 3.67
CA ILE A 6 10.85 -0.84 4.02
C ILE A 6 10.03 -1.45 2.87
N PRO A 7 10.71 -2.15 1.97
CA PRO A 7 10.06 -2.79 0.82
C PRO A 7 9.05 -3.92 1.22
N PRO A 8 9.42 -4.74 2.18
CA PRO A 8 8.54 -5.83 2.63
C PRO A 8 7.35 -5.35 3.44
N ILE A 9 6.21 -5.96 3.22
CA ILE A 9 4.99 -5.55 3.96
C ILE A 9 4.12 -6.77 4.28
N SER A 10 3.20 -6.61 5.21
CA SER A 10 2.30 -7.73 5.59
C SER A 10 0.83 -7.29 5.55
N CYS A 11 -0.05 -8.21 5.18
CA CYS A 11 -1.49 -7.84 5.11
C CYS A 11 -2.41 -8.99 5.64
N PRO A 12 -3.13 -8.73 6.74
CA PRO A 12 -4.03 -9.74 7.33
C PRO A 12 -5.25 -10.02 6.43
N GLU A 13 -5.85 -11.18 6.63
CA GLU A 13 -7.04 -11.57 5.81
C GLU A 13 -8.27 -11.71 6.68
N ASN A 14 -9.40 -11.84 6.03
CA ASN A 14 -10.66 -11.99 6.79
C ASN A 14 -10.81 -10.86 7.80
N GLU A 15 -10.27 -9.72 7.47
CA GLU A 15 -10.37 -8.57 8.39
C GLU A 15 -11.81 -8.10 8.52
N LYS A 16 -12.36 -8.24 9.71
CA LYS A 16 -13.75 -7.80 9.90
C LYS A 16 -13.80 -6.37 10.42
N GLY A 17 -14.99 -5.81 10.44
CA GLY A 17 -15.13 -4.40 10.92
C GLY A 17 -15.64 -3.50 9.80
N GLU A 18 -15.43 -2.22 9.95
CA GLU A 18 -15.88 -1.26 8.92
C GLU A 18 -14.73 -0.85 8.00
N PHE A 19 -14.91 -1.09 6.72
CA PHE A 19 -13.85 -0.73 5.76
C PHE A 19 -14.02 0.72 5.29
N PRO A 20 -12.94 1.31 4.82
CA PRO A 20 -11.62 0.68 4.76
C PRO A 20 -10.95 0.62 6.13
N LYS A 21 -9.78 0.04 6.16
CA LYS A 21 -9.03 -0.06 7.45
C LYS A 21 -7.55 0.18 7.21
N ASN A 22 -6.95 0.94 8.08
CA ASN A 22 -5.50 1.23 7.92
C ASN A 22 -4.64 0.04 8.32
N LEU A 23 -3.59 -0.21 7.57
CA LEU A 23 -2.69 -1.37 7.88
C LEU A 23 -1.26 -0.90 8.12
N VAL A 24 -0.70 -0.27 7.13
CA VAL A 24 0.70 0.22 7.28
C VAL A 24 0.90 1.52 6.51
N GLN A 25 1.94 2.24 6.85
CA GLN A 25 2.20 3.53 6.15
C GLN A 25 3.27 3.36 5.06
N ILE A 26 3.19 4.20 4.05
CA ILE A 26 4.19 4.12 2.94
C ILE A 26 5.40 5.00 3.24
N LYS A 27 6.55 4.60 2.71
CA LYS A 27 7.78 5.41 2.96
C LYS A 27 8.67 5.51 1.70
N SER A 28 9.18 6.71 1.44
CA SER A 28 10.06 6.92 0.26
C SER A 28 11.47 7.32 0.68
N ASN A 29 11.89 8.48 0.22
CA ASN A 29 13.25 8.96 0.57
C ASN A 29 13.34 10.48 0.40
N ARG A 30 12.80 10.97 -0.68
CA ARG A 30 12.84 12.43 -0.93
C ARG A 30 12.17 13.18 0.22
N ASP A 31 11.59 12.44 1.10
CA ASP A 31 10.91 13.05 2.25
C ASP A 31 11.89 13.85 3.12
N LYS A 32 13.06 14.13 2.58
CA LYS A 32 14.08 14.89 3.35
C LYS A 32 14.31 16.28 2.76
N GLU A 33 13.54 16.64 1.76
CA GLU A 33 13.74 18.00 1.15
C GLU A 33 12.42 18.63 0.75
N THR A 34 11.41 17.83 0.57
CA THR A 34 10.10 18.40 0.18
C THR A 34 8.97 17.47 0.53
N LYS A 35 7.94 18.00 1.15
CA LYS A 35 6.80 17.13 1.52
C LYS A 35 6.43 16.29 0.32
N VAL A 36 6.70 15.02 0.40
CA VAL A 36 6.37 14.13 -0.75
C VAL A 36 5.05 13.40 -0.55
N PHE A 37 4.24 13.42 -1.58
CA PHE A 37 2.94 12.73 -1.51
C PHE A 37 3.08 11.36 -2.14
N TYR A 38 2.16 10.47 -1.85
CA TYR A 38 2.25 9.10 -2.44
C TYR A 38 1.13 8.75 -3.39
N SER A 39 1.39 7.71 -4.14
CA SER A 39 0.42 7.20 -5.13
C SER A 39 0.67 5.71 -5.31
N ILE A 40 -0.34 4.97 -5.67
CA ILE A 40 -0.13 3.50 -5.86
C ILE A 40 -0.89 2.96 -7.06
N THR A 41 -0.32 1.93 -7.64
CA THR A 41 -0.97 1.32 -8.83
C THR A 41 -0.52 -0.13 -8.98
N GLY A 42 -1.27 -0.91 -9.71
CA GLY A 42 -0.92 -2.35 -9.92
C GLY A 42 -1.98 -3.27 -9.32
N GLN A 43 -1.66 -4.53 -9.21
CA GLN A 43 -2.64 -5.48 -8.64
C GLN A 43 -3.19 -4.95 -7.33
N GLY A 44 -4.49 -4.86 -7.24
CA GLY A 44 -5.12 -4.35 -5.99
C GLY A 44 -5.63 -2.92 -6.20
N ALA A 45 -5.27 -2.36 -7.33
CA ALA A 45 -5.71 -0.97 -7.64
C ALA A 45 -6.19 -0.88 -9.08
N ASP A 46 -5.26 -0.96 -9.99
CA ASP A 46 -5.64 -0.88 -11.42
C ASP A 46 -5.79 -2.27 -12.03
N LYS A 47 -5.07 -3.23 -11.47
CA LYS A 47 -5.14 -4.62 -11.98
C LYS A 47 -5.94 -5.51 -11.02
N PRO A 48 -6.58 -6.53 -11.57
CA PRO A 48 -7.38 -7.45 -10.76
C PRO A 48 -6.54 -8.06 -9.61
N PRO A 49 -7.04 -8.00 -8.38
CA PRO A 49 -8.33 -7.35 -8.04
C PRO A 49 -8.28 -5.84 -8.25
N VAL A 50 -9.14 -5.35 -9.10
CA VAL A 50 -9.16 -3.89 -9.36
C VAL A 50 -9.94 -3.15 -8.27
N GLY A 51 -9.25 -2.30 -7.56
CA GLY A 51 -9.93 -1.53 -6.48
C GLY A 51 -9.97 -2.32 -5.17
N VAL A 52 -8.90 -2.27 -4.42
CA VAL A 52 -8.87 -3.01 -3.14
C VAL A 52 -8.00 -2.30 -2.12
N PHE A 53 -6.92 -1.70 -2.59
CA PHE A 53 -6.00 -0.96 -1.67
C PHE A 53 -6.09 0.54 -1.91
N ILE A 54 -5.90 1.29 -0.86
CA ILE A 54 -5.97 2.77 -1.00
C ILE A 54 -4.88 3.40 -0.13
N ILE A 55 -4.38 4.54 -0.54
CA ILE A 55 -3.31 5.20 0.26
C ILE A 55 -3.52 6.69 0.37
N GLU A 56 -3.18 7.24 1.51
CA GLU A 56 -3.36 8.71 1.69
C GLU A 56 -2.24 9.47 0.99
N ARG A 57 -2.59 10.11 -0.09
CA ARG A 57 -1.58 10.88 -0.85
C ARG A 57 -0.71 11.73 0.08
N GLU A 58 -1.26 12.10 1.22
CA GLU A 58 -0.46 12.94 2.17
C GLU A 58 0.29 12.09 3.19
N THR A 59 -0.44 11.47 4.07
CA THR A 59 0.22 10.64 5.11
C THR A 59 0.63 9.28 4.55
N GLY A 60 0.53 9.14 3.27
CA GLY A 60 0.91 7.83 2.64
C GLY A 60 0.37 6.65 3.46
N TRP A 61 -0.57 6.91 4.32
CA TRP A 61 -1.13 5.82 5.14
C TRP A 61 -1.75 4.75 4.23
N LEU A 62 -1.21 3.56 4.29
CA LEU A 62 -1.75 2.48 3.43
C LEU A 62 -2.92 1.78 4.09
N LYS A 63 -4.07 1.91 3.50
CA LYS A 63 -5.28 1.28 4.05
C LYS A 63 -5.90 0.38 3.02
N VAL A 64 -6.64 -0.60 3.47
CA VAL A 64 -7.29 -1.54 2.52
C VAL A 64 -8.81 -1.48 2.60
N THR A 65 -9.44 -1.58 1.47
CA THR A 65 -10.91 -1.53 1.44
C THR A 65 -11.48 -2.95 1.54
N GLN A 66 -10.71 -3.91 1.05
CA GLN A 66 -11.17 -5.32 1.09
C GLN A 66 -10.13 -6.20 1.84
N PRO A 67 -10.61 -7.15 2.65
CA PRO A 67 -9.72 -8.03 3.40
C PRO A 67 -8.88 -8.89 2.46
N LEU A 68 -7.87 -9.53 2.98
CA LEU A 68 -7.02 -10.37 2.11
C LEU A 68 -7.53 -11.79 2.09
N ASP A 69 -7.08 -12.52 1.11
CA ASP A 69 -7.53 -13.94 0.98
C ASP A 69 -6.35 -14.86 0.66
N ARG A 70 -5.76 -15.41 1.68
CA ARG A 70 -4.61 -16.32 1.46
C ARG A 70 -4.95 -17.43 0.46
N GLU A 71 -6.21 -17.75 0.35
CA GLU A 71 -6.59 -18.83 -0.61
C GLU A 71 -6.52 -18.32 -2.05
N ALA A 72 -6.72 -17.05 -2.23
CA ALA A 72 -6.67 -16.47 -3.59
C ALA A 72 -5.27 -15.93 -3.88
N ILE A 73 -4.80 -15.12 -2.98
CA ILE A 73 -3.45 -14.53 -3.16
C ILE A 73 -2.74 -14.47 -1.82
N ALA A 74 -1.64 -15.18 -1.71
CA ALA A 74 -0.90 -15.16 -0.43
C ALA A 74 0.13 -14.04 -0.42
N LYS A 75 0.21 -13.34 -1.52
CA LYS A 75 1.18 -12.23 -1.60
C LYS A 75 0.79 -11.27 -2.73
N TYR A 76 0.55 -10.04 -2.37
CA TYR A 76 0.16 -9.04 -3.41
C TYR A 76 1.34 -8.16 -3.81
N ILE A 77 1.43 -7.90 -5.09
CA ILE A 77 2.53 -7.05 -5.62
C ILE A 77 1.98 -5.66 -5.93
N LEU A 78 2.62 -4.65 -5.40
CA LEU A 78 2.12 -3.26 -5.67
C LEU A 78 3.22 -2.36 -6.20
N TYR A 79 2.83 -1.34 -6.92
CA TYR A 79 3.81 -0.39 -7.50
C TYR A 79 3.50 1.00 -6.98
N SER A 80 4.44 1.60 -6.28
CA SER A 80 4.19 2.96 -5.74
C SER A 80 4.93 4.05 -6.49
N HIS A 81 4.42 5.25 -6.33
CA HIS A 81 5.02 6.44 -6.99
C HIS A 81 5.01 7.61 -6.01
N ALA A 82 5.97 8.51 -6.15
CA ALA A 82 6.01 9.69 -5.21
C ALA A 82 6.01 11.01 -5.97
N VAL A 83 5.33 11.98 -5.41
CA VAL A 83 5.27 13.33 -6.06
C VAL A 83 5.45 14.41 -5.01
N SER A 84 6.00 15.52 -5.38
CA SER A 84 6.18 16.60 -4.37
C SER A 84 4.89 17.41 -4.20
N SER A 85 4.56 17.70 -2.96
CA SER A 85 3.33 18.49 -2.68
C SER A 85 3.32 19.87 -3.34
N ASN A 86 4.23 20.09 -4.27
CA ASN A 86 4.28 21.42 -4.96
C ASN A 86 4.07 21.28 -6.46
N GLY A 87 3.84 20.06 -6.90
CA GLY A 87 3.62 19.84 -8.36
C GLY A 87 4.85 19.24 -9.06
N GLU A 88 5.88 18.97 -8.30
CA GLU A 88 7.11 18.38 -8.91
C GLU A 88 7.15 16.87 -8.72
N ALA A 89 6.97 16.16 -9.80
CA ALA A 89 6.98 14.68 -9.73
C ALA A 89 8.35 14.15 -9.31
N VAL A 90 8.33 13.28 -8.32
CA VAL A 90 9.60 12.69 -7.83
C VAL A 90 9.39 11.19 -7.60
N GLU A 91 8.51 10.62 -8.38
CA GLU A 91 8.23 9.17 -8.24
C GLU A 91 9.28 8.31 -8.92
N ASP A 92 9.18 7.04 -8.63
CA ASP A 92 10.12 6.06 -9.21
C ASP A 92 9.48 4.68 -9.12
N PRO A 93 9.62 3.88 -10.17
CA PRO A 93 9.06 2.54 -10.18
C PRO A 93 9.50 1.72 -8.96
N MET A 94 8.69 1.75 -7.91
CA MET A 94 9.05 0.99 -6.68
C MET A 94 8.06 -0.14 -6.46
N GLU A 95 8.54 -1.35 -6.42
CA GLU A 95 7.63 -2.52 -6.21
C GLU A 95 7.55 -2.93 -4.76
N ILE A 96 6.39 -2.81 -4.19
CA ILE A 96 6.20 -3.18 -2.78
C ILE A 96 5.67 -4.61 -2.71
N VAL A 97 6.34 -5.45 -1.94
CA VAL A 97 5.89 -6.86 -1.81
C VAL A 97 5.11 -7.05 -0.52
N ILE A 98 3.84 -7.26 -0.67
CA ILE A 98 2.98 -7.46 0.53
C ILE A 98 2.58 -8.92 0.70
N THR A 99 3.07 -9.52 1.75
CA THR A 99 2.72 -10.95 2.00
C THR A 99 1.49 -11.06 2.88
N VAL A 100 0.74 -12.12 2.69
CA VAL A 100 -0.49 -12.30 3.52
C VAL A 100 -0.18 -13.09 4.78
N THR A 101 -0.87 -12.78 5.84
CA THR A 101 -0.66 -13.49 7.12
C THR A 101 -1.91 -14.24 7.54
N ASP A 102 -1.73 -15.41 8.11
CA ASP A 102 -2.91 -16.19 8.53
C ASP A 102 -3.72 -15.45 9.59
N GLN A 103 -4.57 -16.18 10.27
CA GLN A 103 -5.41 -15.54 11.32
C GLN A 103 -5.48 -16.42 12.57
N ASN A 104 -6.20 -15.95 13.56
CA ASN A 104 -6.32 -16.75 14.80
C ASN A 104 -7.70 -16.56 15.43
N ASP A 105 -8.56 -15.88 14.74
CA ASP A 105 -9.92 -15.65 15.27
C ASP A 105 -10.84 -16.81 14.92
N ASN A 106 -12.09 -16.68 15.25
CA ASN A 106 -13.06 -17.75 14.93
C ASN A 106 -12.60 -19.07 15.57
N ASP A 3 15.36 6.81 8.27
CA ASP A 3 14.90 7.10 6.89
C ASP A 3 13.93 6.04 6.38
N TRP A 4 13.21 6.37 5.34
CA TRP A 4 12.24 5.42 4.77
C TRP A 4 12.94 4.38 3.89
N VAL A 5 13.16 3.21 4.43
CA VAL A 5 13.84 2.15 3.63
C VAL A 5 13.40 0.75 4.06
N ILE A 6 12.32 0.29 3.48
CA ILE A 6 11.81 -1.05 3.84
C ILE A 6 10.82 -1.56 2.75
N PRO A 7 11.34 -2.21 1.74
CA PRO A 7 10.51 -2.73 0.65
C PRO A 7 9.45 -3.77 1.11
N PRO A 8 9.85 -4.67 1.98
CA PRO A 8 8.94 -5.70 2.49
C PRO A 8 7.86 -5.12 3.41
N ILE A 9 6.65 -5.58 3.23
CA ILE A 9 5.52 -5.10 4.07
C ILE A 9 4.57 -6.26 4.38
N SER A 10 3.60 -6.02 5.25
CA SER A 10 2.64 -7.12 5.59
C SER A 10 1.20 -6.62 5.63
N CYS A 11 0.29 -7.49 5.27
CA CYS A 11 -1.16 -7.12 5.28
C CYS A 11 -2.02 -8.29 5.83
N PRO A 12 -2.85 -8.01 6.83
CA PRO A 12 -3.71 -9.06 7.41
C PRO A 12 -4.73 -9.62 6.44
N GLU A 13 -5.03 -10.87 6.65
CA GLU A 13 -6.00 -11.56 5.81
C GLU A 13 -7.33 -11.69 6.53
N ASN A 14 -8.41 -11.66 5.80
CA ASN A 14 -9.74 -11.79 6.45
C ASN A 14 -9.85 -10.81 7.63
N GLU A 15 -9.12 -9.73 7.52
CA GLU A 15 -9.16 -8.71 8.61
C GLU A 15 -10.58 -8.51 9.13
N LYS A 16 -10.69 -8.24 10.40
CA LYS A 16 -12.04 -8.02 11.00
C LYS A 16 -12.38 -6.53 11.06
N GLY A 17 -13.61 -6.23 11.39
CA GLY A 17 -14.03 -4.81 11.48
C GLY A 17 -14.89 -4.42 10.27
N GLU A 18 -14.84 -3.16 9.92
CA GLU A 18 -15.64 -2.67 8.76
C GLU A 18 -14.75 -1.98 7.73
N PHE A 19 -15.12 -2.09 6.48
CA PHE A 19 -14.31 -1.45 5.40
C PHE A 19 -15.01 -0.18 4.90
N PRO A 20 -14.23 0.77 4.40
CA PRO A 20 -12.75 0.66 4.30
C PRO A 20 -12.08 0.74 5.66
N LYS A 21 -10.91 0.14 5.77
CA LYS A 21 -10.19 0.16 7.06
C LYS A 21 -8.70 0.42 6.86
N ASN A 22 -8.13 1.19 7.75
CA ASN A 22 -6.68 1.50 7.63
C ASN A 22 -5.84 0.30 8.03
N LEU A 23 -4.61 0.25 7.56
CA LEU A 23 -3.74 -0.90 7.90
C LEU A 23 -2.35 -0.45 8.35
N VAL A 24 -1.60 0.12 7.44
CA VAL A 24 -0.24 0.59 7.81
C VAL A 24 0.17 1.79 6.96
N GLN A 25 1.14 2.52 7.44
CA GLN A 25 1.60 3.70 6.67
C GLN A 25 2.58 3.29 5.58
N ILE A 26 2.82 4.19 4.66
CA ILE A 26 3.76 3.89 3.54
C ILE A 26 5.11 4.59 3.72
N LYS A 27 6.12 4.03 3.09
CA LYS A 27 7.48 4.64 3.20
C LYS A 27 8.22 4.55 1.86
N SER A 28 8.69 5.67 1.36
CA SER A 28 9.44 5.65 0.05
C SER A 28 10.92 5.85 0.25
N ASN A 29 11.44 6.88 -0.36
CA ASN A 29 12.87 7.17 -0.25
C ASN A 29 13.12 8.64 -0.48
N ARG A 30 12.61 9.13 -1.58
CA ARG A 30 12.79 10.57 -1.89
C ARG A 30 12.47 11.41 -0.68
N ASP A 31 11.81 10.80 0.27
CA ASP A 31 11.44 11.54 1.50
C ASP A 31 12.68 12.11 2.19
N LYS A 32 13.82 11.98 1.54
CA LYS A 32 15.05 12.51 2.15
C LYS A 32 15.28 13.96 1.77
N GLU A 33 14.39 14.51 0.96
CA GLU A 33 14.56 15.95 0.55
C GLU A 33 13.36 16.82 0.94
N THR A 34 12.17 16.29 0.81
CA THR A 34 10.97 17.11 1.16
C THR A 34 9.73 16.26 1.40
N LYS A 35 8.78 16.80 2.11
CA LYS A 35 7.54 16.03 2.37
C LYS A 35 7.02 15.51 1.06
N VAL A 36 6.99 14.21 0.91
CA VAL A 36 6.49 13.63 -0.37
C VAL A 36 5.11 12.99 -0.24
N PHE A 37 4.34 13.12 -1.29
CA PHE A 37 2.96 12.54 -1.32
C PHE A 37 3.03 11.21 -2.05
N TYR A 38 2.03 10.36 -1.85
CA TYR A 38 2.06 9.02 -2.54
C TYR A 38 0.94 8.78 -3.55
N SER A 39 1.09 7.66 -4.20
CA SER A 39 0.13 7.21 -5.22
C SER A 39 0.33 5.71 -5.40
N ILE A 40 -0.73 4.98 -5.70
CA ILE A 40 -0.56 3.51 -5.88
C ILE A 40 -1.22 2.99 -7.14
N THR A 41 -0.65 1.94 -7.66
CA THR A 41 -1.20 1.33 -8.89
C THR A 41 -0.72 -0.10 -9.02
N GLY A 42 -1.43 -0.89 -9.79
CA GLY A 42 -1.04 -2.32 -9.97
C GLY A 42 -2.11 -3.25 -9.42
N GLN A 43 -1.77 -4.51 -9.33
CA GLN A 43 -2.74 -5.50 -8.81
C GLN A 43 -3.28 -5.09 -7.44
N GLY A 44 -4.52 -4.71 -7.41
CA GLY A 44 -5.15 -4.28 -6.11
C GLY A 44 -5.79 -2.91 -6.26
N ALA A 45 -5.41 -2.21 -7.32
CA ALA A 45 -5.99 -0.86 -7.56
C ALA A 45 -6.55 -0.75 -8.97
N ASP A 46 -5.66 -0.79 -9.94
CA ASP A 46 -6.11 -0.69 -11.35
C ASP A 46 -6.10 -2.06 -12.02
N LYS A 47 -5.19 -2.90 -11.59
CA LYS A 47 -5.11 -4.26 -12.18
C LYS A 47 -5.81 -5.30 -11.28
N PRO A 48 -6.40 -6.32 -11.90
CA PRO A 48 -7.09 -7.36 -11.15
C PRO A 48 -6.14 -8.04 -10.13
N PRO A 49 -6.60 -8.19 -8.88
CA PRO A 49 -7.91 -7.73 -8.41
C PRO A 49 -7.99 -6.19 -8.38
N VAL A 50 -8.89 -5.65 -9.14
CA VAL A 50 -9.02 -4.17 -9.17
C VAL A 50 -9.84 -3.66 -7.98
N GLY A 51 -9.55 -2.46 -7.56
CA GLY A 51 -10.29 -1.88 -6.41
C GLY A 51 -10.16 -2.74 -5.14
N VAL A 52 -9.07 -2.59 -4.44
CA VAL A 52 -8.86 -3.39 -3.21
C VAL A 52 -8.07 -2.59 -2.18
N PHE A 53 -6.98 -2.01 -2.63
CA PHE A 53 -6.12 -1.19 -1.71
C PHE A 53 -6.26 0.30 -2.01
N ILE A 54 -6.30 1.08 -0.97
CA ILE A 54 -6.43 2.55 -1.13
C ILE A 54 -5.50 3.27 -0.16
N ILE A 55 -4.54 3.97 -0.70
CA ILE A 55 -3.57 4.71 0.16
C ILE A 55 -3.84 6.21 0.14
N GLU A 56 -3.52 6.86 1.22
CA GLU A 56 -3.74 8.32 1.29
C GLU A 56 -2.58 9.07 0.66
N ARG A 57 -2.77 9.47 -0.56
CA ARG A 57 -1.70 10.21 -1.28
C ARG A 57 -1.12 11.34 -0.42
N GLU A 58 -1.78 11.63 0.67
CA GLU A 58 -1.27 12.71 1.56
C GLU A 58 -0.45 12.17 2.73
N THR A 59 -1.11 11.52 3.65
CA THR A 59 -0.38 10.97 4.83
C THR A 59 0.26 9.61 4.51
N GLY A 60 0.14 9.19 3.29
CA GLY A 60 0.74 7.88 2.91
C GLY A 60 0.12 6.75 3.75
N TRP A 61 -1.04 6.99 4.29
CA TRP A 61 -1.70 5.94 5.12
C TRP A 61 -2.27 4.84 4.22
N LEU A 62 -1.76 3.65 4.36
CA LEU A 62 -2.27 2.54 3.52
C LEU A 62 -3.53 1.93 4.12
N LYS A 63 -4.61 2.03 3.38
CA LYS A 63 -5.90 1.47 3.84
C LYS A 63 -6.45 0.56 2.77
N VAL A 64 -7.38 -0.30 3.14
CA VAL A 64 -7.95 -1.22 2.11
C VAL A 64 -9.45 -1.37 2.24
N THR A 65 -10.08 -1.63 1.12
CA THR A 65 -11.54 -1.80 1.13
C THR A 65 -11.88 -3.26 1.32
N GLN A 66 -10.96 -4.12 0.90
CA GLN A 66 -11.20 -5.58 1.06
C GLN A 66 -9.94 -6.26 1.65
N PRO A 67 -10.13 -7.19 2.58
CA PRO A 67 -9.02 -7.89 3.21
C PRO A 67 -8.25 -8.72 2.19
N LEU A 68 -7.16 -9.30 2.63
CA LEU A 68 -6.37 -10.12 1.68
C LEU A 68 -6.86 -11.56 1.70
N ASP A 69 -6.39 -12.36 0.77
CA ASP A 69 -6.83 -13.77 0.74
C ASP A 69 -5.68 -14.71 0.41
N ARG A 70 -5.08 -15.26 1.43
CA ARG A 70 -3.95 -16.18 1.19
C ARG A 70 -4.38 -17.37 0.35
N GLU A 71 -5.64 -17.69 0.41
CA GLU A 71 -6.13 -18.84 -0.40
C GLU A 71 -5.93 -18.58 -1.89
N ALA A 72 -5.73 -17.33 -2.24
CA ALA A 72 -5.51 -16.98 -3.66
C ALA A 72 -4.13 -16.38 -3.86
N ILE A 73 -3.74 -15.52 -2.95
CA ILE A 73 -2.41 -14.88 -3.05
C ILE A 73 -1.80 -14.69 -1.67
N ALA A 74 -0.66 -15.28 -1.47
CA ALA A 74 0.01 -15.14 -0.15
C ALA A 74 0.93 -13.93 -0.12
N LYS A 75 0.97 -13.21 -1.21
CA LYS A 75 1.85 -12.01 -1.26
C LYS A 75 1.42 -11.07 -2.37
N TYR A 76 1.09 -9.85 -2.00
CA TYR A 76 0.65 -8.86 -3.01
C TYR A 76 1.77 -7.90 -3.41
N ILE A 77 1.87 -7.61 -4.68
CA ILE A 77 2.93 -6.68 -5.17
C ILE A 77 2.27 -5.40 -5.65
N LEU A 78 2.47 -4.34 -4.91
CA LEU A 78 1.86 -3.03 -5.30
C LEU A 78 2.91 -2.02 -5.77
N TYR A 79 2.59 -1.31 -6.85
CA TYR A 79 3.56 -0.32 -7.37
C TYR A 79 3.14 1.05 -6.88
N SER A 80 4.10 1.94 -6.66
CA SER A 80 3.71 3.29 -6.18
C SER A 80 4.49 4.43 -6.85
N HIS A 81 3.91 5.59 -6.77
CA HIS A 81 4.52 6.81 -7.36
C HIS A 81 4.58 7.90 -6.28
N ALA A 82 5.54 8.80 -6.38
CA ALA A 82 5.64 9.89 -5.33
C ALA A 82 5.74 11.30 -5.93
N VAL A 83 5.15 12.24 -5.23
CA VAL A 83 5.19 13.66 -5.72
C VAL A 83 5.40 14.60 -4.54
N SER A 84 6.33 15.50 -4.68
CA SER A 84 6.58 16.44 -3.55
C SER A 84 5.32 17.24 -3.23
N SER A 85 4.99 17.31 -1.98
CA SER A 85 3.77 18.08 -1.58
C SER A 85 3.84 19.51 -2.06
N ASN A 86 4.88 19.84 -2.77
CA ASN A 86 5.01 21.23 -3.27
C ASN A 86 4.55 21.35 -4.73
N GLY A 87 4.57 20.24 -5.43
CA GLY A 87 4.13 20.26 -6.86
C GLY A 87 5.24 19.73 -7.78
N GLU A 88 6.30 19.23 -7.19
CA GLU A 88 7.42 18.71 -8.02
C GLU A 88 7.35 17.19 -8.14
N ALA A 89 7.50 16.71 -9.34
CA ALA A 89 7.45 15.25 -9.56
C ALA A 89 8.67 14.55 -8.98
N VAL A 90 8.44 13.63 -8.10
CA VAL A 90 9.57 12.89 -7.49
C VAL A 90 9.20 11.41 -7.42
N GLU A 91 8.31 11.01 -8.29
CA GLU A 91 7.88 9.59 -8.31
C GLU A 91 8.89 8.72 -9.00
N ASP A 92 8.81 7.46 -8.72
CA ASP A 92 9.74 6.51 -9.33
C ASP A 92 9.15 5.10 -9.24
N PRO A 93 9.42 4.27 -10.23
CA PRO A 93 8.90 2.92 -10.23
C PRO A 93 9.28 2.18 -8.94
N MET A 94 8.47 2.34 -7.93
CA MET A 94 8.76 1.66 -6.63
C MET A 94 7.85 0.46 -6.45
N GLU A 95 8.45 -0.68 -6.22
CA GLU A 95 7.64 -1.91 -6.04
C GLU A 95 7.52 -2.28 -4.57
N ILE A 96 6.34 -2.13 -4.04
CA ILE A 96 6.11 -2.47 -2.62
C ILE A 96 5.70 -3.92 -2.47
N VAL A 97 6.41 -4.66 -1.65
CA VAL A 97 6.08 -6.09 -1.45
C VAL A 97 5.28 -6.27 -0.17
N ILE A 98 4.12 -6.85 -0.29
CA ILE A 98 3.26 -7.07 0.90
C ILE A 98 2.95 -8.56 1.07
N THR A 99 3.29 -9.08 2.22
CA THR A 99 3.02 -10.51 2.47
C THR A 99 1.69 -10.68 3.21
N VAL A 100 0.99 -11.75 2.90
CA VAL A 100 -0.31 -11.98 3.58
C VAL A 100 -0.15 -12.90 4.78
N THR A 101 -0.87 -12.60 5.84
CA THR A 101 -0.79 -13.44 7.07
C THR A 101 -2.10 -14.18 7.31
N ASP A 102 -1.98 -15.44 7.67
CA ASP A 102 -3.22 -16.24 7.92
C ASP A 102 -4.07 -15.60 9.01
N GLN A 103 -5.30 -16.00 9.07
CA GLN A 103 -6.21 -15.44 10.11
C GLN A 103 -7.59 -16.08 10.04
N ASN A 104 -8.46 -15.68 10.93
CA ASN A 104 -9.81 -16.26 10.93
C ASN A 104 -10.37 -16.34 9.51
N ASP A 105 -10.28 -17.50 8.92
CA ASP A 105 -10.79 -17.67 7.55
C ASP A 105 -12.26 -18.09 7.56
N ASN A 106 -12.99 -17.67 6.57
CA ASN A 106 -14.43 -18.05 6.52
C ASN A 106 -15.09 -17.47 5.27
N ASP A 3 13.12 5.62 10.36
CA ASP A 3 13.41 6.12 9.00
C ASP A 3 12.48 5.48 7.97
N TRP A 4 12.24 6.18 6.89
CA TRP A 4 11.36 5.64 5.85
C TRP A 4 12.12 4.74 4.88
N VAL A 5 12.20 3.48 5.21
CA VAL A 5 12.92 2.54 4.32
C VAL A 5 12.51 1.08 4.61
N ILE A 6 11.47 0.63 3.95
CA ILE A 6 11.01 -0.76 4.18
C ILE A 6 10.12 -1.25 3.01
N PRO A 7 10.75 -1.83 2.00
CA PRO A 7 10.01 -2.34 0.83
C PRO A 7 8.97 -3.42 1.20
N PRO A 8 9.34 -4.34 2.07
CA PRO A 8 8.44 -5.43 2.49
C PRO A 8 7.32 -4.91 3.39
N ILE A 9 6.13 -5.40 3.14
CA ILE A 9 4.95 -4.98 3.94
C ILE A 9 4.08 -6.19 4.23
N SER A 10 3.10 -6.01 5.09
CA SER A 10 2.19 -7.15 5.43
C SER A 10 0.73 -6.71 5.41
N CYS A 11 -0.13 -7.62 4.99
CA CYS A 11 -1.58 -7.29 4.94
C CYS A 11 -2.44 -8.49 5.42
N PRO A 12 -3.27 -8.29 6.43
CA PRO A 12 -4.11 -9.37 6.95
C PRO A 12 -5.14 -9.86 5.92
N GLU A 13 -5.71 -11.00 6.19
CA GLU A 13 -6.73 -11.59 5.26
C GLU A 13 -8.09 -11.69 5.95
N ASN A 14 -9.11 -11.89 5.15
CA ASN A 14 -10.49 -12.01 5.71
C ASN A 14 -10.71 -11.02 6.86
N GLU A 15 -10.16 -9.85 6.74
CA GLU A 15 -10.34 -8.84 7.82
C GLU A 15 -11.81 -8.70 8.20
N LYS A 16 -12.05 -8.00 9.28
CA LYS A 16 -13.45 -7.81 9.73
C LYS A 16 -13.65 -6.39 10.26
N GLY A 17 -14.88 -6.00 10.42
CA GLY A 17 -15.17 -4.62 10.93
C GLY A 17 -15.70 -3.73 9.82
N GLU A 18 -15.44 -2.45 9.95
CA GLU A 18 -15.90 -1.49 8.91
C GLU A 18 -14.76 -1.10 7.97
N PHE A 19 -15.09 -0.97 6.70
CA PHE A 19 -14.05 -0.58 5.71
C PHE A 19 -14.20 0.90 5.33
N PRO A 20 -13.14 1.49 4.82
CA PRO A 20 -11.83 0.83 4.64
C PRO A 20 -11.11 0.63 5.96
N LYS A 21 -10.16 -0.29 5.96
CA LYS A 21 -9.38 -0.57 7.19
C LYS A 21 -7.93 -0.18 7.00
N ASN A 22 -7.43 0.65 7.88
CA ASN A 22 -6.01 1.07 7.76
C ASN A 22 -5.07 -0.04 8.20
N LEU A 23 -4.00 -0.21 7.45
CA LEU A 23 -3.01 -1.27 7.81
C LEU A 23 -1.69 -0.68 8.25
N VAL A 24 -1.07 0.07 7.39
CA VAL A 24 0.23 0.68 7.76
C VAL A 24 0.58 1.86 6.87
N GLN A 25 1.46 2.69 7.33
CA GLN A 25 1.85 3.87 6.52
C GLN A 25 2.92 3.52 5.51
N ILE A 26 2.96 4.25 4.44
CA ILE A 26 3.99 3.97 3.40
C ILE A 26 5.28 4.73 3.66
N LYS A 27 6.35 4.26 3.06
CA LYS A 27 7.65 4.95 3.25
C LYS A 27 8.49 4.95 1.97
N SER A 28 8.95 6.13 1.58
CA SER A 28 9.77 6.25 0.33
C SER A 28 11.19 6.73 0.67
N ASN A 29 11.97 7.00 -0.35
CA ASN A 29 13.36 7.47 -0.11
C ASN A 29 13.46 8.98 -0.29
N ARG A 30 12.93 9.47 -1.38
CA ARG A 30 12.98 10.94 -1.64
C ARG A 30 12.48 11.73 -0.43
N ASP A 31 11.87 11.05 0.49
CA ASP A 31 11.37 11.77 1.69
C ASP A 31 12.51 12.39 2.49
N LYS A 32 13.66 12.49 1.87
CA LYS A 32 14.82 13.09 2.58
C LYS A 32 15.04 14.53 2.16
N GLU A 33 14.35 14.95 1.11
CA GLU A 33 14.51 16.35 0.64
C GLU A 33 13.27 17.20 0.94
N THR A 34 12.11 16.63 0.78
CA THR A 34 10.88 17.42 1.07
C THR A 34 9.67 16.52 1.32
N LYS A 35 8.71 17.03 2.07
CA LYS A 35 7.52 16.20 2.36
C LYS A 35 7.00 15.65 1.06
N VAL A 36 7.15 14.38 0.88
CA VAL A 36 6.67 13.75 -0.38
C VAL A 36 5.31 13.06 -0.23
N PHE A 37 4.51 13.19 -1.27
CA PHE A 37 3.16 12.55 -1.26
C PHE A 37 3.25 11.25 -2.01
N TYR A 38 2.28 10.37 -1.84
CA TYR A 38 2.33 9.05 -2.56
C TYR A 38 1.20 8.83 -3.55
N SER A 39 1.32 7.70 -4.22
CA SER A 39 0.32 7.29 -5.23
C SER A 39 0.42 5.78 -5.40
N ILE A 40 -0.64 5.14 -5.85
CA ILE A 40 -0.58 3.66 -6.02
C ILE A 40 -1.20 3.20 -7.34
N THR A 41 -0.66 2.13 -7.86
CA THR A 41 -1.16 1.59 -9.14
C THR A 41 -0.74 0.12 -9.29
N GLY A 42 -1.42 -0.59 -10.16
CA GLY A 42 -1.09 -2.02 -10.38
C GLY A 42 -2.21 -2.93 -9.86
N GLN A 43 -1.93 -4.21 -9.80
CA GLN A 43 -2.96 -5.15 -9.30
C GLN A 43 -3.45 -4.72 -7.93
N GLY A 44 -4.74 -4.48 -7.84
CA GLY A 44 -5.31 -4.05 -6.53
C GLY A 44 -5.80 -2.60 -6.60
N ALA A 45 -5.35 -1.91 -7.63
CA ALA A 45 -5.76 -0.49 -7.81
C ALA A 45 -6.45 -0.32 -9.15
N ASP A 46 -5.67 -0.40 -10.19
CA ASP A 46 -6.24 -0.24 -11.55
C ASP A 46 -6.45 -1.61 -12.22
N LYS A 47 -5.71 -2.60 -11.74
CA LYS A 47 -5.85 -3.97 -12.32
C LYS A 47 -6.65 -4.90 -11.39
N PRO A 48 -7.34 -5.87 -11.97
CA PRO A 48 -8.14 -6.81 -11.19
C PRO A 48 -7.29 -7.49 -10.08
N PRO A 49 -7.77 -7.45 -8.83
CA PRO A 49 -9.03 -6.79 -8.44
C PRO A 49 -8.96 -5.28 -8.66
N VAL A 50 -9.89 -4.78 -9.42
CA VAL A 50 -9.90 -3.32 -9.68
C VAL A 50 -10.54 -2.55 -8.53
N GLY A 51 -9.73 -1.85 -7.79
CA GLY A 51 -10.28 -1.06 -6.65
C GLY A 51 -10.40 -1.87 -5.35
N VAL A 52 -9.30 -2.05 -4.68
CA VAL A 52 -9.34 -2.82 -3.41
C VAL A 52 -8.38 -2.18 -2.42
N PHE A 53 -7.20 -1.80 -2.89
CA PHE A 53 -6.21 -1.14 -1.96
C PHE A 53 -6.21 0.35 -2.22
N ILE A 54 -6.10 1.13 -1.17
CA ILE A 54 -6.09 2.60 -1.35
C ILE A 54 -5.06 3.25 -0.42
N ILE A 55 -4.54 4.38 -0.84
CA ILE A 55 -3.52 5.06 0.01
C ILE A 55 -3.75 6.56 0.07
N GLU A 56 -3.35 7.15 1.18
CA GLU A 56 -3.52 8.61 1.33
C GLU A 56 -2.28 9.32 0.79
N ARG A 57 -2.40 9.83 -0.40
CA ARG A 57 -1.25 10.54 -1.01
C ARG A 57 -0.57 11.50 -0.03
N GLU A 58 -1.24 11.80 1.05
CA GLU A 58 -0.62 12.73 2.04
C GLU A 58 0.14 11.98 3.11
N THR A 59 -0.58 11.33 3.97
CA THR A 59 0.09 10.57 5.05
C THR A 59 0.55 9.21 4.57
N GLY A 60 0.52 9.00 3.29
CA GLY A 60 0.96 7.69 2.75
C GLY A 60 0.27 6.55 3.51
N TRP A 61 -0.75 6.90 4.26
CA TRP A 61 -1.48 5.87 5.03
C TRP A 61 -2.04 4.80 4.10
N LEU A 62 -1.55 3.59 4.25
CA LEU A 62 -2.05 2.49 3.37
C LEU A 62 -3.22 1.79 4.02
N LYS A 63 -4.36 1.90 3.39
CA LYS A 63 -5.57 1.24 3.92
C LYS A 63 -6.19 0.39 2.82
N VAL A 64 -7.00 -0.56 3.20
CA VAL A 64 -7.63 -1.42 2.16
C VAL A 64 -9.13 -1.58 2.38
N THR A 65 -9.83 -1.69 1.29
CA THR A 65 -11.29 -1.86 1.39
C THR A 65 -11.63 -3.34 1.39
N GLN A 66 -11.00 -4.08 0.51
CA GLN A 66 -11.26 -5.53 0.44
C GLN A 66 -10.11 -6.32 1.11
N PRO A 67 -10.45 -7.23 2.02
CA PRO A 67 -9.42 -8.03 2.72
C PRO A 67 -8.69 -8.97 1.77
N LEU A 68 -7.58 -9.50 2.23
CA LEU A 68 -6.79 -10.41 1.36
C LEU A 68 -7.20 -11.85 1.63
N ASP A 69 -6.71 -12.75 0.81
CA ASP A 69 -7.05 -14.18 0.99
C ASP A 69 -5.80 -15.04 0.80
N ARG A 70 -5.14 -15.33 1.88
CA ARG A 70 -3.91 -16.17 1.78
C ARG A 70 -4.14 -17.42 0.95
N GLU A 71 -5.36 -17.87 0.87
CA GLU A 71 -5.63 -19.09 0.06
C GLU A 71 -5.45 -18.80 -1.42
N ALA A 72 -5.80 -17.61 -1.84
CA ALA A 72 -5.65 -17.26 -3.27
C ALA A 72 -4.32 -16.58 -3.53
N ILE A 73 -3.95 -15.69 -2.65
CA ILE A 73 -2.66 -14.97 -2.82
C ILE A 73 -1.97 -14.78 -1.48
N ALA A 74 -0.80 -15.34 -1.36
CA ALA A 74 -0.05 -15.20 -0.09
C ALA A 74 0.83 -13.96 -0.12
N LYS A 75 0.85 -13.31 -1.26
CA LYS A 75 1.69 -12.09 -1.38
C LYS A 75 1.21 -11.21 -2.52
N TYR A 76 0.84 -10.00 -2.18
CA TYR A 76 0.35 -9.05 -3.23
C TYR A 76 1.44 -8.09 -3.64
N ILE A 77 1.57 -7.88 -4.92
CA ILE A 77 2.61 -6.94 -5.42
C ILE A 77 1.94 -5.63 -5.82
N LEU A 78 2.62 -4.53 -5.56
CA LEU A 78 2.01 -3.21 -5.93
C LEU A 78 3.05 -2.25 -6.49
N TYR A 79 2.59 -1.25 -7.19
CA TYR A 79 3.52 -0.24 -7.79
C TYR A 79 3.14 1.13 -7.26
N SER A 80 4.08 1.81 -6.63
CA SER A 80 3.75 3.17 -6.08
C SER A 80 4.56 4.29 -6.72
N HIS A 81 4.04 5.49 -6.57
CA HIS A 81 4.71 6.69 -7.14
C HIS A 81 4.64 7.83 -6.11
N ALA A 82 5.61 8.72 -6.15
CA ALA A 82 5.58 9.85 -5.15
C ALA A 82 5.76 11.24 -5.80
N VAL A 83 5.08 12.21 -5.24
CA VAL A 83 5.16 13.60 -5.77
C VAL A 83 5.43 14.56 -4.62
N SER A 84 6.38 15.43 -4.79
CA SER A 84 6.66 16.38 -3.70
C SER A 84 5.42 17.20 -3.34
N SER A 85 5.14 17.28 -2.06
CA SER A 85 3.95 18.05 -1.64
C SER A 85 4.02 19.49 -2.13
N ASN A 86 5.04 19.78 -2.89
CA ASN A 86 5.18 21.17 -3.41
C ASN A 86 4.62 21.28 -4.82
N GLY A 87 4.66 20.19 -5.54
CA GLY A 87 4.12 20.20 -6.94
C GLY A 87 5.18 19.65 -7.91
N GLU A 88 6.29 19.22 -7.37
CA GLU A 88 7.37 18.67 -8.24
C GLU A 88 7.33 17.15 -8.25
N ALA A 89 7.45 16.59 -9.43
CA ALA A 89 7.43 15.12 -9.55
C ALA A 89 8.70 14.47 -8.97
N VAL A 90 8.50 13.59 -8.02
CA VAL A 90 9.66 12.90 -7.39
C VAL A 90 9.30 11.45 -7.23
N GLU A 91 8.42 11.01 -8.08
CA GLU A 91 7.96 9.62 -8.04
C GLU A 91 8.96 8.67 -8.70
N ASP A 92 8.93 7.46 -8.23
CA ASP A 92 9.84 6.43 -8.76
C ASP A 92 9.09 5.09 -8.83
N PRO A 93 9.04 4.48 -10.00
CA PRO A 93 8.34 3.21 -10.15
C PRO A 93 8.89 2.18 -9.15
N MET A 94 8.39 2.24 -7.93
CA MET A 94 8.85 1.29 -6.90
C MET A 94 7.84 0.18 -6.70
N GLU A 95 8.34 -1.02 -6.55
CA GLU A 95 7.42 -2.16 -6.36
C GLU A 95 7.27 -2.51 -4.88
N ILE A 96 6.07 -2.39 -4.39
CA ILE A 96 5.82 -2.71 -2.97
C ILE A 96 5.47 -4.18 -2.81
N VAL A 97 6.18 -4.85 -1.93
CA VAL A 97 5.91 -6.29 -1.71
C VAL A 97 5.07 -6.47 -0.45
N ILE A 98 3.84 -6.85 -0.64
CA ILE A 98 2.94 -7.05 0.54
C ILE A 98 2.67 -8.53 0.78
N THR A 99 3.10 -9.02 1.90
CA THR A 99 2.87 -10.44 2.22
C THR A 99 1.58 -10.61 3.02
N VAL A 100 0.94 -11.74 2.87
CA VAL A 100 -0.32 -11.95 3.62
C VAL A 100 -0.04 -12.61 4.97
N THR A 101 -0.88 -12.30 5.94
CA THR A 101 -0.71 -12.88 7.30
C THR A 101 -2.01 -13.48 7.80
N ASP A 102 -1.90 -14.50 8.61
CA ASP A 102 -3.12 -15.14 9.15
C ASP A 102 -4.13 -14.10 9.61
N GLN A 103 -5.36 -14.49 9.68
CA GLN A 103 -6.41 -13.53 10.13
C GLN A 103 -6.52 -13.52 11.65
N ASN A 104 -7.58 -12.91 12.12
CA ASN A 104 -7.79 -12.83 13.58
C ASN A 104 -8.86 -13.82 14.02
N ASP A 105 -8.82 -14.98 13.43
CA ASP A 105 -9.83 -16.01 13.80
C ASP A 105 -9.67 -16.46 15.25
N ASN A 106 -8.47 -16.85 15.59
CA ASN A 106 -8.21 -17.30 16.99
C ASN A 106 -9.26 -18.34 17.41
N ASP A 3 14.84 6.45 9.44
CA ASP A 3 14.40 7.17 8.21
C ASP A 3 13.36 6.35 7.46
N TRP A 4 12.91 6.89 6.36
CA TRP A 4 11.89 6.18 5.55
C TRP A 4 12.53 5.09 4.69
N VAL A 5 12.41 3.86 5.14
CA VAL A 5 13.01 2.74 4.36
C VAL A 5 12.37 1.41 4.74
N ILE A 6 11.32 1.04 4.08
CA ILE A 6 10.66 -0.25 4.40
C ILE A 6 9.89 -0.80 3.18
N PRO A 7 10.60 -1.51 2.34
CA PRO A 7 9.99 -2.09 1.14
C PRO A 7 8.95 -3.21 1.43
N PRO A 8 9.26 -4.08 2.37
CA PRO A 8 8.36 -5.18 2.73
C PRO A 8 7.15 -4.71 3.55
N ILE A 9 6.04 -5.36 3.34
CA ILE A 9 4.80 -4.99 4.08
C ILE A 9 3.99 -6.24 4.40
N SER A 10 2.98 -6.11 5.22
CA SER A 10 2.16 -7.31 5.58
C SER A 10 0.67 -6.95 5.66
N CYS A 11 -0.18 -7.90 5.32
CA CYS A 11 -1.64 -7.62 5.36
C CYS A 11 -2.42 -8.86 5.89
N PRO A 12 -3.46 -8.61 6.70
CA PRO A 12 -4.29 -9.69 7.27
C PRO A 12 -5.11 -10.43 6.23
N GLU A 13 -5.38 -11.68 6.52
CA GLU A 13 -6.17 -12.52 5.61
C GLU A 13 -7.55 -12.81 6.20
N ASN A 14 -8.48 -13.17 5.36
CA ASN A 14 -9.84 -13.48 5.85
C ASN A 14 -10.29 -12.47 6.91
N GLU A 15 -9.82 -11.26 6.79
CA GLU A 15 -10.21 -10.22 7.78
C GLU A 15 -11.72 -9.97 7.74
N LYS A 16 -12.28 -9.65 8.87
CA LYS A 16 -13.74 -9.40 8.90
C LYS A 16 -14.08 -8.37 9.97
N GLY A 17 -14.93 -7.43 9.62
CA GLY A 17 -15.32 -6.39 10.60
C GLY A 17 -15.81 -5.13 9.89
N GLU A 18 -15.13 -4.03 10.11
CA GLU A 18 -15.53 -2.76 9.46
C GLU A 18 -14.54 -2.36 8.37
N PHE A 19 -15.03 -1.68 7.37
CA PHE A 19 -14.15 -1.23 6.26
C PHE A 19 -14.48 0.20 5.85
N PRO A 20 -13.51 0.92 5.33
CA PRO A 20 -12.13 0.42 5.14
C PRO A 20 -11.38 0.31 6.46
N LYS A 21 -10.26 -0.36 6.42
CA LYS A 21 -9.44 -0.53 7.67
C LYS A 21 -7.98 -0.17 7.41
N ASN A 22 -7.45 0.69 8.21
CA ASN A 22 -6.03 1.08 8.02
C ASN A 22 -5.10 -0.02 8.50
N LEU A 23 -3.93 -0.10 7.89
CA LEU A 23 -2.97 -1.16 8.31
C LEU A 23 -1.61 -0.55 8.68
N VAL A 24 -1.03 0.19 7.78
CA VAL A 24 0.28 0.80 8.10
C VAL A 24 0.60 1.98 7.19
N GLN A 25 1.49 2.82 7.63
CA GLN A 25 1.86 3.99 6.82
C GLN A 25 2.95 3.63 5.83
N ILE A 26 3.10 4.42 4.82
CA ILE A 26 4.15 4.14 3.80
C ILE A 26 5.37 5.05 3.98
N LYS A 27 6.49 4.59 3.49
CA LYS A 27 7.73 5.39 3.61
C LYS A 27 8.56 5.29 2.32
N SER A 28 8.93 6.43 1.77
CA SER A 28 9.74 6.41 0.52
C SER A 28 11.20 6.69 0.81
N ASN A 29 11.74 7.67 0.14
CA ASN A 29 13.16 8.00 0.35
C ASN A 29 13.41 9.46 0.01
N ARG A 30 12.96 9.86 -1.15
CA ARG A 30 13.15 11.27 -1.56
C ARG A 30 12.63 12.21 -0.49
N ASP A 31 11.90 11.65 0.44
CA ASP A 31 11.34 12.47 1.53
C ASP A 31 12.45 13.08 2.38
N LYS A 32 13.64 13.04 1.87
CA LYS A 32 14.79 13.60 2.62
C LYS A 32 15.11 15.02 2.15
N GLU A 33 14.59 15.38 0.99
CA GLU A 33 14.86 16.74 0.45
C GLU A 33 13.64 17.63 0.55
N THR A 34 12.48 17.05 0.35
CA THR A 34 11.24 17.86 0.43
C THR A 34 10.03 16.97 0.70
N LYS A 35 9.04 17.52 1.37
CA LYS A 35 7.84 16.70 1.67
C LYS A 35 7.40 16.01 0.39
N VAL A 36 6.91 14.80 0.51
CA VAL A 36 6.47 14.09 -0.71
C VAL A 36 5.17 13.29 -0.51
N PHE A 37 4.33 13.33 -1.51
CA PHE A 37 3.04 12.62 -1.45
C PHE A 37 3.17 11.30 -2.20
N TYR A 38 2.27 10.38 -1.90
CA TYR A 38 2.33 9.04 -2.59
C TYR A 38 1.21 8.81 -3.58
N SER A 39 1.33 7.70 -4.25
CA SER A 39 0.34 7.29 -5.27
C SER A 39 0.51 5.80 -5.50
N ILE A 40 -0.55 5.10 -5.80
CA ILE A 40 -0.38 3.63 -6.03
C ILE A 40 -1.22 3.10 -7.18
N THR A 41 -0.70 2.07 -7.80
CA THR A 41 -1.40 1.44 -8.94
C THR A 41 -0.90 0.01 -9.14
N GLY A 42 -1.78 -0.87 -9.53
CA GLY A 42 -1.36 -2.28 -9.75
C GLY A 42 -2.40 -3.24 -9.16
N GLN A 43 -2.10 -4.50 -9.22
CA GLN A 43 -3.06 -5.49 -8.67
C GLN A 43 -3.48 -5.10 -7.26
N GLY A 44 -4.77 -4.90 -7.09
CA GLY A 44 -5.29 -4.50 -5.73
C GLY A 44 -5.85 -3.08 -5.78
N ALA A 45 -5.36 -2.31 -6.73
CA ALA A 45 -5.83 -0.90 -6.86
C ALA A 45 -6.57 -0.73 -8.18
N ASP A 46 -5.83 -0.81 -9.25
CA ASP A 46 -6.46 -0.65 -10.60
C ASP A 46 -6.53 -1.99 -11.33
N LYS A 47 -5.67 -2.91 -10.95
CA LYS A 47 -5.67 -4.24 -11.60
C LYS A 47 -6.42 -5.27 -10.75
N PRO A 48 -7.01 -6.26 -11.41
CA PRO A 48 -7.75 -7.30 -10.70
C PRO A 48 -6.85 -8.07 -9.70
N PRO A 49 -7.31 -8.23 -8.46
CA PRO A 49 -8.60 -7.69 -7.97
C PRO A 49 -8.55 -6.16 -7.89
N VAL A 50 -9.41 -5.51 -8.64
CA VAL A 50 -9.43 -4.02 -8.60
C VAL A 50 -10.21 -3.50 -7.40
N GLY A 51 -9.74 -2.40 -6.86
CA GLY A 51 -10.44 -1.82 -5.68
C GLY A 51 -10.25 -2.67 -4.43
N VAL A 52 -9.09 -2.58 -3.83
CA VAL A 52 -8.83 -3.38 -2.61
C VAL A 52 -7.90 -2.63 -1.66
N PHE A 53 -6.89 -1.98 -2.25
CA PHE A 53 -5.92 -1.20 -1.41
C PHE A 53 -5.87 0.25 -1.83
N ILE A 54 -5.89 1.12 -0.86
CA ILE A 54 -5.84 2.58 -1.16
C ILE A 54 -4.96 3.25 -0.14
N ILE A 55 -4.40 4.36 -0.52
CA ILE A 55 -3.52 5.08 0.44
C ILE A 55 -3.69 6.58 0.36
N GLU A 56 -3.50 7.22 1.48
CA GLU A 56 -3.65 8.69 1.50
C GLU A 56 -2.35 9.33 0.98
N ARG A 57 -2.36 9.68 -0.27
CA ARG A 57 -1.15 10.31 -0.85
C ARG A 57 -0.57 11.38 0.07
N GLU A 58 -1.34 11.80 1.03
CA GLU A 58 -0.84 12.84 1.96
C GLU A 58 -0.17 12.22 3.18
N THR A 59 -0.95 11.57 4.00
CA THR A 59 -0.36 10.92 5.21
C THR A 59 0.24 9.56 4.88
N GLY A 60 0.28 9.24 3.62
CA GLY A 60 0.86 7.92 3.21
C GLY A 60 0.23 6.78 4.01
N TRP A 61 -0.91 7.03 4.59
CA TRP A 61 -1.58 5.95 5.38
C TRP A 61 -2.12 4.88 4.44
N LEU A 62 -1.63 3.67 4.58
CA LEU A 62 -2.13 2.58 3.70
C LEU A 62 -3.26 1.82 4.36
N LYS A 63 -4.41 1.83 3.70
CA LYS A 63 -5.59 1.12 4.24
C LYS A 63 -6.21 0.27 3.16
N VAL A 64 -6.94 -0.75 3.56
CA VAL A 64 -7.59 -1.64 2.55
C VAL A 64 -9.10 -1.75 2.76
N THR A 65 -9.80 -1.97 1.68
CA THR A 65 -11.27 -2.10 1.76
C THR A 65 -11.67 -3.56 1.64
N GLN A 66 -10.78 -4.35 1.08
CA GLN A 66 -11.08 -5.81 0.94
C GLN A 66 -9.96 -6.68 1.52
N PRO A 67 -10.31 -7.64 2.39
CA PRO A 67 -9.33 -8.53 3.01
C PRO A 67 -8.62 -9.37 1.96
N LEU A 68 -7.56 -10.06 2.35
CA LEU A 68 -6.83 -10.91 1.37
C LEU A 68 -7.25 -12.36 1.47
N ASP A 69 -6.81 -13.15 0.52
CA ASP A 69 -7.17 -14.60 0.53
C ASP A 69 -5.97 -15.45 0.12
N ARG A 70 -5.34 -16.06 1.08
CA ARG A 70 -4.16 -16.91 0.76
C ARG A 70 -4.49 -17.90 -0.35
N GLU A 71 -5.70 -18.37 -0.36
CA GLU A 71 -6.08 -19.34 -1.41
C GLU A 71 -5.85 -18.75 -2.80
N ALA A 72 -6.05 -17.47 -2.91
CA ALA A 72 -5.84 -16.81 -4.23
C ALA A 72 -4.45 -16.22 -4.33
N ILE A 73 -4.07 -15.44 -3.35
CA ILE A 73 -2.73 -14.83 -3.37
C ILE A 73 -2.16 -14.71 -1.95
N ALA A 74 -0.98 -15.22 -1.76
CA ALA A 74 -0.36 -15.14 -0.41
C ALA A 74 0.59 -13.96 -0.33
N LYS A 75 0.71 -13.25 -1.41
CA LYS A 75 1.60 -12.07 -1.43
C LYS A 75 1.20 -11.10 -2.53
N TYR A 76 0.83 -9.91 -2.14
CA TYR A 76 0.41 -8.89 -3.15
C TYR A 76 1.55 -7.92 -3.45
N ILE A 77 1.63 -7.51 -4.71
CA ILE A 77 2.69 -6.55 -5.11
C ILE A 77 2.08 -5.35 -5.81
N LEU A 78 2.36 -4.17 -5.30
CA LEU A 78 1.78 -2.94 -5.94
C LEU A 78 2.88 -1.98 -6.38
N TYR A 79 2.55 -1.16 -7.36
CA TYR A 79 3.55 -0.19 -7.85
C TYR A 79 3.20 1.20 -7.32
N SER A 80 4.14 1.83 -6.65
CA SER A 80 3.87 3.18 -6.10
C SER A 80 4.64 4.29 -6.80
N HIS A 81 4.09 5.46 -6.70
CA HIS A 81 4.71 6.66 -7.33
C HIS A 81 4.85 7.77 -6.27
N ALA A 82 5.84 8.62 -6.42
CA ALA A 82 6.03 9.72 -5.42
C ALA A 82 6.06 11.10 -6.08
N VAL A 83 5.47 12.06 -5.40
CA VAL A 83 5.44 13.45 -5.94
C VAL A 83 5.85 14.44 -4.85
N SER A 84 6.65 15.41 -5.20
CA SER A 84 7.06 16.39 -4.16
C SER A 84 5.96 17.42 -3.90
N SER A 85 5.61 17.57 -2.66
CA SER A 85 4.56 18.55 -2.30
C SER A 85 4.88 19.94 -2.83
N ASN A 86 5.99 20.06 -3.52
CA ASN A 86 6.37 21.39 -4.05
C ASN A 86 5.78 21.59 -5.44
N GLY A 87 5.64 20.50 -6.16
CA GLY A 87 5.06 20.60 -7.54
C GLY A 87 6.00 19.92 -8.56
N GLU A 88 6.74 18.94 -8.11
CA GLU A 88 7.67 18.23 -9.02
C GLU A 88 7.50 16.72 -8.89
N ALA A 89 7.30 16.08 -10.01
CA ALA A 89 7.12 14.61 -9.97
C ALA A 89 8.42 13.90 -9.61
N VAL A 90 8.44 13.29 -8.45
CA VAL A 90 9.66 12.56 -8.00
C VAL A 90 9.33 11.10 -7.86
N GLU A 91 8.40 10.65 -8.65
CA GLU A 91 8.02 9.23 -8.58
C GLU A 91 8.99 8.32 -9.32
N ASP A 92 9.13 7.15 -8.79
CA ASP A 92 10.03 6.17 -9.39
C ASP A 92 9.37 4.78 -9.29
N PRO A 93 9.58 3.95 -10.27
CA PRO A 93 8.99 2.62 -10.25
C PRO A 93 9.35 1.89 -8.95
N MET A 94 8.51 2.05 -7.96
CA MET A 94 8.76 1.38 -6.65
C MET A 94 7.78 0.24 -6.44
N GLU A 95 8.29 -0.95 -6.31
CA GLU A 95 7.39 -2.11 -6.10
C GLU A 95 7.21 -2.42 -4.63
N ILE A 96 6.01 -2.23 -4.15
CA ILE A 96 5.73 -2.50 -2.73
C ILE A 96 5.31 -3.95 -2.55
N VAL A 97 6.00 -4.65 -1.68
CA VAL A 97 5.66 -6.08 -1.43
C VAL A 97 4.85 -6.24 -0.16
N ILE A 98 3.70 -6.88 -0.30
CA ILE A 98 2.84 -7.10 0.90
C ILE A 98 2.56 -8.58 1.07
N THR A 99 3.07 -9.14 2.13
CA THR A 99 2.86 -10.59 2.38
C THR A 99 1.58 -10.81 3.18
N VAL A 100 0.92 -11.89 2.90
CA VAL A 100 -0.34 -12.20 3.63
C VAL A 100 -0.11 -13.20 4.75
N THR A 101 -0.78 -12.99 5.85
CA THR A 101 -0.62 -13.91 7.01
C THR A 101 -1.88 -14.76 7.19
N ASP A 102 -1.70 -16.04 7.24
CA ASP A 102 -2.87 -16.94 7.42
C ASP A 102 -3.64 -16.61 8.69
N GLN A 103 -4.87 -17.08 8.75
CA GLN A 103 -5.70 -16.81 9.95
C GLN A 103 -6.49 -18.06 10.35
N ASN A 104 -7.75 -17.88 10.61
CA ASN A 104 -8.58 -19.06 11.01
C ASN A 104 -9.97 -18.97 10.41
N ASP A 105 -10.82 -18.27 11.06
CA ASP A 105 -12.21 -18.12 10.55
C ASP A 105 -12.19 -17.81 9.06
N ASN A 106 -12.75 -18.70 8.28
CA ASN A 106 -12.78 -18.48 6.82
C ASN A 106 -14.03 -17.70 6.41
N ASP A 3 15.46 5.74 8.37
CA ASP A 3 15.57 5.77 6.89
C ASP A 3 14.30 5.24 6.24
N TRP A 4 13.76 6.00 5.33
CA TRP A 4 12.53 5.55 4.65
C TRP A 4 12.84 4.53 3.57
N VAL A 5 12.86 3.28 3.97
CA VAL A 5 13.15 2.18 3.00
C VAL A 5 12.65 0.84 3.52
N ILE A 6 11.41 0.52 3.21
CA ILE A 6 10.85 -0.78 3.69
C ILE A 6 9.91 -1.39 2.65
N PRO A 7 10.49 -2.15 1.72
CA PRO A 7 9.71 -2.79 0.67
C PRO A 7 8.71 -3.86 1.19
N PRO A 8 9.15 -4.67 2.13
CA PRO A 8 8.30 -5.72 2.70
C PRO A 8 7.18 -5.14 3.57
N ILE A 9 6.00 -5.64 3.38
CA ILE A 9 4.84 -5.16 4.16
C ILE A 9 3.96 -6.34 4.56
N SER A 10 3.05 -6.11 5.48
CA SER A 10 2.16 -7.22 5.92
C SER A 10 0.70 -6.77 5.93
N CYS A 11 -0.16 -7.60 5.40
CA CYS A 11 -1.60 -7.25 5.36
C CYS A 11 -2.48 -8.49 5.66
N PRO A 12 -3.20 -8.47 6.78
CA PRO A 12 -4.05 -9.60 7.15
C PRO A 12 -5.21 -9.84 6.17
N GLU A 13 -5.87 -10.96 6.36
CA GLU A 13 -7.01 -11.32 5.49
C GLU A 13 -8.31 -11.31 6.29
N ASN A 14 -9.41 -11.13 5.61
CA ASN A 14 -10.71 -11.10 6.32
C ASN A 14 -10.62 -10.27 7.60
N GLU A 15 -10.52 -8.99 7.45
CA GLU A 15 -10.43 -8.11 8.64
C GLU A 15 -11.81 -7.75 9.14
N LYS A 16 -11.88 -6.75 9.98
CA LYS A 16 -13.19 -6.34 10.52
C LYS A 16 -13.23 -4.83 10.73
N GLY A 17 -14.40 -4.26 10.55
CA GLY A 17 -14.56 -2.79 10.73
C GLY A 17 -15.15 -2.16 9.47
N GLU A 18 -15.23 -0.85 9.46
CA GLU A 18 -15.80 -0.17 8.27
C GLU A 18 -14.72 0.11 7.24
N PHE A 19 -14.85 -0.47 6.08
CA PHE A 19 -13.83 -0.25 5.02
C PHE A 19 -13.98 1.15 4.42
N PRO A 20 -12.88 1.68 3.89
CA PRO A 20 -11.58 1.01 3.88
C PRO A 20 -10.94 1.00 5.27
N LYS A 21 -10.24 -0.06 5.57
CA LYS A 21 -9.58 -0.16 6.90
C LYS A 21 -8.10 0.15 6.80
N ASN A 22 -7.63 1.02 7.65
CA ASN A 22 -6.20 1.38 7.61
C ASN A 22 -5.33 0.19 8.00
N LEU A 23 -4.08 0.21 7.58
CA LEU A 23 -3.17 -0.92 7.91
C LEU A 23 -1.86 -0.42 8.50
N VAL A 24 -1.07 0.25 7.69
CA VAL A 24 0.22 0.77 8.20
C VAL A 24 0.77 1.89 7.32
N GLN A 25 1.65 2.67 7.87
CA GLN A 25 2.24 3.79 7.07
C GLN A 25 3.40 3.31 6.21
N ILE A 26 3.50 3.89 5.03
CA ILE A 26 4.61 3.50 4.12
C ILE A 26 5.75 4.50 4.15
N LYS A 27 6.83 4.11 3.53
CA LYS A 27 8.04 4.97 3.46
C LYS A 27 8.54 5.10 2.02
N SER A 28 8.80 6.31 1.60
CA SER A 28 9.29 6.52 0.21
C SER A 28 10.80 6.66 0.18
N ASN A 29 11.28 7.69 -0.46
CA ASN A 29 12.74 7.90 -0.52
C ASN A 29 13.08 9.38 -0.68
N ARG A 30 12.41 10.01 -1.61
CA ARG A 30 12.67 11.46 -1.82
C ARG A 30 12.11 12.29 -0.68
N ASP A 31 11.67 11.63 0.34
CA ASP A 31 11.11 12.37 1.49
C ASP A 31 12.18 13.21 2.18
N LYS A 32 13.26 13.46 1.48
CA LYS A 32 14.35 14.27 2.08
C LYS A 32 14.49 15.62 1.37
N GLU A 33 13.77 15.80 0.29
CA GLU A 33 13.85 17.10 -0.45
C GLU A 33 12.64 18.01 -0.16
N THR A 34 11.47 17.42 -0.14
CA THR A 34 10.25 18.23 0.14
C THR A 34 9.10 17.34 0.59
N LYS A 35 8.10 17.94 1.21
CA LYS A 35 6.95 17.11 1.67
C LYS A 35 6.54 16.22 0.52
N VAL A 36 6.79 14.95 0.67
CA VAL A 36 6.42 14.01 -0.41
C VAL A 36 5.11 13.28 -0.16
N PHE A 37 4.30 13.25 -1.19
CA PHE A 37 3.00 12.57 -1.10
C PHE A 37 3.14 11.20 -1.73
N TYR A 38 2.29 10.28 -1.35
CA TYR A 38 2.38 8.91 -1.93
C TYR A 38 1.37 8.65 -3.03
N SER A 39 1.61 7.57 -3.72
CA SER A 39 0.75 7.15 -4.84
C SER A 39 1.01 5.66 -5.11
N ILE A 40 -0.03 4.89 -5.28
CA ILE A 40 0.18 3.43 -5.54
C ILE A 40 -0.67 2.91 -6.68
N THR A 41 -0.15 1.91 -7.35
CA THR A 41 -0.89 1.32 -8.49
C THR A 41 -0.41 -0.12 -8.73
N GLY A 42 -1.24 -0.89 -9.39
CA GLY A 42 -0.86 -2.31 -9.67
C GLY A 42 -1.98 -3.26 -9.24
N GLN A 43 -1.72 -4.54 -9.30
CA GLN A 43 -2.76 -5.51 -8.90
C GLN A 43 -3.28 -5.19 -7.50
N GLY A 44 -4.50 -4.70 -7.45
CA GLY A 44 -5.10 -4.34 -6.13
C GLY A 44 -5.66 -2.92 -6.17
N ALA A 45 -5.11 -2.12 -7.04
CA ALA A 45 -5.58 -0.72 -7.17
C ALA A 45 -6.26 -0.50 -8.52
N ASP A 46 -5.50 -0.69 -9.58
CA ASP A 46 -6.07 -0.52 -10.94
C ASP A 46 -6.07 -1.83 -11.70
N LYS A 47 -5.20 -2.73 -11.29
CA LYS A 47 -5.13 -4.05 -11.97
C LYS A 47 -5.90 -5.11 -11.17
N PRO A 48 -6.44 -6.10 -11.87
CA PRO A 48 -7.18 -7.17 -11.21
C PRO A 48 -6.31 -7.91 -10.18
N PRO A 49 -6.80 -8.03 -8.94
CA PRO A 49 -8.09 -7.47 -8.49
C PRO A 49 -8.08 -5.94 -8.48
N VAL A 50 -8.95 -5.36 -9.25
CA VAL A 50 -8.99 -3.87 -9.30
C VAL A 50 -9.77 -3.31 -8.11
N GLY A 51 -9.21 -2.31 -7.47
CA GLY A 51 -9.91 -1.71 -6.30
C GLY A 51 -9.80 -2.60 -5.06
N VAL A 52 -8.72 -2.45 -4.33
CA VAL A 52 -8.54 -3.28 -3.11
C VAL A 52 -7.61 -2.58 -2.12
N PHE A 53 -6.61 -1.90 -2.66
CA PHE A 53 -5.63 -1.18 -1.78
C PHE A 53 -5.61 0.32 -2.08
N ILE A 54 -5.59 1.10 -1.05
CA ILE A 54 -5.57 2.57 -1.23
C ILE A 54 -4.65 3.21 -0.21
N ILE A 55 -3.74 4.01 -0.71
CA ILE A 55 -2.79 4.69 0.20
C ILE A 55 -3.13 6.16 0.39
N GLU A 56 -2.82 6.67 1.55
CA GLU A 56 -3.11 8.10 1.82
C GLU A 56 -2.05 8.95 1.16
N ARG A 57 -2.36 9.42 0.02
CA ARG A 57 -1.41 10.27 -0.73
C ARG A 57 -0.77 11.34 0.16
N GLU A 58 -1.41 11.68 1.25
CA GLU A 58 -0.82 12.71 2.14
C GLU A 58 0.09 12.13 3.22
N THR A 59 -0.47 11.42 4.15
CA THR A 59 0.36 10.82 5.23
C THR A 59 1.07 9.55 4.79
N GLY A 60 0.53 8.90 3.82
CA GLY A 60 1.18 7.64 3.34
C GLY A 60 0.60 6.44 4.08
N TRP A 61 -0.53 6.65 4.72
CA TRP A 61 -1.18 5.56 5.47
C TRP A 61 -1.78 4.56 4.50
N LEU A 62 -1.27 3.36 4.51
CA LEU A 62 -1.81 2.33 3.60
C LEU A 62 -3.08 1.73 4.16
N LYS A 63 -4.14 1.86 3.40
CA LYS A 63 -5.45 1.32 3.84
C LYS A 63 -5.98 0.36 2.77
N VAL A 64 -6.90 -0.49 3.16
CA VAL A 64 -7.46 -1.45 2.17
C VAL A 64 -8.98 -1.35 2.09
N THR A 65 -9.49 -1.48 0.89
CA THR A 65 -10.95 -1.40 0.71
C THR A 65 -11.54 -2.78 0.86
N GLN A 66 -10.69 -3.77 0.70
CA GLN A 66 -11.17 -5.17 0.83
C GLN A 66 -10.07 -6.04 1.47
N PRO A 67 -10.44 -6.92 2.40
CA PRO A 67 -9.47 -7.78 3.06
C PRO A 67 -8.75 -8.67 2.07
N LEU A 68 -7.64 -9.24 2.49
CA LEU A 68 -6.90 -10.12 1.55
C LEU A 68 -7.40 -11.54 1.67
N ASP A 69 -6.98 -12.40 0.77
CA ASP A 69 -7.44 -13.80 0.84
C ASP A 69 -6.38 -14.77 0.33
N ARG A 70 -5.79 -15.51 1.23
CA ARG A 70 -4.75 -16.47 0.82
C ARG A 70 -5.29 -17.42 -0.25
N GLU A 71 -6.54 -17.79 -0.11
CA GLU A 71 -7.14 -18.70 -1.11
C GLU A 71 -6.86 -18.21 -2.51
N ALA A 72 -6.72 -16.91 -2.64
CA ALA A 72 -6.45 -16.33 -3.96
C ALA A 72 -4.97 -15.94 -4.09
N ILE A 73 -4.49 -15.21 -3.11
CA ILE A 73 -3.08 -14.78 -3.16
C ILE A 73 -2.52 -14.62 -1.75
N ALA A 74 -1.34 -15.14 -1.54
CA ALA A 74 -0.71 -15.02 -0.19
C ALA A 74 0.26 -13.86 -0.16
N LYS A 75 0.47 -13.25 -1.30
CA LYS A 75 1.41 -12.10 -1.35
C LYS A 75 1.05 -11.18 -2.52
N TYR A 76 0.78 -9.94 -2.20
CA TYR A 76 0.42 -8.96 -3.27
C TYR A 76 1.61 -8.08 -3.65
N ILE A 77 1.79 -7.91 -4.94
CA ILE A 77 2.92 -7.07 -5.42
C ILE A 77 2.40 -5.73 -5.92
N LEU A 78 2.68 -4.68 -5.19
CA LEU A 78 2.20 -3.33 -5.61
C LEU A 78 3.34 -2.44 -6.07
N TYR A 79 2.99 -1.38 -6.76
CA TYR A 79 4.02 -0.43 -7.26
C TYR A 79 3.72 0.96 -6.72
N SER A 80 4.71 1.59 -6.13
CA SER A 80 4.48 2.95 -5.57
C SER A 80 5.19 4.05 -6.34
N HIS A 81 4.66 5.24 -6.20
CA HIS A 81 5.22 6.42 -6.88
C HIS A 81 5.15 7.62 -5.91
N ALA A 82 6.10 8.51 -6.00
CA ALA A 82 6.09 9.70 -5.09
C ALA A 82 5.86 11.02 -5.84
N VAL A 83 5.12 11.90 -5.19
CA VAL A 83 4.84 13.24 -5.82
C VAL A 83 4.93 14.33 -4.76
N SER A 84 5.56 15.42 -5.08
CA SER A 84 5.67 16.50 -4.08
C SER A 84 4.31 17.09 -3.73
N SER A 85 4.10 17.34 -2.47
CA SER A 85 2.80 17.91 -2.02
C SER A 85 2.45 19.23 -2.72
N ASN A 86 3.26 19.64 -3.66
CA ASN A 86 2.95 20.92 -4.38
C ASN A 86 2.45 20.66 -5.79
N GLY A 87 2.72 19.48 -6.30
CA GLY A 87 2.26 19.14 -7.69
C GLY A 87 3.45 18.79 -8.60
N GLU A 88 4.61 18.63 -8.02
CA GLU A 88 5.80 18.29 -8.85
C GLU A 88 6.08 16.79 -8.80
N ALA A 89 6.30 16.21 -9.94
CA ALA A 89 6.58 14.76 -9.99
C ALA A 89 7.94 14.42 -9.41
N VAL A 90 7.94 13.54 -8.44
CA VAL A 90 9.20 13.12 -7.79
C VAL A 90 9.10 11.62 -7.51
N GLU A 91 8.29 10.99 -8.31
CA GLU A 91 8.09 9.54 -8.16
C GLU A 91 9.21 8.71 -8.77
N ASP A 92 9.40 7.56 -8.17
CA ASP A 92 10.45 6.63 -8.66
C ASP A 92 9.89 5.20 -8.64
N PRO A 93 10.14 4.44 -9.69
CA PRO A 93 9.65 3.07 -9.77
C PRO A 93 10.04 2.26 -8.54
N MET A 94 9.09 2.04 -7.66
CA MET A 94 9.40 1.25 -6.42
C MET A 94 8.41 0.10 -6.26
N GLU A 95 8.90 -1.11 -6.31
CA GLU A 95 8.01 -2.28 -6.16
C GLU A 95 7.82 -2.64 -4.69
N ILE A 96 6.62 -2.49 -4.21
CA ILE A 96 6.34 -2.82 -2.79
C ILE A 96 5.80 -4.25 -2.66
N VAL A 97 6.43 -5.01 -1.80
CA VAL A 97 5.99 -6.42 -1.60
C VAL A 97 5.15 -6.53 -0.33
N ILE A 98 3.93 -6.97 -0.49
CA ILE A 98 3.03 -7.12 0.69
C ILE A 98 2.65 -8.57 0.92
N THR A 99 3.11 -9.10 2.02
CA THR A 99 2.78 -10.52 2.33
C THR A 99 1.49 -10.60 3.13
N VAL A 100 0.78 -11.68 2.94
CA VAL A 100 -0.50 -11.86 3.68
C VAL A 100 -0.38 -12.89 4.80
N THR A 101 -0.89 -12.56 5.95
CA THR A 101 -0.81 -13.50 7.10
C THR A 101 -2.05 -14.39 7.11
N ASP A 102 -1.90 -15.59 7.57
CA ASP A 102 -3.07 -16.50 7.60
C ASP A 102 -3.82 -16.39 8.94
N GLN A 103 -5.13 -16.37 8.85
CA GLN A 103 -5.95 -16.27 10.09
C GLN A 103 -6.53 -17.63 10.45
N ASN A 104 -7.65 -17.96 9.86
CA ASN A 104 -8.28 -19.27 10.16
C ASN A 104 -9.22 -19.70 9.04
N ASP A 105 -8.65 -20.24 7.99
CA ASP A 105 -9.50 -20.68 6.86
C ASP A 105 -10.31 -21.92 7.23
N ASN A 106 -11.10 -22.38 6.30
CA ASN A 106 -11.93 -23.58 6.58
C ASN A 106 -11.05 -24.78 6.93
N ASP A 3 13.39 7.47 9.25
CA ASP A 3 14.02 6.35 8.50
C ASP A 3 12.99 5.65 7.61
N TRP A 4 12.71 6.25 6.49
CA TRP A 4 11.71 5.64 5.56
C TRP A 4 12.37 4.66 4.59
N VAL A 5 12.48 3.40 4.99
CA VAL A 5 13.11 2.41 4.07
C VAL A 5 12.68 0.97 4.41
N ILE A 6 11.59 0.53 3.83
CA ILE A 6 11.11 -0.84 4.11
C ILE A 6 10.12 -1.33 3.02
N PRO A 7 10.66 -1.90 1.95
CA PRO A 7 9.84 -2.39 0.84
C PRO A 7 8.85 -3.53 1.24
N PRO A 8 9.31 -4.46 2.04
CA PRO A 8 8.47 -5.58 2.48
C PRO A 8 7.37 -5.13 3.46
N ILE A 9 6.20 -5.73 3.31
CA ILE A 9 5.07 -5.36 4.21
C ILE A 9 4.25 -6.60 4.54
N SER A 10 3.37 -6.47 5.53
CA SER A 10 2.53 -7.63 5.92
C SER A 10 1.04 -7.25 5.94
N CYS A 11 0.20 -8.18 5.56
CA CYS A 11 -1.26 -7.90 5.55
C CYS A 11 -2.07 -9.13 6.04
N PRO A 12 -2.77 -8.99 7.16
CA PRO A 12 -3.57 -10.10 7.69
C PRO A 12 -4.74 -10.45 6.78
N GLU A 13 -5.22 -11.68 6.90
CA GLU A 13 -6.36 -12.11 6.04
C GLU A 13 -7.59 -12.39 6.88
N ASN A 14 -8.71 -12.51 6.23
CA ASN A 14 -9.97 -12.78 6.96
C ASN A 14 -10.10 -11.86 8.18
N GLU A 15 -9.29 -10.84 8.23
CA GLU A 15 -9.37 -9.91 9.39
C GLU A 15 -10.76 -9.30 9.47
N LYS A 16 -11.29 -9.26 10.66
CA LYS A 16 -12.64 -8.67 10.84
C LYS A 16 -12.56 -7.19 11.18
N GLY A 17 -13.67 -6.51 11.03
CA GLY A 17 -13.67 -5.04 11.34
C GLY A 17 -14.51 -4.29 10.30
N GLU A 18 -14.78 -3.04 10.57
CA GLU A 18 -15.58 -2.25 9.62
C GLU A 18 -14.69 -1.71 8.50
N PHE A 19 -14.89 -2.21 7.31
CA PHE A 19 -14.06 -1.73 6.18
C PHE A 19 -14.66 -0.45 5.60
N PRO A 20 -13.82 0.37 4.99
CA PRO A 20 -12.37 0.12 4.89
C PRO A 20 -11.66 0.31 6.23
N LYS A 21 -10.45 -0.21 6.32
CA LYS A 21 -9.68 -0.07 7.59
C LYS A 21 -8.21 0.22 7.31
N ASN A 22 -7.61 1.00 8.18
CA ASN A 22 -6.19 1.34 8.00
C ASN A 22 -5.29 0.16 8.38
N LEU A 23 -4.12 0.11 7.77
CA LEU A 23 -3.17 -1.02 8.08
C LEU A 23 -1.82 -0.47 8.52
N VAL A 24 -1.12 0.16 7.63
CA VAL A 24 0.20 0.71 8.00
C VAL A 24 0.59 1.88 7.09
N GLN A 25 1.50 2.69 7.56
CA GLN A 25 1.94 3.85 6.75
C GLN A 25 3.03 3.43 5.77
N ILE A 26 3.12 4.13 4.67
CA ILE A 26 4.16 3.79 3.67
C ILE A 26 5.43 4.60 3.88
N LYS A 27 6.48 4.18 3.21
CA LYS A 27 7.78 4.90 3.35
C LYS A 27 8.47 5.00 1.98
N SER A 28 8.82 6.22 1.61
CA SER A 28 9.51 6.42 0.29
C SER A 28 11.01 6.57 0.49
N ASN A 29 11.51 7.74 0.18
CA ASN A 29 12.96 7.97 0.35
C ASN A 29 13.27 9.45 0.18
N ARG A 30 12.83 10.01 -0.91
CA ARG A 30 13.08 11.44 -1.15
C ARG A 30 12.36 12.29 -0.10
N ASP A 31 11.68 11.63 0.78
CA ASP A 31 10.94 12.37 1.83
C ASP A 31 11.90 13.07 2.77
N LYS A 32 13.12 13.27 2.32
CA LYS A 32 14.13 13.94 3.16
C LYS A 32 14.52 15.30 2.59
N GLU A 33 14.05 15.59 1.40
CA GLU A 33 14.40 16.92 0.78
C GLU A 33 13.18 17.82 0.65
N THR A 34 12.03 17.23 0.45
CA THR A 34 10.82 18.06 0.32
C THR A 34 9.55 17.24 0.56
N LYS A 35 8.51 17.90 1.02
CA LYS A 35 7.25 17.16 1.27
C LYS A 35 6.95 16.29 0.07
N VAL A 36 6.70 15.02 0.32
CA VAL A 36 6.40 14.09 -0.81
C VAL A 36 5.07 13.36 -0.64
N PHE A 37 4.31 13.37 -1.70
CA PHE A 37 2.98 12.69 -1.69
C PHE A 37 3.12 11.33 -2.34
N TYR A 38 2.19 10.42 -2.08
CA TYR A 38 2.30 9.05 -2.70
C TYR A 38 1.24 8.77 -3.76
N SER A 39 1.45 7.67 -4.46
CA SER A 39 0.50 7.24 -5.53
C SER A 39 0.57 5.72 -5.66
N ILE A 40 -0.49 5.11 -6.15
CA ILE A 40 -0.48 3.61 -6.29
C ILE A 40 -1.08 3.13 -7.60
N THR A 41 -0.58 2.00 -8.06
CA THR A 41 -1.08 1.42 -9.32
C THR A 41 -0.74 -0.06 -9.39
N GLY A 42 -1.69 -0.86 -9.86
CA GLY A 42 -1.42 -2.35 -9.97
C GLY A 42 -2.55 -3.18 -9.34
N GLN A 43 -2.36 -4.47 -9.34
CA GLN A 43 -3.37 -5.38 -8.77
C GLN A 43 -3.77 -4.92 -7.39
N GLY A 44 -5.04 -5.05 -7.10
CA GLY A 44 -5.51 -4.62 -5.76
C GLY A 44 -6.06 -3.19 -5.82
N ALA A 45 -5.61 -2.45 -6.81
CA ALA A 45 -6.08 -1.05 -6.96
C ALA A 45 -6.84 -0.86 -8.26
N ASP A 46 -6.10 -0.77 -9.35
CA ASP A 46 -6.76 -0.59 -10.67
C ASP A 46 -6.90 -1.93 -11.39
N LYS A 47 -6.01 -2.84 -11.09
CA LYS A 47 -6.07 -4.17 -11.76
C LYS A 47 -6.66 -5.23 -10.81
N PRO A 48 -7.31 -6.23 -11.38
CA PRO A 48 -7.92 -7.31 -10.60
C PRO A 48 -6.90 -7.97 -9.65
N PRO A 49 -7.27 -8.14 -8.38
CA PRO A 49 -8.57 -7.70 -7.83
C PRO A 49 -8.66 -6.17 -7.79
N VAL A 50 -9.63 -5.64 -8.47
CA VAL A 50 -9.79 -4.17 -8.48
C VAL A 50 -10.49 -3.67 -7.23
N GLY A 51 -10.06 -2.54 -6.74
CA GLY A 51 -10.68 -1.97 -5.52
C GLY A 51 -10.45 -2.86 -4.29
N VAL A 52 -9.27 -2.79 -3.74
CA VAL A 52 -8.96 -3.62 -2.54
C VAL A 52 -8.06 -2.85 -1.60
N PHE A 53 -7.09 -2.13 -2.18
CA PHE A 53 -6.14 -1.34 -1.34
C PHE A 53 -6.23 0.15 -1.69
N ILE A 54 -6.02 0.99 -0.71
CA ILE A 54 -6.09 2.45 -0.96
C ILE A 54 -4.98 3.15 -0.16
N ILE A 55 -4.46 4.23 -0.70
CA ILE A 55 -3.37 4.95 0.02
C ILE A 55 -3.66 6.44 0.16
N GLU A 56 -3.14 7.01 1.21
CA GLU A 56 -3.36 8.45 1.43
C GLU A 56 -2.26 9.26 0.74
N ARG A 57 -2.58 9.82 -0.38
CA ARG A 57 -1.60 10.62 -1.13
C ARG A 57 -0.81 11.56 -0.21
N GLU A 58 -1.42 11.95 0.88
CA GLU A 58 -0.72 12.88 1.82
C GLU A 58 -0.01 12.13 2.95
N THR A 59 -0.78 11.51 3.81
CA THR A 59 -0.16 10.76 4.93
C THR A 59 0.36 9.40 4.48
N GLY A 60 0.35 9.16 3.20
CA GLY A 60 0.83 7.85 2.69
C GLY A 60 0.30 6.71 3.56
N TRP A 61 -0.84 6.91 4.15
CA TRP A 61 -1.42 5.84 5.00
C TRP A 61 -1.97 4.73 4.15
N LEU A 62 -1.55 3.52 4.41
CA LEU A 62 -2.05 2.38 3.61
C LEU A 62 -3.25 1.72 4.29
N LYS A 63 -4.38 1.81 3.64
CA LYS A 63 -5.61 1.21 4.19
C LYS A 63 -6.20 0.24 3.18
N VAL A 64 -7.02 -0.67 3.63
CA VAL A 64 -7.62 -1.64 2.66
C VAL A 64 -9.13 -1.71 2.79
N THR A 65 -9.76 -1.92 1.67
CA THR A 65 -11.24 -2.01 1.67
C THR A 65 -11.66 -3.45 1.90
N GLN A 66 -10.77 -4.36 1.60
CA GLN A 66 -11.09 -5.80 1.80
C GLN A 66 -9.88 -6.56 2.38
N PRO A 67 -10.13 -7.50 3.29
CA PRO A 67 -9.05 -8.28 3.90
C PRO A 67 -8.30 -9.06 2.85
N LEU A 68 -7.31 -9.82 3.27
CA LEU A 68 -6.54 -10.61 2.28
C LEU A 68 -7.14 -11.98 2.09
N ASP A 69 -6.90 -12.54 0.93
CA ASP A 69 -7.45 -13.89 0.62
C ASP A 69 -6.32 -14.89 0.39
N ARG A 70 -5.89 -15.52 1.44
CA ARG A 70 -4.81 -16.51 1.30
C ARG A 70 -5.21 -17.67 0.38
N GLU A 71 -6.50 -17.82 0.18
CA GLU A 71 -6.96 -18.92 -0.71
C GLU A 71 -6.71 -18.58 -2.17
N ALA A 72 -6.43 -17.33 -2.44
CA ALA A 72 -6.17 -16.91 -3.85
C ALA A 72 -4.79 -16.29 -4.00
N ILE A 73 -4.45 -15.44 -3.07
CA ILE A 73 -3.10 -14.78 -3.13
C ILE A 73 -2.43 -14.76 -1.76
N ALA A 74 -1.19 -15.12 -1.73
CA ALA A 74 -0.44 -15.14 -0.44
C ALA A 74 0.51 -13.95 -0.37
N LYS A 75 0.60 -13.23 -1.46
CA LYS A 75 1.50 -12.05 -1.51
C LYS A 75 1.08 -11.13 -2.65
N TYR A 76 0.75 -9.90 -2.32
CA TYR A 76 0.34 -8.93 -3.36
C TYR A 76 1.47 -7.99 -3.77
N ILE A 77 1.47 -7.61 -5.01
CA ILE A 77 2.52 -6.70 -5.53
C ILE A 77 1.88 -5.35 -5.86
N LEU A 78 2.54 -4.28 -5.49
CA LEU A 78 1.95 -2.93 -5.79
C LEU A 78 3.00 -1.93 -6.27
N TYR A 79 2.67 -1.20 -7.32
CA TYR A 79 3.64 -0.20 -7.84
C TYR A 79 3.27 1.16 -7.31
N SER A 80 4.24 1.86 -6.76
CA SER A 80 3.94 3.21 -6.20
C SER A 80 4.74 4.32 -6.86
N HIS A 81 4.18 5.50 -6.79
CA HIS A 81 4.82 6.70 -7.39
C HIS A 81 4.79 7.84 -6.37
N ALA A 82 5.77 8.73 -6.42
CA ALA A 82 5.78 9.86 -5.44
C ALA A 82 5.91 11.23 -6.11
N VAL A 83 5.19 12.20 -5.59
CA VAL A 83 5.26 13.58 -6.18
C VAL A 83 5.46 14.61 -5.08
N SER A 84 6.38 15.52 -5.29
CA SER A 84 6.63 16.55 -4.26
C SER A 84 5.46 17.52 -4.15
N SER A 85 4.96 17.66 -2.94
CA SER A 85 3.81 18.58 -2.74
C SER A 85 4.19 20.01 -3.11
N ASN A 86 5.35 20.17 -3.68
CA ASN A 86 5.78 21.54 -4.07
C ASN A 86 5.45 21.81 -5.52
N GLY A 87 5.18 20.75 -6.25
CA GLY A 87 4.83 20.90 -7.69
C GLY A 87 5.94 20.29 -8.57
N GLU A 88 6.55 19.26 -8.07
CA GLU A 88 7.65 18.60 -8.84
C GLU A 88 7.56 17.09 -8.73
N ALA A 89 7.63 16.44 -9.86
CA ALA A 89 7.55 14.96 -9.85
C ALA A 89 8.81 14.33 -9.24
N VAL A 90 8.60 13.48 -8.26
CA VAL A 90 9.75 12.80 -7.61
C VAL A 90 9.46 11.32 -7.50
N GLU A 91 8.59 10.86 -8.36
CA GLU A 91 8.24 9.43 -8.33
C GLU A 91 9.27 8.57 -9.01
N ASP A 92 9.30 7.35 -8.58
CA ASP A 92 10.25 6.39 -9.17
C ASP A 92 9.63 4.99 -9.10
N PRO A 93 9.88 4.19 -10.12
CA PRO A 93 9.31 2.86 -10.14
C PRO A 93 9.64 2.11 -8.85
N MET A 94 8.76 2.24 -7.86
CA MET A 94 8.99 1.56 -6.57
C MET A 94 8.01 0.44 -6.38
N GLU A 95 8.52 -0.76 -6.32
CA GLU A 95 7.62 -1.91 -6.14
C GLU A 95 7.41 -2.20 -4.66
N ILE A 96 6.19 -2.51 -4.32
CA ILE A 96 5.87 -2.82 -2.90
C ILE A 96 5.48 -4.29 -2.77
N VAL A 97 6.17 -4.97 -1.90
CA VAL A 97 5.86 -6.40 -1.69
C VAL A 97 5.03 -6.60 -0.43
N ILE A 98 3.78 -6.94 -0.62
CA ILE A 98 2.88 -7.14 0.54
C ILE A 98 2.64 -8.63 0.75
N THR A 99 3.17 -9.15 1.83
CA THR A 99 2.98 -10.60 2.10
C THR A 99 1.79 -10.83 3.04
N VAL A 100 1.09 -11.93 2.82
CA VAL A 100 -0.08 -12.23 3.69
C VAL A 100 0.30 -13.24 4.78
N THR A 101 -0.16 -12.98 5.99
CA THR A 101 0.15 -13.91 7.12
C THR A 101 -1.09 -14.65 7.58
N ASP A 102 -1.14 -15.93 7.29
CA ASP A 102 -2.32 -16.74 7.70
C ASP A 102 -2.71 -16.50 9.15
N GLN A 103 -3.93 -16.85 9.48
CA GLN A 103 -4.42 -16.66 10.87
C GLN A 103 -4.43 -17.98 11.63
N ASN A 104 -4.35 -19.06 10.91
CA ASN A 104 -4.37 -20.40 11.56
C ASN A 104 -5.57 -20.54 12.51
N ASP A 105 -6.64 -21.03 11.98
CA ASP A 105 -7.86 -21.20 12.82
C ASP A 105 -8.90 -22.07 12.11
N ASN A 106 -8.44 -23.06 11.40
CA ASN A 106 -9.38 -23.94 10.68
C ASN A 106 -10.18 -24.80 11.67
N ASP A 3 14.23 6.02 8.51
CA ASP A 3 14.61 5.75 7.09
C ASP A 3 13.46 5.11 6.31
N TRP A 4 12.94 5.83 5.36
CA TRP A 4 11.82 5.27 4.58
C TRP A 4 12.34 4.30 3.51
N VAL A 5 12.47 3.04 3.90
CA VAL A 5 12.97 2.01 2.95
C VAL A 5 12.58 0.61 3.43
N ILE A 6 11.50 0.08 2.91
CA ILE A 6 11.08 -1.28 3.33
C ILE A 6 10.14 -1.94 2.31
N PRO A 7 10.72 -2.62 1.35
CA PRO A 7 9.94 -3.29 0.31
C PRO A 7 9.03 -4.43 0.85
N PRO A 8 9.56 -5.24 1.76
CA PRO A 8 8.80 -6.35 2.33
C PRO A 8 7.76 -5.87 3.36
N ILE A 9 6.57 -6.43 3.27
CA ILE A 9 5.50 -6.03 4.22
C ILE A 9 4.61 -7.23 4.54
N SER A 10 3.74 -7.06 5.52
CA SER A 10 2.82 -8.17 5.90
C SER A 10 1.41 -7.65 6.13
N CYS A 11 0.43 -8.39 5.64
CA CYS A 11 -0.98 -7.95 5.82
C CYS A 11 -1.91 -9.15 6.14
N PRO A 12 -2.69 -9.03 7.23
CA PRO A 12 -3.62 -10.11 7.63
C PRO A 12 -4.77 -10.33 6.64
N GLU A 13 -5.45 -11.43 6.84
CA GLU A 13 -6.60 -11.77 5.96
C GLU A 13 -7.86 -11.89 6.79
N ASN A 14 -8.97 -11.93 6.12
CA ASN A 14 -10.26 -12.05 6.84
C ASN A 14 -10.48 -10.89 7.80
N GLU A 15 -9.91 -9.77 7.49
CA GLU A 15 -10.08 -8.60 8.39
C GLU A 15 -11.48 -8.02 8.26
N LYS A 16 -12.31 -8.31 9.21
CA LYS A 16 -13.70 -7.77 9.16
C LYS A 16 -13.80 -6.43 9.88
N GLY A 17 -14.85 -5.70 9.60
CA GLY A 17 -15.04 -4.38 10.24
C GLY A 17 -15.50 -3.35 9.21
N GLU A 18 -15.46 -2.10 9.58
CA GLU A 18 -15.88 -1.05 8.63
C GLU A 18 -14.79 -0.75 7.62
N PHE A 19 -15.13 -0.83 6.36
CA PHE A 19 -14.12 -0.55 5.31
C PHE A 19 -14.24 0.88 4.81
N PRO A 20 -13.15 1.43 4.31
CA PRO A 20 -11.84 0.74 4.30
C PRO A 20 -11.20 0.74 5.68
N LYS A 21 -10.01 0.19 5.76
CA LYS A 21 -9.30 0.13 7.06
C LYS A 21 -7.82 0.41 6.89
N ASN A 22 -7.28 1.22 7.75
CA ASN A 22 -5.83 1.55 7.64
C ASN A 22 -4.96 0.38 8.11
N LEU A 23 -3.80 0.25 7.51
CA LEU A 23 -2.87 -0.86 7.89
C LEU A 23 -1.52 -0.32 8.36
N VAL A 24 -0.80 0.29 7.46
CA VAL A 24 0.53 0.83 7.85
C VAL A 24 0.91 2.01 6.96
N GLN A 25 1.82 2.83 7.44
CA GLN A 25 2.24 4.00 6.63
C GLN A 25 3.17 3.58 5.51
N ILE A 26 3.19 4.37 4.47
CA ILE A 26 4.08 4.05 3.33
C ILE A 26 5.44 4.68 3.53
N LYS A 27 6.40 4.26 2.74
CA LYS A 27 7.76 4.82 2.88
C LYS A 27 8.44 5.04 1.52
N SER A 28 8.66 6.29 1.20
CA SER A 28 9.32 6.61 -0.10
C SER A 28 10.80 6.87 0.11
N ASN A 29 11.23 8.07 -0.16
CA ASN A 29 12.66 8.39 0.02
C ASN A 29 12.89 9.90 0.00
N ARG A 30 12.32 10.56 -0.98
CA ARG A 30 12.50 12.04 -1.05
C ARG A 30 11.74 12.74 0.07
N ASP A 31 11.19 11.97 0.95
CA ASP A 31 10.43 12.56 2.07
C ASP A 31 11.36 13.30 3.02
N LYS A 32 12.50 13.70 2.51
CA LYS A 32 13.47 14.44 3.37
C LYS A 32 13.85 15.78 2.74
N GLU A 33 13.26 16.07 1.59
CA GLU A 33 13.57 17.37 0.91
C GLU A 33 12.33 18.25 0.81
N THR A 34 11.21 17.63 0.58
CA THR A 34 9.95 18.42 0.46
C THR A 34 8.73 17.54 0.68
N LYS A 35 7.67 18.11 1.19
CA LYS A 35 6.46 17.29 1.42
C LYS A 35 6.16 16.46 0.19
N VAL A 36 6.32 15.16 0.34
CA VAL A 36 6.06 14.26 -0.81
C VAL A 36 4.69 13.58 -0.71
N PHE A 37 4.02 13.53 -1.82
CA PHE A 37 2.68 12.90 -1.86
C PHE A 37 2.84 11.49 -2.38
N TYR A 38 1.88 10.63 -2.11
CA TYR A 38 2.00 9.22 -2.61
C TYR A 38 1.02 8.85 -3.71
N SER A 39 1.38 7.80 -4.40
CA SER A 39 0.54 7.30 -5.51
C SER A 39 0.62 5.77 -5.53
N ILE A 40 -0.42 5.12 -5.99
CA ILE A 40 -0.40 3.63 -6.02
C ILE A 40 -0.98 3.07 -7.31
N THR A 41 -0.42 1.97 -7.73
CA THR A 41 -0.90 1.33 -8.97
C THR A 41 -0.47 -0.14 -9.00
N GLY A 42 -1.23 -0.95 -9.70
CA GLY A 42 -0.89 -2.41 -9.78
C GLY A 42 -2.07 -3.26 -9.31
N GLN A 43 -1.91 -4.56 -9.41
CA GLN A 43 -3.02 -5.44 -8.98
C GLN A 43 -3.50 -5.05 -7.58
N GLY A 44 -4.79 -4.95 -7.44
CA GLY A 44 -5.36 -4.57 -6.11
C GLY A 44 -5.79 -3.10 -6.12
N ALA A 45 -5.23 -2.36 -7.05
CA ALA A 45 -5.58 -0.92 -7.15
C ALA A 45 -6.24 -0.64 -8.48
N ASP A 46 -5.44 -0.56 -9.52
CA ASP A 46 -5.99 -0.29 -10.87
C ASP A 46 -6.04 -1.57 -11.70
N LYS A 47 -5.22 -2.53 -11.32
CA LYS A 47 -5.20 -3.81 -12.07
C LYS A 47 -6.01 -4.88 -11.33
N PRO A 48 -6.59 -5.80 -12.08
CA PRO A 48 -7.38 -6.88 -11.48
C PRO A 48 -6.53 -7.72 -10.50
N PRO A 49 -7.04 -7.94 -9.29
CA PRO A 49 -8.32 -7.40 -8.81
C PRO A 49 -8.27 -5.88 -8.64
N VAL A 50 -9.10 -5.19 -9.37
CA VAL A 50 -9.12 -3.71 -9.26
C VAL A 50 -9.91 -3.26 -8.04
N GLY A 51 -9.29 -2.49 -7.19
CA GLY A 51 -10.02 -2.01 -5.98
C GLY A 51 -9.79 -2.93 -4.78
N VAL A 52 -8.70 -2.72 -4.10
CA VAL A 52 -8.38 -3.57 -2.91
C VAL A 52 -7.50 -2.79 -1.94
N PHE A 53 -6.51 -2.10 -2.49
CA PHE A 53 -5.58 -1.30 -1.64
C PHE A 53 -5.61 0.19 -2.04
N ILE A 54 -5.53 1.03 -1.05
CA ILE A 54 -5.53 2.50 -1.33
C ILE A 54 -4.52 3.18 -0.40
N ILE A 55 -3.89 4.21 -0.90
CA ILE A 55 -2.89 4.93 -0.06
C ILE A 55 -3.21 6.42 0.07
N GLU A 56 -2.91 6.97 1.21
CA GLU A 56 -3.19 8.40 1.43
C GLU A 56 -2.21 9.26 0.65
N ARG A 57 -2.67 9.84 -0.41
CA ARG A 57 -1.79 10.70 -1.23
C ARG A 57 -1.08 11.76 -0.38
N GLU A 58 -1.63 12.02 0.78
CA GLU A 58 -0.99 13.05 1.66
C GLU A 58 -0.07 12.43 2.71
N THR A 59 -0.64 11.73 3.65
CA THR A 59 0.20 11.10 4.72
C THR A 59 0.85 9.82 4.24
N GLY A 60 0.28 9.23 3.22
CA GLY A 60 0.86 7.97 2.70
C GLY A 60 0.38 6.78 3.52
N TRP A 61 -0.72 6.96 4.21
CA TRP A 61 -1.24 5.84 5.03
C TRP A 61 -1.79 4.74 4.13
N LEU A 62 -1.20 3.57 4.23
CA LEU A 62 -1.68 2.45 3.39
C LEU A 62 -2.91 1.80 3.98
N LYS A 63 -4.03 2.01 3.32
CA LYS A 63 -5.31 1.44 3.80
C LYS A 63 -5.83 0.44 2.78
N VAL A 64 -6.72 -0.40 3.22
CA VAL A 64 -7.28 -1.42 2.28
C VAL A 64 -8.81 -1.43 2.31
N THR A 65 -9.39 -1.71 1.19
CA THR A 65 -10.87 -1.74 1.11
C THR A 65 -11.37 -3.16 1.30
N GLN A 66 -10.51 -4.12 1.03
CA GLN A 66 -10.93 -5.55 1.19
C GLN A 66 -9.85 -6.36 1.94
N PRO A 67 -10.28 -7.26 2.83
CA PRO A 67 -9.33 -8.08 3.60
C PRO A 67 -8.55 -9.00 2.68
N LEU A 68 -7.47 -9.58 3.17
CA LEU A 68 -6.69 -10.49 2.30
C LEU A 68 -7.18 -11.91 2.45
N ASP A 69 -6.84 -12.74 1.50
CA ASP A 69 -7.30 -14.14 1.57
C ASP A 69 -6.32 -15.08 0.88
N ARG A 70 -5.67 -15.91 1.64
CA ARG A 70 -4.71 -16.86 1.04
C ARG A 70 -5.38 -17.65 -0.07
N GLU A 71 -6.66 -17.82 0.04
CA GLU A 71 -7.40 -18.58 -1.01
C GLU A 71 -7.31 -17.88 -2.36
N ALA A 72 -7.30 -16.57 -2.31
CA ALA A 72 -7.20 -15.81 -3.58
C ALA A 72 -5.76 -15.43 -3.87
N ILE A 73 -5.12 -14.84 -2.90
CA ILE A 73 -3.71 -14.43 -3.11
C ILE A 73 -2.92 -14.55 -1.81
N ALA A 74 -1.76 -15.13 -1.89
CA ALA A 74 -0.92 -15.29 -0.67
C ALA A 74 0.01 -14.10 -0.50
N LYS A 75 0.32 -13.46 -1.59
CA LYS A 75 1.23 -12.27 -1.53
C LYS A 75 0.80 -11.23 -2.55
N TYR A 76 0.58 -10.03 -2.09
CA TYR A 76 0.15 -8.95 -3.02
C TYR A 76 1.32 -8.05 -3.42
N ILE A 77 1.28 -7.58 -4.64
CA ILE A 77 2.35 -6.68 -5.14
C ILE A 77 1.78 -5.30 -5.37
N LEU A 78 2.51 -4.28 -5.00
CA LEU A 78 1.98 -2.90 -5.21
C LEU A 78 3.06 -1.93 -5.66
N TYR A 79 2.79 -1.23 -6.74
CA TYR A 79 3.79 -0.27 -7.26
C TYR A 79 3.40 1.12 -6.78
N SER A 80 4.36 1.83 -6.20
CA SER A 80 4.05 3.20 -5.70
C SER A 80 4.87 4.29 -6.38
N HIS A 81 4.36 5.49 -6.29
CA HIS A 81 5.06 6.64 -6.92
C HIS A 81 4.96 7.86 -5.98
N ALA A 82 5.98 8.69 -5.97
CA ALA A 82 5.96 9.90 -5.08
C ALA A 82 5.99 11.22 -5.89
N VAL A 83 5.27 12.20 -5.39
CA VAL A 83 5.24 13.52 -6.10
C VAL A 83 5.27 14.68 -5.10
N SER A 84 6.11 15.64 -5.34
CA SER A 84 6.18 16.79 -4.39
C SER A 84 4.87 17.57 -4.36
N SER A 85 4.43 17.89 -3.16
CA SER A 85 3.16 18.65 -3.03
C SER A 85 3.27 20.01 -3.70
N ASN A 86 4.37 20.23 -4.38
CA ASN A 86 4.54 21.54 -5.07
C ASN A 86 4.15 21.42 -6.53
N GLY A 87 4.11 20.21 -6.99
CA GLY A 87 3.73 19.97 -8.42
C GLY A 87 4.91 19.35 -9.17
N GLU A 88 5.98 19.10 -8.46
CA GLU A 88 7.17 18.49 -9.12
C GLU A 88 7.19 16.99 -8.89
N ALA A 89 7.37 16.27 -9.97
CA ALA A 89 7.42 14.80 -9.88
C ALA A 89 8.69 14.32 -9.21
N VAL A 90 8.52 13.48 -8.21
CA VAL A 90 9.71 12.94 -7.49
C VAL A 90 9.49 11.46 -7.26
N GLU A 91 8.66 10.89 -8.10
CA GLU A 91 8.35 9.46 -7.97
C GLU A 91 9.44 8.57 -8.57
N ASP A 92 9.31 7.30 -8.27
CA ASP A 92 10.28 6.32 -8.78
C ASP A 92 9.64 4.94 -8.74
N PRO A 93 9.91 4.12 -9.74
CA PRO A 93 9.34 2.78 -9.79
C PRO A 93 9.66 2.01 -8.51
N MET A 94 8.78 2.13 -7.54
CA MET A 94 8.99 1.41 -6.25
C MET A 94 8.07 0.22 -6.14
N GLU A 95 8.64 -0.95 -6.09
CA GLU A 95 7.82 -2.17 -5.99
C GLU A 95 7.68 -2.63 -4.54
N ILE A 96 6.50 -2.48 -4.01
CA ILE A 96 6.27 -2.90 -2.61
C ILE A 96 5.73 -4.34 -2.56
N VAL A 97 6.38 -5.16 -1.77
CA VAL A 97 5.94 -6.58 -1.65
C VAL A 97 5.19 -6.77 -0.35
N ILE A 98 3.98 -7.29 -0.45
CA ILE A 98 3.17 -7.53 0.79
C ILE A 98 2.75 -8.99 0.90
N THR A 99 3.27 -9.66 1.89
CA THR A 99 2.91 -11.09 2.07
C THR A 99 1.71 -11.23 2.99
N VAL A 100 0.93 -12.25 2.78
CA VAL A 100 -0.26 -12.45 3.65
C VAL A 100 0.06 -13.32 4.86
N THR A 101 -0.61 -13.04 5.94
CA THR A 101 -0.37 -13.83 7.18
C THR A 101 -1.64 -14.58 7.58
N ASP A 102 -1.47 -15.76 8.12
CA ASP A 102 -2.66 -16.55 8.53
C ASP A 102 -3.37 -15.92 9.71
N GLN A 103 -4.04 -14.82 9.45
CA GLN A 103 -4.77 -14.13 10.54
C GLN A 103 -4.01 -14.17 11.87
N ASN A 104 -4.72 -14.35 12.94
CA ASN A 104 -4.06 -14.41 14.26
C ASN A 104 -4.76 -15.42 15.17
N ASP A 105 -5.81 -16.00 14.66
CA ASP A 105 -6.56 -17.00 15.47
C ASP A 105 -5.84 -18.34 15.48
N ASN A 106 -6.37 -19.26 16.24
CA ASN A 106 -5.73 -20.60 16.31
C ASN A 106 -5.39 -21.11 14.92
N ASP A 3 14.95 5.39 8.45
CA ASP A 3 14.71 6.06 7.15
C ASP A 3 13.63 5.35 6.36
N TRP A 4 13.08 6.04 5.40
CA TRP A 4 12.01 5.44 4.58
C TRP A 4 12.60 4.53 3.51
N VAL A 5 12.77 3.28 3.85
CA VAL A 5 13.34 2.31 2.87
C VAL A 5 13.03 0.87 3.30
N ILE A 6 11.89 0.38 2.89
CA ILE A 6 11.53 -1.00 3.26
C ILE A 6 10.42 -1.54 2.30
N PRO A 7 10.83 -2.22 1.23
CA PRO A 7 9.89 -2.76 0.26
C PRO A 7 8.88 -3.79 0.84
N PRO A 8 9.38 -4.71 1.66
CA PRO A 8 8.52 -5.73 2.26
C PRO A 8 7.41 -5.13 3.13
N ILE A 9 6.22 -5.67 2.98
CA ILE A 9 5.06 -5.16 3.77
C ILE A 9 4.17 -6.34 4.18
N SER A 10 3.21 -6.08 5.05
CA SER A 10 2.31 -7.19 5.50
C SER A 10 0.85 -6.75 5.56
N CYS A 11 -0.02 -7.65 5.15
CA CYS A 11 -1.48 -7.33 5.17
C CYS A 11 -2.30 -8.58 5.62
N PRO A 12 -2.97 -8.48 6.76
CA PRO A 12 -3.76 -9.60 7.28
C PRO A 12 -4.93 -9.98 6.35
N GLU A 13 -5.50 -11.14 6.61
CA GLU A 13 -6.64 -11.62 5.80
C GLU A 13 -7.93 -11.60 6.61
N ASN A 14 -9.02 -11.83 5.92
CA ASN A 14 -10.33 -11.84 6.63
C ASN A 14 -10.53 -10.60 7.49
N GLU A 15 -9.74 -9.58 7.25
CA GLU A 15 -9.91 -8.34 8.07
C GLU A 15 -11.38 -7.97 8.18
N LYS A 16 -11.81 -7.66 9.39
CA LYS A 16 -13.24 -7.28 9.58
C LYS A 16 -13.36 -6.05 10.46
N GLY A 17 -14.51 -5.41 10.41
CA GLY A 17 -14.74 -4.19 11.23
C GLY A 17 -15.48 -3.13 10.41
N GLU A 18 -14.78 -2.08 10.09
CA GLU A 18 -15.40 -0.98 9.29
C GLU A 18 -14.53 -0.64 8.08
N PHE A 19 -15.06 -0.87 6.91
CA PHE A 19 -14.28 -0.56 5.68
C PHE A 19 -14.55 0.88 5.20
N PRO A 20 -13.54 1.49 4.61
CA PRO A 20 -12.20 0.91 4.44
C PRO A 20 -11.46 0.85 5.78
N LYS A 21 -10.36 0.13 5.80
CA LYS A 21 -9.59 0.04 7.08
C LYS A 21 -8.10 0.23 6.85
N ASN A 22 -7.47 0.98 7.74
CA ASN A 22 -6.01 1.22 7.60
C ASN A 22 -5.23 -0.01 8.01
N LEU A 23 -3.98 -0.07 7.59
CA LEU A 23 -3.14 -1.24 7.95
C LEU A 23 -1.73 -0.82 8.30
N VAL A 24 -1.08 -0.16 7.40
CA VAL A 24 0.31 0.29 7.69
C VAL A 24 0.67 1.52 6.87
N GLN A 25 1.60 2.29 7.37
CA GLN A 25 2.01 3.50 6.64
C GLN A 25 3.00 3.17 5.53
N ILE A 26 3.02 3.99 4.53
CA ILE A 26 3.95 3.74 3.40
C ILE A 26 5.27 4.48 3.61
N LYS A 27 6.27 4.09 2.86
CA LYS A 27 7.60 4.76 2.99
C LYS A 27 8.26 4.94 1.63
N SER A 28 8.62 6.16 1.32
CA SER A 28 9.28 6.44 0.02
C SER A 28 10.79 6.54 0.18
N ASN A 29 11.30 7.73 0.04
CA ASN A 29 12.76 7.92 0.17
C ASN A 29 13.11 9.39 0.12
N ARG A 30 12.64 10.06 -0.90
CA ARG A 30 12.94 11.52 -1.02
C ARG A 30 12.23 12.31 0.06
N ASP A 31 11.58 11.61 0.93
CA ASP A 31 10.85 12.31 2.02
C ASP A 31 11.81 13.06 2.93
N LYS A 32 13.01 13.26 2.46
CA LYS A 32 14.02 14.00 3.27
C LYS A 32 14.19 15.43 2.78
N GLU A 33 13.79 15.67 1.55
CA GLU A 33 13.93 17.05 1.01
C GLU A 33 12.64 17.85 1.18
N THR A 34 11.53 17.21 0.95
CA THR A 34 10.24 17.92 1.09
C THR A 34 9.09 16.94 1.29
N LYS A 35 8.05 17.37 1.96
CA LYS A 35 6.92 16.47 2.19
C LYS A 35 6.52 15.84 0.85
N VAL A 36 6.71 14.56 0.75
CA VAL A 36 6.36 13.88 -0.51
C VAL A 36 5.01 13.18 -0.44
N PHE A 37 4.29 13.26 -1.52
CA PHE A 37 2.94 12.63 -1.57
C PHE A 37 3.06 11.30 -2.30
N TYR A 38 2.16 10.39 -2.01
CA TYR A 38 2.22 9.06 -2.67
C TYR A 38 1.21 8.85 -3.80
N SER A 39 1.37 7.75 -4.46
CA SER A 39 0.48 7.36 -5.58
C SER A 39 0.59 5.87 -5.79
N ILE A 40 -0.52 5.17 -5.80
CA ILE A 40 -0.47 3.69 -6.00
C ILE A 40 -1.03 3.25 -7.34
N THR A 41 -0.50 2.15 -7.83
CA THR A 41 -0.94 1.61 -9.13
C THR A 41 -0.53 0.14 -9.24
N GLY A 42 -1.21 -0.59 -10.08
CA GLY A 42 -0.87 -2.04 -10.26
C GLY A 42 -1.94 -2.95 -9.63
N GLN A 43 -1.64 -4.22 -9.56
CA GLN A 43 -2.59 -5.18 -8.98
C GLN A 43 -3.11 -4.70 -7.62
N GLY A 44 -4.40 -4.75 -7.45
CA GLY A 44 -4.99 -4.30 -6.15
C GLY A 44 -5.55 -2.87 -6.28
N ALA A 45 -5.05 -2.15 -7.24
CA ALA A 45 -5.53 -0.75 -7.46
C ALA A 45 -6.21 -0.62 -8.81
N ASP A 46 -5.42 -0.52 -9.84
CA ASP A 46 -6.00 -0.38 -11.20
C ASP A 46 -6.07 -1.74 -11.89
N LYS A 47 -5.27 -2.67 -11.43
CA LYS A 47 -5.27 -4.03 -12.06
C LYS A 47 -6.04 -5.03 -11.18
N PRO A 48 -6.64 -6.02 -11.82
CA PRO A 48 -7.41 -7.03 -11.11
C PRO A 48 -6.58 -7.72 -10.00
N PRO A 49 -7.17 -7.87 -8.81
CA PRO A 49 -8.52 -7.39 -8.49
C PRO A 49 -8.55 -5.86 -8.45
N VAL A 50 -9.41 -5.29 -9.22
CA VAL A 50 -9.49 -3.81 -9.25
C VAL A 50 -10.16 -3.27 -7.98
N GLY A 51 -9.63 -2.16 -7.51
CA GLY A 51 -10.22 -1.55 -6.28
C GLY A 51 -10.05 -2.49 -5.07
N VAL A 52 -8.90 -2.44 -4.46
CA VAL A 52 -8.65 -3.30 -3.28
C VAL A 52 -7.86 -2.55 -2.22
N PHE A 53 -6.78 -1.92 -2.66
CA PHE A 53 -5.94 -1.14 -1.72
C PHE A 53 -6.02 0.36 -2.01
N ILE A 54 -5.98 1.14 -0.97
CA ILE A 54 -6.04 2.60 -1.13
C ILE A 54 -5.08 3.27 -0.15
N ILE A 55 -4.14 4.00 -0.68
CA ILE A 55 -3.15 4.68 0.20
C ILE A 55 -3.41 6.18 0.26
N GLU A 56 -3.07 6.78 1.36
CA GLU A 56 -3.28 8.23 1.50
C GLU A 56 -2.18 9.03 0.79
N ARG A 57 -2.55 9.67 -0.27
CA ARG A 57 -1.55 10.47 -1.03
C ARG A 57 -0.83 11.48 -0.13
N GLU A 58 -1.47 11.87 0.94
CA GLU A 58 -0.83 12.86 1.85
C GLU A 58 -0.01 12.18 2.96
N THR A 59 -0.68 11.46 3.82
CA THR A 59 0.05 10.78 4.93
C THR A 59 0.74 9.51 4.47
N GLY A 60 0.23 8.91 3.44
CA GLY A 60 0.85 7.65 2.94
C GLY A 60 0.29 6.46 3.71
N TRP A 61 -0.78 6.69 4.43
CA TRP A 61 -1.40 5.60 5.21
C TRP A 61 -1.96 4.54 4.28
N LEU A 62 -1.44 3.34 4.38
CA LEU A 62 -1.94 2.27 3.50
C LEU A 62 -3.19 1.63 4.09
N LYS A 63 -4.27 1.74 3.34
CA LYS A 63 -5.55 1.16 3.81
C LYS A 63 -6.13 0.29 2.74
N VAL A 64 -7.04 -0.56 3.12
CA VAL A 64 -7.67 -1.48 2.12
C VAL A 64 -9.18 -1.55 2.31
N THR A 65 -9.85 -1.78 1.21
CA THR A 65 -11.31 -1.88 1.26
C THR A 65 -11.72 -3.35 1.25
N GLN A 66 -10.82 -4.18 0.75
CA GLN A 66 -11.10 -5.64 0.70
C GLN A 66 -10.04 -6.44 1.48
N PRO A 67 -10.47 -7.30 2.41
CA PRO A 67 -9.52 -8.10 3.20
C PRO A 67 -8.74 -9.06 2.31
N LEU A 68 -7.64 -9.56 2.82
CA LEU A 68 -6.85 -10.50 1.98
C LEU A 68 -7.29 -11.92 2.23
N ASP A 69 -6.82 -12.83 1.42
CA ASP A 69 -7.22 -14.25 1.61
C ASP A 69 -6.12 -15.20 1.18
N ARG A 70 -5.43 -15.77 2.14
CA ARG A 70 -4.34 -16.71 1.81
C ARG A 70 -4.83 -17.81 0.87
N GLU A 71 -6.07 -18.20 1.05
CA GLU A 71 -6.62 -19.26 0.18
C GLU A 71 -6.50 -18.88 -1.29
N ALA A 72 -6.60 -17.60 -1.56
CA ALA A 72 -6.49 -17.13 -2.95
C ALA A 72 -5.09 -16.62 -3.25
N ILE A 73 -4.63 -15.70 -2.44
CA ILE A 73 -3.28 -15.14 -2.63
C ILE A 73 -2.56 -14.98 -1.30
N ALA A 74 -1.34 -15.42 -1.24
CA ALA A 74 -0.56 -15.30 0.03
C ALA A 74 0.34 -14.07 -0.01
N LYS A 75 0.41 -13.42 -1.14
CA LYS A 75 1.27 -12.22 -1.25
C LYS A 75 0.84 -11.35 -2.42
N TYR A 76 0.65 -10.08 -2.15
CA TYR A 76 0.23 -9.14 -3.23
C TYR A 76 1.36 -8.19 -3.63
N ILE A 77 1.45 -7.92 -4.90
CA ILE A 77 2.51 -7.00 -5.39
C ILE A 77 1.90 -5.65 -5.75
N LEU A 78 2.59 -4.59 -5.43
CA LEU A 78 2.05 -3.24 -5.74
C LEU A 78 3.13 -2.30 -6.27
N TYR A 79 2.69 -1.32 -7.03
CA TYR A 79 3.64 -0.33 -7.61
C TYR A 79 3.21 1.06 -7.17
N SER A 80 4.16 1.96 -7.02
CA SER A 80 3.76 3.33 -6.58
C SER A 80 4.69 4.42 -7.11
N HIS A 81 4.17 5.63 -7.08
CA HIS A 81 4.93 6.81 -7.55
C HIS A 81 4.84 7.93 -6.51
N ALA A 82 5.86 8.77 -6.43
CA ALA A 82 5.82 9.90 -5.42
C ALA A 82 5.97 11.28 -6.07
N VAL A 83 5.32 12.25 -5.46
CA VAL A 83 5.40 13.65 -6.00
C VAL A 83 5.53 14.65 -4.86
N SER A 84 6.38 15.62 -5.01
CA SER A 84 6.53 16.61 -3.91
C SER A 84 5.21 17.26 -3.63
N SER A 85 4.75 17.14 -2.40
CA SER A 85 3.43 17.75 -1.98
C SER A 85 2.53 18.12 -3.15
N ASN A 86 2.97 19.09 -3.89
CA ASN A 86 2.18 19.54 -5.05
C ASN A 86 2.99 20.50 -5.90
N GLY A 87 4.20 20.11 -6.22
CA GLY A 87 5.06 21.01 -7.05
C GLY A 87 5.93 20.23 -8.03
N GLU A 88 7.02 19.69 -7.53
CA GLU A 88 7.94 18.91 -8.42
C GLU A 88 7.76 17.41 -8.26
N ALA A 89 7.74 16.72 -9.37
CA ALA A 89 7.57 15.25 -9.32
C ALA A 89 8.85 14.58 -8.81
N VAL A 90 8.68 13.67 -7.89
CA VAL A 90 9.85 12.95 -7.32
C VAL A 90 9.54 11.48 -7.24
N GLU A 91 8.75 11.04 -8.19
CA GLU A 91 8.36 9.62 -8.22
C GLU A 91 9.44 8.74 -8.82
N ASP A 92 9.34 7.49 -8.55
CA ASP A 92 10.33 6.53 -9.06
C ASP A 92 9.69 5.14 -9.09
N PRO A 93 10.08 4.33 -10.05
CA PRO A 93 9.53 2.99 -10.15
C PRO A 93 9.71 2.23 -8.83
N MET A 94 8.76 2.41 -7.94
CA MET A 94 8.84 1.70 -6.64
C MET A 94 7.85 0.55 -6.56
N GLU A 95 8.36 -0.64 -6.33
CA GLU A 95 7.48 -1.83 -6.24
C GLU A 95 7.37 -2.31 -4.80
N ILE A 96 6.19 -2.19 -4.25
CA ILE A 96 5.98 -2.64 -2.86
C ILE A 96 5.57 -4.10 -2.79
N VAL A 97 6.20 -4.83 -1.88
CA VAL A 97 5.88 -6.28 -1.74
C VAL A 97 5.03 -6.50 -0.50
N ILE A 98 3.79 -6.88 -0.71
CA ILE A 98 2.89 -7.12 0.47
C ILE A 98 2.67 -8.61 0.70
N THR A 99 2.98 -9.06 1.89
CA THR A 99 2.80 -10.51 2.21
C THR A 99 1.58 -10.71 3.10
N VAL A 100 0.95 -11.83 2.98
CA VAL A 100 -0.26 -12.10 3.81
C VAL A 100 0.09 -12.86 5.07
N THR A 101 -0.67 -12.62 6.11
CA THR A 101 -0.43 -13.30 7.41
C THR A 101 -1.69 -14.02 7.89
N ASP A 102 -1.51 -15.10 8.60
CA ASP A 102 -2.70 -15.85 9.09
C ASP A 102 -3.53 -15.00 10.04
N GLN A 103 -4.70 -15.49 10.36
CA GLN A 103 -5.58 -14.74 11.28
C GLN A 103 -6.49 -15.69 12.06
N ASN A 104 -7.27 -16.45 11.33
CA ASN A 104 -8.19 -17.40 12.01
C ASN A 104 -8.90 -16.75 13.20
N ASP A 105 -10.01 -16.12 12.93
CA ASP A 105 -10.76 -15.46 14.03
C ASP A 105 -11.83 -16.39 14.60
N ASN A 106 -12.15 -17.42 13.86
CA ASN A 106 -13.18 -18.38 14.36
C ASN A 106 -12.87 -19.80 13.88
N ASP A 3 15.35 6.50 8.25
CA ASP A 3 15.33 6.54 6.76
C ASP A 3 13.99 6.04 6.22
N TRP A 4 13.45 6.77 5.30
CA TRP A 4 12.15 6.38 4.71
C TRP A 4 12.33 5.28 3.68
N VAL A 5 12.18 4.05 4.12
CA VAL A 5 12.34 2.91 3.18
C VAL A 5 11.69 1.63 3.72
N ILE A 6 10.56 1.26 3.17
CA ILE A 6 9.89 0.02 3.67
C ILE A 6 9.09 -0.68 2.55
N PRO A 7 9.78 -1.49 1.79
CA PRO A 7 9.16 -2.22 0.67
C PRO A 7 8.14 -3.31 1.12
N PRO A 8 8.49 -4.08 2.14
CA PRO A 8 7.61 -5.14 2.64
C PRO A 8 6.42 -4.62 3.45
N ILE A 9 5.31 -5.29 3.30
CA ILE A 9 4.08 -4.89 4.03
C ILE A 9 3.29 -6.14 4.43
N SER A 10 2.28 -5.96 5.26
CA SER A 10 1.47 -7.14 5.68
C SER A 10 -0.03 -6.85 5.60
N CYS A 11 -0.78 -7.83 5.15
CA CYS A 11 -2.26 -7.63 5.04
C CYS A 11 -3.04 -8.87 5.56
N PRO A 12 -3.99 -8.65 6.48
CA PRO A 12 -4.78 -9.74 7.05
C PRO A 12 -5.67 -10.42 6.00
N GLU A 13 -6.12 -11.61 6.32
CA GLU A 13 -6.99 -12.36 5.37
C GLU A 13 -8.34 -12.67 6.00
N ASN A 14 -9.30 -12.96 5.16
CA ASN A 14 -10.67 -13.28 5.65
C ASN A 14 -11.31 -12.08 6.35
N GLU A 15 -10.50 -11.13 6.76
CA GLU A 15 -11.07 -9.94 7.45
C GLU A 15 -12.32 -9.44 6.74
N LYS A 16 -13.46 -9.62 7.37
CA LYS A 16 -14.73 -9.15 6.74
C LYS A 16 -15.56 -8.37 7.76
N GLY A 17 -16.22 -7.34 7.27
CA GLY A 17 -17.05 -6.52 8.20
C GLY A 17 -16.98 -5.04 7.81
N GLU A 18 -16.35 -4.26 8.64
CA GLU A 18 -16.23 -2.81 8.36
C GLU A 18 -15.04 -2.53 7.45
N PHE A 19 -15.18 -1.52 6.62
CA PHE A 19 -14.09 -1.16 5.69
C PHE A 19 -14.11 0.34 5.41
N PRO A 20 -12.99 0.87 4.95
CA PRO A 20 -11.76 0.11 4.74
C PRO A 20 -11.04 -0.21 6.05
N LYS A 21 -9.86 -0.79 5.93
CA LYS A 21 -9.09 -1.15 7.14
C LYS A 21 -7.65 -0.66 7.01
N ASN A 22 -7.22 0.15 7.94
CA ASN A 22 -5.83 0.67 7.87
C ASN A 22 -4.81 -0.44 8.14
N LEU A 23 -3.66 -0.31 7.52
CA LEU A 23 -2.59 -1.33 7.72
C LEU A 23 -1.34 -0.71 8.33
N VAL A 24 -0.65 0.08 7.54
CA VAL A 24 0.58 0.72 8.08
C VAL A 24 1.01 1.92 7.24
N GLN A 25 1.82 2.76 7.83
CA GLN A 25 2.30 3.96 7.10
C GLN A 25 3.34 3.57 6.06
N ILE A 26 3.47 4.39 5.05
CA ILE A 26 4.46 4.10 3.97
C ILE A 26 5.65 5.07 4.00
N LYS A 27 6.70 4.69 3.31
CA LYS A 27 7.90 5.56 3.27
C LYS A 27 8.51 5.56 1.85
N SER A 28 8.91 6.73 1.39
CA SER A 28 9.50 6.83 0.03
C SER A 28 11.02 6.87 0.09
N ASN A 29 11.56 8.03 -0.06
CA ASN A 29 13.03 8.17 -0.01
C ASN A 29 13.43 9.63 -0.20
N ARG A 30 12.97 10.22 -1.27
CA ARG A 30 13.31 11.64 -1.52
C ARG A 30 12.76 12.52 -0.40
N ASP A 31 12.06 11.91 0.50
CA ASP A 31 11.48 12.68 1.63
C ASP A 31 12.58 13.31 2.47
N LYS A 32 13.78 13.26 1.97
CA LYS A 32 14.92 13.84 2.74
C LYS A 32 15.16 15.28 2.33
N GLU A 33 14.55 15.68 1.23
CA GLU A 33 14.72 17.08 0.74
C GLU A 33 13.43 17.86 0.86
N THR A 34 12.34 17.21 0.58
CA THR A 34 11.04 17.91 0.67
C THR A 34 9.90 16.92 0.91
N LYS A 35 8.98 17.28 1.77
CA LYS A 35 7.86 16.36 2.04
C LYS A 35 7.28 15.86 0.73
N VAL A 36 7.30 14.56 0.53
CA VAL A 36 6.76 13.99 -0.72
C VAL A 36 5.44 13.25 -0.51
N PHE A 37 4.59 13.34 -1.50
CA PHE A 37 3.27 12.66 -1.42
C PHE A 37 3.31 11.35 -2.19
N TYR A 38 2.38 10.46 -1.90
CA TYR A 38 2.36 9.14 -2.60
C TYR A 38 1.21 8.97 -3.59
N SER A 39 1.31 7.91 -4.33
CA SER A 39 0.29 7.56 -5.35
C SER A 39 0.47 6.07 -5.67
N ILE A 40 -0.48 5.25 -5.26
CA ILE A 40 -0.35 3.79 -5.54
C ILE A 40 -1.14 3.33 -6.76
N THR A 41 -0.57 2.38 -7.45
CA THR A 41 -1.22 1.83 -8.66
C THR A 41 -0.61 0.45 -8.99
N GLY A 42 -1.38 -0.38 -9.64
CA GLY A 42 -0.86 -1.74 -9.99
C GLY A 42 -1.88 -2.83 -9.62
N GLN A 43 -1.44 -4.05 -9.60
CA GLN A 43 -2.36 -5.16 -9.24
C GLN A 43 -2.97 -4.94 -7.86
N GLY A 44 -4.20 -4.49 -7.85
CA GLY A 44 -4.88 -4.24 -6.53
C GLY A 44 -5.41 -2.81 -6.49
N ALA A 45 -5.02 -2.04 -7.46
CA ALA A 45 -5.46 -0.63 -7.53
C ALA A 45 -6.02 -0.32 -8.91
N ASP A 46 -5.18 -0.50 -9.90
CA ASP A 46 -5.61 -0.24 -11.30
C ASP A 46 -5.66 -1.55 -12.09
N LYS A 47 -4.91 -2.52 -11.63
CA LYS A 47 -4.88 -3.83 -12.34
C LYS A 47 -5.76 -4.85 -11.58
N PRO A 48 -6.34 -5.77 -12.33
CA PRO A 48 -7.20 -6.81 -11.74
C PRO A 48 -6.46 -7.61 -10.65
N PRO A 49 -7.06 -7.73 -9.47
CA PRO A 49 -8.36 -7.12 -9.13
C PRO A 49 -8.25 -5.60 -9.08
N VAL A 50 -9.06 -4.93 -9.85
CA VAL A 50 -9.00 -3.45 -9.84
C VAL A 50 -9.72 -2.87 -8.63
N GLY A 51 -9.05 -1.98 -7.93
CA GLY A 51 -9.67 -1.37 -6.73
C GLY A 51 -9.61 -2.33 -5.54
N VAL A 52 -8.52 -2.31 -4.83
CA VAL A 52 -8.38 -3.22 -3.66
C VAL A 52 -7.62 -2.55 -2.53
N PHE A 53 -6.61 -1.76 -2.90
CA PHE A 53 -5.80 -1.05 -1.85
C PHE A 53 -5.85 0.47 -2.05
N ILE A 54 -5.72 1.17 -0.96
CA ILE A 54 -5.75 2.66 -1.02
C ILE A 54 -4.68 3.23 -0.12
N ILE A 55 -4.17 4.37 -0.48
CA ILE A 55 -3.11 5.00 0.35
C ILE A 55 -3.29 6.51 0.45
N GLU A 56 -2.99 7.04 1.61
CA GLU A 56 -3.14 8.50 1.78
C GLU A 56 -1.93 9.23 1.20
N ARG A 57 -2.12 9.77 0.03
CA ARG A 57 -1.00 10.50 -0.62
C ARG A 57 -0.30 11.44 0.34
N GLU A 58 -0.98 11.83 1.38
CA GLU A 58 -0.35 12.76 2.37
C GLU A 58 0.28 12.01 3.54
N THR A 59 -0.53 11.38 4.34
CA THR A 59 0.02 10.62 5.50
C THR A 59 0.58 9.28 5.08
N GLY A 60 0.65 9.06 3.81
CA GLY A 60 1.19 7.76 3.32
C GLY A 60 0.58 6.58 4.09
N TRP A 61 -0.60 6.78 4.62
CA TRP A 61 -1.25 5.68 5.38
C TRP A 61 -1.77 4.62 4.41
N LEU A 62 -1.21 3.43 4.48
CA LEU A 62 -1.69 2.37 3.57
C LEU A 62 -2.88 1.62 4.17
N LYS A 63 -3.98 1.70 3.48
CA LYS A 63 -5.22 1.02 3.95
C LYS A 63 -5.73 0.06 2.87
N VAL A 64 -6.40 -0.98 3.29
CA VAL A 64 -6.93 -1.96 2.30
C VAL A 64 -8.45 -1.91 2.26
N THR A 65 -8.99 -2.20 1.10
CA THR A 65 -10.47 -2.19 0.94
C THR A 65 -11.04 -3.60 0.89
N GLN A 66 -10.25 -4.54 0.41
CA GLN A 66 -10.76 -5.96 0.34
C GLN A 66 -9.81 -6.94 1.08
N PRO A 67 -10.39 -7.95 1.72
CA PRO A 67 -9.60 -8.95 2.46
C PRO A 67 -8.77 -9.80 1.50
N LEU A 68 -7.81 -10.52 2.05
CA LEU A 68 -6.94 -11.38 1.18
C LEU A 68 -7.30 -12.85 1.37
N ASP A 69 -7.06 -13.62 0.35
CA ASP A 69 -7.37 -15.08 0.44
C ASP A 69 -6.10 -15.91 0.47
N ARG A 70 -5.66 -16.26 1.64
CA ARG A 70 -4.44 -17.07 1.76
C ARG A 70 -4.63 -18.43 1.10
N GLU A 71 -5.86 -18.78 0.88
CA GLU A 71 -6.13 -20.09 0.24
C GLU A 71 -5.84 -20.05 -1.25
N ALA A 72 -5.70 -18.85 -1.78
CA ALA A 72 -5.40 -18.71 -3.24
C ALA A 72 -4.09 -17.94 -3.44
N ILE A 73 -4.03 -16.78 -2.84
CA ILE A 73 -2.80 -15.95 -2.98
C ILE A 73 -2.27 -15.59 -1.59
N ALA A 74 -0.95 -15.55 -1.47
CA ALA A 74 -0.35 -15.21 -0.15
C ALA A 74 0.57 -14.00 -0.25
N LYS A 75 0.56 -13.35 -1.38
CA LYS A 75 1.43 -12.16 -1.55
C LYS A 75 0.96 -11.28 -2.69
N TYR A 76 0.61 -10.07 -2.37
CA TYR A 76 0.14 -9.12 -3.41
C TYR A 76 1.23 -8.14 -3.77
N ILE A 77 1.23 -7.70 -5.02
CA ILE A 77 2.28 -6.74 -5.47
C ILE A 77 1.66 -5.44 -5.97
N LEU A 78 2.28 -4.35 -5.63
CA LEU A 78 1.76 -3.03 -6.07
C LEU A 78 2.91 -2.11 -6.47
N TYR A 79 2.57 -0.99 -7.07
CA TYR A 79 3.62 -0.02 -7.49
C TYR A 79 3.24 1.36 -7.02
N SER A 80 4.19 2.06 -6.43
CA SER A 80 3.90 3.44 -5.92
C SER A 80 4.71 4.52 -6.63
N HIS A 81 4.19 5.72 -6.53
CA HIS A 81 4.86 6.89 -7.16
C HIS A 81 5.03 8.00 -6.12
N ALA A 82 6.06 8.79 -6.26
CA ALA A 82 6.29 9.92 -5.28
C ALA A 82 6.29 11.28 -5.97
N VAL A 83 5.71 12.25 -5.31
CA VAL A 83 5.67 13.62 -5.89
C VAL A 83 5.93 14.68 -4.82
N SER A 84 6.75 15.64 -5.13
CA SER A 84 7.05 16.68 -4.11
C SER A 84 5.79 17.48 -3.79
N SER A 85 5.44 17.50 -2.53
CA SER A 85 4.24 18.25 -2.12
C SER A 85 4.26 19.68 -2.65
N ASN A 86 5.33 20.03 -3.32
CA ASN A 86 5.42 21.40 -3.86
C ASN A 86 4.75 21.48 -5.22
N GLY A 87 4.88 20.42 -5.99
CA GLY A 87 4.26 20.40 -7.35
C GLY A 87 5.22 19.83 -8.39
N GLU A 88 6.31 19.27 -7.91
CA GLU A 88 7.31 18.67 -8.85
C GLU A 88 7.31 17.15 -8.76
N ALA A 89 7.31 16.52 -9.90
CA ALA A 89 7.30 15.04 -9.92
C ALA A 89 8.65 14.46 -9.45
N VAL A 90 8.58 13.60 -8.48
CA VAL A 90 9.82 12.97 -7.94
C VAL A 90 9.55 11.50 -7.67
N GLU A 91 8.69 10.94 -8.47
CA GLU A 91 8.35 9.51 -8.29
C GLU A 91 9.41 8.59 -8.85
N ASP A 92 9.29 7.36 -8.48
CA ASP A 92 10.24 6.34 -8.94
C ASP A 92 9.54 4.98 -8.95
N PRO A 93 9.77 4.20 -9.98
CA PRO A 93 9.14 2.89 -10.06
C PRO A 93 9.43 2.06 -8.81
N MET A 94 8.60 2.25 -7.79
CA MET A 94 8.81 1.49 -6.53
C MET A 94 7.77 0.39 -6.39
N GLU A 95 8.22 -0.84 -6.36
CA GLU A 95 7.26 -1.96 -6.23
C GLU A 95 7.05 -2.35 -4.77
N ILE A 96 5.83 -2.20 -4.32
CA ILE A 96 5.53 -2.56 -2.91
C ILE A 96 5.12 -4.02 -2.81
N VAL A 97 5.76 -4.73 -1.92
CA VAL A 97 5.43 -6.17 -1.75
C VAL A 97 4.58 -6.39 -0.50
N ILE A 98 3.36 -6.80 -0.72
CA ILE A 98 2.45 -7.05 0.44
C ILE A 98 2.31 -8.54 0.69
N THR A 99 2.69 -8.95 1.88
CA THR A 99 2.58 -10.40 2.21
C THR A 99 1.28 -10.66 2.96
N VAL A 100 0.75 -11.84 2.81
CA VAL A 100 -0.52 -12.16 3.52
C VAL A 100 -0.25 -12.73 4.90
N THR A 101 -1.15 -12.47 5.80
CA THR A 101 -0.98 -12.98 7.18
C THR A 101 -2.33 -13.32 7.80
N ASP A 102 -2.34 -14.29 8.66
CA ASP A 102 -3.62 -14.68 9.31
C ASP A 102 -4.28 -13.46 9.94
N GLN A 103 -5.59 -13.48 9.99
CA GLN A 103 -6.31 -12.34 10.59
C GLN A 103 -5.83 -12.07 12.02
N ASN A 104 -6.53 -12.62 12.97
CA ASN A 104 -6.13 -12.42 14.38
C ASN A 104 -6.95 -13.30 15.31
N ASP A 105 -6.95 -14.57 15.02
CA ASP A 105 -7.73 -15.50 15.87
C ASP A 105 -6.85 -16.11 16.96
N ASN A 106 -7.04 -15.64 18.17
CA ASN A 106 -6.22 -16.17 19.29
C ASN A 106 -7.00 -16.15 20.60
N ASP A 3 14.71 6.50 9.31
CA ASP A 3 13.79 7.19 8.37
C ASP A 3 12.92 6.19 7.62
N TRP A 4 12.34 6.64 6.55
CA TRP A 4 11.46 5.76 5.74
C TRP A 4 12.26 4.84 4.82
N VAL A 5 12.41 3.60 5.22
CA VAL A 5 13.18 2.65 4.38
C VAL A 5 12.75 1.21 4.64
N ILE A 6 11.72 0.79 3.95
CA ILE A 6 11.23 -0.60 4.14
C ILE A 6 10.29 -1.01 2.98
N PRO A 7 10.87 -1.54 1.92
CA PRO A 7 10.08 -1.96 0.76
C PRO A 7 9.02 -3.05 1.07
N PRO A 8 9.39 -4.03 1.88
CA PRO A 8 8.49 -5.12 2.25
C PRO A 8 7.41 -4.66 3.22
N ILE A 9 6.23 -5.24 3.08
CA ILE A 9 5.10 -4.85 3.98
C ILE A 9 4.31 -6.10 4.38
N SER A 10 3.39 -5.94 5.31
CA SER A 10 2.57 -7.10 5.76
C SER A 10 1.08 -6.77 5.77
N CYS A 11 0.29 -7.70 5.28
CA CYS A 11 -1.19 -7.47 5.25
C CYS A 11 -1.95 -8.77 5.61
N PRO A 12 -2.55 -8.81 6.80
CA PRO A 12 -3.29 -9.99 7.24
C PRO A 12 -4.54 -10.24 6.39
N GLU A 13 -5.08 -11.43 6.52
CA GLU A 13 -6.30 -11.80 5.75
C GLU A 13 -7.50 -11.84 6.67
N ASN A 14 -8.65 -11.61 6.12
CA ASN A 14 -9.87 -11.64 6.96
C ASN A 14 -9.64 -10.86 8.25
N GLU A 15 -9.48 -9.56 8.11
CA GLU A 15 -9.27 -8.72 9.32
C GLU A 15 -10.56 -8.52 10.09
N LYS A 16 -10.50 -7.69 11.10
CA LYS A 16 -11.71 -7.41 11.92
C LYS A 16 -12.17 -5.97 11.72
N GLY A 17 -13.33 -5.67 12.24
CA GLY A 17 -13.84 -4.27 12.09
C GLY A 17 -14.66 -4.15 10.81
N GLU A 18 -15.27 -3.00 10.62
CA GLU A 18 -16.09 -2.79 9.39
C GLU A 18 -15.30 -2.04 8.32
N PHE A 19 -14.97 -2.74 7.26
CA PHE A 19 -14.21 -2.10 6.17
C PHE A 19 -14.95 -0.86 5.65
N PRO A 20 -14.22 0.09 5.06
CA PRO A 20 -12.75 0.03 4.90
C PRO A 20 -12.01 0.17 6.22
N LYS A 21 -10.78 -0.31 6.26
CA LYS A 21 -10.00 -0.20 7.50
C LYS A 21 -8.53 0.13 7.22
N ASN A 22 -7.93 0.88 8.10
CA ASN A 22 -6.51 1.27 7.90
C ASN A 22 -5.58 0.10 8.21
N LEU A 23 -4.42 0.09 7.58
CA LEU A 23 -3.44 -1.02 7.82
C LEU A 23 -2.10 -0.47 8.29
N VAL A 24 -1.42 0.23 7.41
CA VAL A 24 -0.09 0.79 7.79
C VAL A 24 0.30 1.93 6.88
N GLN A 25 1.20 2.76 7.34
CA GLN A 25 1.65 3.91 6.51
C GLN A 25 2.71 3.50 5.51
N ILE A 26 2.82 4.26 4.44
CA ILE A 26 3.83 3.94 3.40
C ILE A 26 5.14 4.65 3.71
N LYS A 27 6.23 4.10 3.22
CA LYS A 27 7.55 4.74 3.48
C LYS A 27 8.50 4.66 2.27
N SER A 28 8.97 5.81 1.81
CA SER A 28 9.91 5.83 0.63
C SER A 28 11.18 6.60 0.97
N ASN A 29 12.04 6.73 0.00
CA ASN A 29 13.32 7.47 0.24
C ASN A 29 13.15 8.97 0.04
N ARG A 30 12.57 9.35 -1.07
CA ARG A 30 12.36 10.80 -1.36
C ARG A 30 12.03 11.60 -0.10
N ASP A 31 11.43 10.96 0.85
CA ASP A 31 11.09 11.68 2.11
C ASP A 31 12.34 12.16 2.82
N LYS A 32 13.46 12.09 2.13
CA LYS A 32 14.74 12.55 2.76
C LYS A 32 15.10 13.95 2.27
N GLU A 33 14.26 14.53 1.45
CA GLU A 33 14.55 15.90 0.93
C GLU A 33 13.33 16.80 0.96
N THR A 34 12.17 16.21 0.81
CA THR A 34 10.95 17.05 0.83
C THR A 34 9.70 16.20 1.10
N LYS A 35 8.75 16.76 1.81
CA LYS A 35 7.53 15.98 2.10
C LYS A 35 7.03 15.37 0.80
N VAL A 36 7.10 14.07 0.72
CA VAL A 36 6.65 13.40 -0.50
C VAL A 36 5.23 12.82 -0.39
N PHE A 37 4.50 12.92 -1.48
CA PHE A 37 3.12 12.40 -1.54
C PHE A 37 3.15 11.05 -2.21
N TYR A 38 2.26 10.16 -1.83
CA TYR A 38 2.26 8.81 -2.47
C TYR A 38 1.12 8.58 -3.45
N SER A 39 1.28 7.48 -4.16
CA SER A 39 0.30 7.07 -5.18
C SER A 39 0.50 5.58 -5.46
N ILE A 40 -0.55 4.87 -5.77
CA ILE A 40 -0.39 3.42 -6.05
C ILE A 40 -1.21 2.95 -7.23
N THR A 41 -0.71 1.94 -7.89
CA THR A 41 -1.42 1.39 -9.07
C THR A 41 -1.04 -0.07 -9.26
N GLY A 42 -2.01 -0.90 -9.57
CA GLY A 42 -1.71 -2.34 -9.78
C GLY A 42 -2.85 -3.22 -9.25
N GLN A 43 -2.62 -4.51 -9.24
CA GLN A 43 -3.67 -5.44 -8.73
C GLN A 43 -4.15 -5.02 -7.35
N GLY A 44 -5.44 -4.88 -7.21
CA GLY A 44 -6.00 -4.46 -5.88
C GLY A 44 -6.31 -2.97 -5.88
N ALA A 45 -5.59 -2.26 -6.71
CA ALA A 45 -5.81 -0.79 -6.79
C ALA A 45 -6.59 -0.46 -8.05
N ASP A 46 -5.88 -0.34 -9.14
CA ASP A 46 -6.53 -0.01 -10.43
C ASP A 46 -6.75 -1.26 -11.26
N LYS A 47 -5.98 -2.28 -10.99
CA LYS A 47 -6.13 -3.54 -11.76
C LYS A 47 -6.94 -4.58 -10.97
N PRO A 48 -7.64 -5.44 -11.69
CA PRO A 48 -8.45 -6.48 -11.06
C PRO A 48 -7.61 -7.34 -10.09
N PRO A 49 -8.10 -7.53 -8.86
CA PRO A 49 -9.36 -6.93 -8.36
C PRO A 49 -9.24 -5.41 -8.22
N VAL A 50 -10.02 -4.70 -8.98
CA VAL A 50 -9.96 -3.22 -8.89
C VAL A 50 -10.76 -2.71 -7.70
N GLY A 51 -10.14 -1.89 -6.89
CA GLY A 51 -10.87 -1.35 -5.70
C GLY A 51 -10.72 -2.29 -4.49
N VAL A 52 -9.54 -2.30 -3.92
CA VAL A 52 -9.31 -3.17 -2.74
C VAL A 52 -8.33 -2.52 -1.77
N PHE A 53 -7.34 -1.84 -2.33
CA PHE A 53 -6.33 -1.14 -1.48
C PHE A 53 -6.29 0.35 -1.78
N ILE A 54 -6.65 1.15 -0.79
CA ILE A 54 -6.63 2.64 -0.99
C ILE A 54 -5.50 3.23 -0.16
N ILE A 55 -5.01 4.38 -0.57
CA ILE A 55 -3.89 5.00 0.21
C ILE A 55 -4.00 6.52 0.23
N GLU A 56 -3.55 7.10 1.31
CA GLU A 56 -3.61 8.58 1.43
C GLU A 56 -2.35 9.19 0.83
N ARG A 57 -2.48 9.70 -0.37
CA ARG A 57 -1.31 10.32 -1.03
C ARG A 57 -0.62 11.36 -0.15
N GLU A 58 -1.22 11.64 0.98
CA GLU A 58 -0.60 12.64 1.89
C GLU A 58 0.25 11.99 2.98
N THR A 59 -0.42 11.39 3.93
CA THR A 59 0.34 10.73 5.03
C THR A 59 0.84 9.35 4.62
N GLY A 60 0.37 8.89 3.50
CA GLY A 60 0.81 7.55 3.03
C GLY A 60 0.06 6.44 3.77
N TRP A 61 -0.98 6.83 4.45
CA TRP A 61 -1.77 5.82 5.20
C TRP A 61 -2.36 4.78 4.25
N LEU A 62 -1.89 3.57 4.38
CA LEU A 62 -2.41 2.50 3.50
C LEU A 62 -3.62 1.83 4.11
N LYS A 63 -4.74 2.02 3.46
CA LYS A 63 -6.01 1.41 3.96
C LYS A 63 -6.56 0.46 2.93
N VAL A 64 -7.42 -0.43 3.36
CA VAL A 64 -8.00 -1.40 2.39
C VAL A 64 -9.50 -1.53 2.55
N THR A 65 -10.15 -1.77 1.44
CA THR A 65 -11.61 -1.91 1.46
C THR A 65 -11.97 -3.37 1.70
N GLN A 66 -11.02 -4.24 1.38
CA GLN A 66 -11.28 -5.70 1.58
C GLN A 66 -10.01 -6.40 2.10
N PRO A 67 -10.18 -7.33 3.03
CA PRO A 67 -9.05 -8.07 3.60
C PRO A 67 -8.32 -8.90 2.55
N LEU A 68 -7.19 -9.44 2.93
CA LEU A 68 -6.42 -10.27 1.97
C LEU A 68 -6.83 -11.72 2.11
N ASP A 69 -6.38 -12.55 1.20
CA ASP A 69 -6.75 -13.99 1.31
C ASP A 69 -5.62 -14.90 0.82
N ARG A 70 -4.98 -15.56 1.74
CA ARG A 70 -3.88 -16.46 1.35
C ARG A 70 -4.36 -17.47 0.33
N GLU A 71 -5.60 -17.84 0.43
CA GLU A 71 -6.14 -18.83 -0.53
C GLU A 71 -6.00 -18.32 -1.95
N ALA A 72 -6.10 -17.02 -2.10
CA ALA A 72 -5.98 -16.42 -3.45
C ALA A 72 -4.54 -15.96 -3.69
N ILE A 73 -4.06 -15.12 -2.80
CA ILE A 73 -2.67 -14.63 -2.96
C ILE A 73 -1.98 -14.53 -1.60
N ALA A 74 -0.84 -15.15 -1.49
CA ALA A 74 -0.11 -15.11 -0.20
C ALA A 74 0.84 -13.93 -0.16
N LYS A 75 0.88 -13.21 -1.25
CA LYS A 75 1.79 -12.04 -1.33
C LYS A 75 1.34 -11.10 -2.44
N TYR A 76 1.03 -9.88 -2.07
CA TYR A 76 0.58 -8.89 -3.09
C TYR A 76 1.71 -7.96 -3.51
N ILE A 77 1.68 -7.55 -4.75
CA ILE A 77 2.74 -6.63 -5.27
C ILE A 77 2.08 -5.48 -6.03
N LEU A 78 2.40 -4.27 -5.63
CA LEU A 78 1.79 -3.09 -6.31
C LEU A 78 2.86 -2.10 -6.73
N TYR A 79 2.57 -1.32 -7.75
CA TYR A 79 3.57 -0.32 -8.20
C TYR A 79 3.19 1.04 -7.64
N SER A 80 4.16 1.73 -7.08
CA SER A 80 3.86 3.07 -6.49
C SER A 80 4.61 4.21 -7.15
N HIS A 81 4.02 5.37 -7.05
CA HIS A 81 4.61 6.60 -7.63
C HIS A 81 4.61 7.68 -6.55
N ALA A 82 5.55 8.59 -6.60
CA ALA A 82 5.57 9.67 -5.54
C ALA A 82 5.80 11.07 -6.12
N VAL A 83 5.19 12.04 -5.49
CA VAL A 83 5.35 13.46 -5.96
C VAL A 83 5.60 14.40 -4.78
N SER A 84 6.41 15.38 -4.97
CA SER A 84 6.70 16.32 -3.86
C SER A 84 5.51 17.26 -3.62
N SER A 85 5.15 17.41 -2.37
CA SER A 85 4.02 18.29 -2.02
C SER A 85 4.26 19.75 -2.42
N ASN A 86 5.24 19.98 -3.27
CA ASN A 86 5.52 21.38 -3.71
C ASN A 86 5.48 21.51 -5.24
N GLY A 87 5.14 20.43 -5.91
CA GLY A 87 5.08 20.49 -7.42
C GLY A 87 6.29 19.81 -8.09
N GLU A 88 7.17 19.26 -7.29
CA GLU A 88 8.35 18.58 -7.88
C GLU A 88 8.13 17.07 -7.95
N ALA A 89 8.01 16.56 -9.14
CA ALA A 89 7.79 15.11 -9.31
C ALA A 89 8.97 14.30 -8.81
N VAL A 90 8.69 13.33 -7.97
CA VAL A 90 9.77 12.47 -7.42
C VAL A 90 9.34 11.03 -7.52
N GLU A 91 8.47 10.77 -8.46
CA GLU A 91 7.98 9.39 -8.64
C GLU A 91 8.98 8.53 -9.38
N ASP A 92 8.98 7.29 -9.03
CA ASP A 92 9.90 6.33 -9.66
C ASP A 92 9.31 4.94 -9.56
N PRO A 93 9.61 4.09 -10.50
CA PRO A 93 9.09 2.74 -10.49
C PRO A 93 9.42 2.04 -9.16
N MET A 94 8.57 2.25 -8.20
CA MET A 94 8.80 1.62 -6.86
C MET A 94 7.88 0.43 -6.68
N GLU A 95 8.45 -0.71 -6.50
CA GLU A 95 7.61 -1.90 -6.31
C GLU A 95 7.28 -2.14 -4.85
N ILE A 96 6.03 -2.03 -4.53
CA ILE A 96 5.62 -2.24 -3.12
C ILE A 96 5.32 -3.70 -2.89
N VAL A 97 6.09 -4.31 -2.02
CA VAL A 97 5.87 -5.75 -1.73
C VAL A 97 5.08 -5.93 -0.45
N ILE A 98 4.02 -6.71 -0.53
CA ILE A 98 3.18 -6.94 0.67
C ILE A 98 2.96 -8.42 0.90
N THR A 99 3.50 -8.93 1.97
CA THR A 99 3.33 -10.37 2.26
C THR A 99 2.08 -10.60 3.09
N VAL A 100 1.42 -11.70 2.85
CA VAL A 100 0.19 -11.99 3.63
C VAL A 100 0.49 -12.75 4.91
N THR A 101 -0.09 -12.30 5.99
CA THR A 101 0.14 -12.98 7.30
C THR A 101 -1.05 -13.85 7.67
N ASP A 102 -0.79 -14.92 8.39
CA ASP A 102 -1.90 -15.82 8.78
C ASP A 102 -2.92 -15.08 9.65
N GLN A 103 -3.86 -15.81 10.18
CA GLN A 103 -4.89 -15.16 11.04
C GLN A 103 -5.77 -16.21 11.71
N ASN A 104 -6.97 -15.81 12.06
CA ASN A 104 -7.90 -16.77 12.71
C ASN A 104 -8.31 -17.87 11.75
N ASP A 105 -9.57 -17.93 11.46
CA ASP A 105 -10.05 -18.98 10.55
C ASP A 105 -9.52 -20.35 10.96
N ASN A 106 -9.47 -21.25 10.02
CA ASN A 106 -8.96 -22.60 10.34
C ASN A 106 -7.48 -22.55 10.69
N ASP A 3 15.26 5.14 8.08
CA ASP A 3 13.93 5.79 8.05
C ASP A 3 12.98 5.05 7.10
N TRP A 4 12.58 5.70 6.05
CA TRP A 4 11.67 5.05 5.09
C TRP A 4 12.44 4.11 4.16
N VAL A 5 12.60 2.87 4.61
CA VAL A 5 13.32 1.87 3.79
C VAL A 5 12.91 0.45 4.19
N ILE A 6 11.86 -0.03 3.58
CA ILE A 6 11.38 -1.40 3.90
C ILE A 6 10.46 -1.92 2.77
N PRO A 7 11.07 -2.55 1.79
CA PRO A 7 10.32 -3.09 0.65
C PRO A 7 9.29 -4.19 1.03
N PRO A 8 9.68 -5.10 1.89
CA PRO A 8 8.79 -6.19 2.33
C PRO A 8 7.67 -5.69 3.24
N ILE A 9 6.50 -6.23 3.02
CA ILE A 9 5.33 -5.81 3.85
C ILE A 9 4.43 -7.02 4.15
N SER A 10 3.54 -6.86 5.10
CA SER A 10 2.62 -7.98 5.45
C SER A 10 1.20 -7.49 5.64
N CYS A 11 0.24 -8.33 5.31
CA CYS A 11 -1.18 -7.92 5.47
C CYS A 11 -2.04 -9.10 6.00
N PRO A 12 -2.74 -8.90 7.12
CA PRO A 12 -3.57 -9.94 7.71
C PRO A 12 -4.77 -10.31 6.81
N GLU A 13 -5.38 -11.43 7.13
CA GLU A 13 -6.55 -11.88 6.34
C GLU A 13 -7.81 -11.81 7.19
N ASN A 14 -8.93 -11.59 6.55
CA ASN A 14 -10.21 -11.50 7.31
C ASN A 14 -10.15 -10.39 8.35
N GLU A 15 -9.42 -9.34 8.04
CA GLU A 15 -9.33 -8.22 9.01
C GLU A 15 -10.71 -7.70 9.38
N LYS A 16 -10.91 -7.48 10.66
CA LYS A 16 -12.23 -6.98 11.12
C LYS A 16 -12.19 -5.47 11.33
N GLY A 17 -13.35 -4.84 11.21
CA GLY A 17 -13.41 -3.36 11.39
C GLY A 17 -14.09 -2.70 10.19
N GLU A 18 -14.31 -1.41 10.29
CA GLU A 18 -14.96 -0.70 9.15
C GLU A 18 -13.93 -0.41 8.06
N PHE A 19 -14.36 -0.52 6.82
CA PHE A 19 -13.43 -0.25 5.69
C PHE A 19 -13.68 1.15 5.10
N PRO A 20 -12.65 1.72 4.50
CA PRO A 20 -11.32 1.11 4.41
C PRO A 20 -10.57 1.12 5.75
N LYS A 21 -9.62 0.23 5.88
CA LYS A 21 -8.83 0.15 7.15
C LYS A 21 -7.36 0.49 6.88
N ASN A 22 -6.79 1.31 7.71
CA ASN A 22 -5.38 1.69 7.52
C ASN A 22 -4.44 0.54 7.88
N LEU A 23 -3.28 0.52 7.24
CA LEU A 23 -2.29 -0.56 7.53
C LEU A 23 -0.95 0.03 7.92
N VAL A 24 -0.32 0.72 7.00
CA VAL A 24 0.99 1.33 7.33
C VAL A 24 1.35 2.44 6.37
N GLN A 25 2.25 3.31 6.79
CA GLN A 25 2.64 4.42 5.90
C GLN A 25 3.54 3.91 4.78
N ILE A 26 3.60 4.65 3.71
CA ILE A 26 4.46 4.23 2.58
C ILE A 26 5.89 4.80 2.70
N LYS A 27 6.77 4.33 1.82
CA LYS A 27 8.19 4.80 1.84
C LYS A 27 8.66 5.31 0.45
N SER A 28 9.04 6.56 0.39
CA SER A 28 9.52 7.14 -0.92
C SER A 28 11.02 7.31 -0.90
N ASN A 29 11.43 8.53 -0.74
CA ASN A 29 12.88 8.82 -0.71
C ASN A 29 13.11 10.32 -0.49
N ARG A 30 12.44 11.12 -1.29
CA ARG A 30 12.60 12.58 -1.15
C ARG A 30 11.86 13.09 0.08
N ASP A 31 11.45 12.17 0.91
CA ASP A 31 10.72 12.56 2.14
C ASP A 31 11.64 13.32 3.09
N LYS A 32 12.70 13.86 2.56
CA LYS A 32 13.65 14.62 3.41
C LYS A 32 13.74 16.08 2.97
N GLU A 33 13.24 16.37 1.79
CA GLU A 33 13.28 17.77 1.29
C GLU A 33 11.95 18.48 1.48
N THR A 34 10.88 17.78 1.23
CA THR A 34 9.55 18.42 1.39
C THR A 34 8.45 17.37 1.57
N LYS A 35 7.35 17.78 2.14
CA LYS A 35 6.25 16.81 2.35
C LYS A 35 5.97 16.11 1.04
N VAL A 36 6.21 14.82 1.01
CA VAL A 36 5.96 14.07 -0.24
C VAL A 36 4.63 13.31 -0.23
N PHE A 37 3.94 13.43 -1.34
CA PHE A 37 2.63 12.75 -1.50
C PHE A 37 2.85 11.43 -2.24
N TYR A 38 1.89 10.52 -2.16
CA TYR A 38 2.07 9.21 -2.87
C TYR A 38 0.95 8.84 -3.83
N SER A 39 1.15 7.71 -4.45
CA SER A 39 0.19 7.16 -5.43
C SER A 39 0.46 5.68 -5.59
N ILE A 40 -0.59 4.87 -5.61
CA ILE A 40 -0.38 3.39 -5.77
C ILE A 40 -1.13 2.83 -6.96
N THR A 41 -0.58 1.79 -7.53
CA THR A 41 -1.24 1.14 -8.69
C THR A 41 -0.76 -0.30 -8.84
N GLY A 42 -1.56 -1.11 -9.50
CA GLY A 42 -1.19 -2.54 -9.71
C GLY A 42 -2.31 -3.46 -9.24
N GLN A 43 -2.03 -4.74 -9.19
CA GLN A 43 -3.07 -5.69 -8.74
C GLN A 43 -3.65 -5.27 -7.41
N GLY A 44 -4.96 -5.27 -7.32
CA GLY A 44 -5.61 -4.86 -6.04
C GLY A 44 -6.05 -3.39 -6.12
N ALA A 45 -5.46 -2.68 -7.03
CA ALA A 45 -5.81 -1.24 -7.19
C ALA A 45 -6.56 -1.05 -8.50
N ASP A 46 -5.83 -1.00 -9.58
CA ASP A 46 -6.45 -0.82 -10.91
C ASP A 46 -6.52 -2.15 -11.65
N LYS A 47 -5.70 -3.09 -11.22
CA LYS A 47 -5.68 -4.42 -11.86
C LYS A 47 -6.49 -5.44 -11.04
N PRO A 48 -7.07 -6.42 -11.71
CA PRO A 48 -7.86 -7.44 -11.03
C PRO A 48 -7.03 -8.19 -9.97
N PRO A 49 -7.55 -8.30 -8.74
CA PRO A 49 -8.85 -7.74 -8.35
C PRO A 49 -8.82 -6.22 -8.33
N VAL A 50 -9.68 -5.62 -9.10
CA VAL A 50 -9.71 -4.13 -9.13
C VAL A 50 -10.45 -3.56 -7.93
N GLY A 51 -9.75 -2.78 -7.14
CA GLY A 51 -10.39 -2.18 -5.95
C GLY A 51 -10.17 -3.03 -4.70
N VAL A 52 -9.02 -2.87 -4.10
CA VAL A 52 -8.73 -3.67 -2.88
C VAL A 52 -7.76 -2.90 -1.97
N PHE A 53 -6.84 -2.19 -2.58
CA PHE A 53 -5.84 -1.40 -1.77
C PHE A 53 -5.86 0.08 -2.16
N ILE A 54 -5.91 0.93 -1.17
CA ILE A 54 -5.92 2.40 -1.47
C ILE A 54 -5.01 3.13 -0.52
N ILE A 55 -4.26 4.03 -1.07
CA ILE A 55 -3.32 4.82 -0.25
C ILE A 55 -3.68 6.30 -0.22
N GLU A 56 -3.38 6.94 0.88
CA GLU A 56 -3.70 8.37 1.01
C GLU A 56 -2.59 9.19 0.35
N ARG A 57 -2.84 9.61 -0.85
CA ARG A 57 -1.82 10.42 -1.58
C ARG A 57 -1.22 11.52 -0.72
N GLU A 58 -1.86 11.83 0.38
CA GLU A 58 -1.31 12.91 1.25
C GLU A 58 -0.35 12.37 2.30
N THR A 59 -0.89 11.66 3.25
CA THR A 59 -0.03 11.10 4.33
C THR A 59 0.64 9.80 3.89
N GLY A 60 0.41 9.40 2.68
CA GLY A 60 1.04 8.13 2.20
C GLY A 60 0.58 6.95 3.06
N TRP A 61 -0.54 7.12 3.70
CA TRP A 61 -1.08 6.04 4.56
C TRP A 61 -1.68 4.92 3.71
N LEU A 62 -1.05 3.76 3.74
CA LEU A 62 -1.59 2.63 2.93
C LEU A 62 -2.76 1.98 3.65
N LYS A 63 -3.91 2.05 3.00
CA LYS A 63 -5.13 1.46 3.59
C LYS A 63 -5.70 0.39 2.67
N VAL A 64 -6.53 -0.47 3.22
CA VAL A 64 -7.15 -1.55 2.40
C VAL A 64 -8.66 -1.48 2.42
N THR A 65 -9.25 -1.74 1.30
CA THR A 65 -10.73 -1.69 1.23
C THR A 65 -11.29 -3.05 1.57
N GLN A 66 -10.50 -4.07 1.33
CA GLN A 66 -10.96 -5.45 1.62
C GLN A 66 -9.82 -6.29 2.25
N PRO A 67 -10.16 -7.16 3.18
CA PRO A 67 -9.16 -8.00 3.84
C PRO A 67 -8.52 -8.94 2.85
N LEU A 68 -7.44 -9.57 3.23
CA LEU A 68 -6.77 -10.50 2.30
C LEU A 68 -7.34 -11.90 2.43
N ASP A 69 -7.06 -12.74 1.47
CA ASP A 69 -7.57 -14.14 1.54
C ASP A 69 -6.53 -15.13 1.06
N ARG A 70 -5.94 -15.82 2.00
CA ARG A 70 -4.91 -16.81 1.62
C ARG A 70 -5.48 -17.86 0.69
N GLU A 71 -6.77 -18.08 0.80
CA GLU A 71 -7.40 -19.09 -0.08
C GLU A 71 -7.39 -18.63 -1.53
N ALA A 72 -7.28 -17.33 -1.71
CA ALA A 72 -7.25 -16.78 -3.10
C ALA A 72 -5.84 -16.34 -3.47
N ILE A 73 -5.30 -15.46 -2.68
CA ILE A 73 -3.93 -14.97 -2.96
C ILE A 73 -3.15 -14.83 -1.66
N ALA A 74 -1.93 -15.32 -1.66
CA ALA A 74 -1.09 -15.23 -0.44
C ALA A 74 -0.05 -14.13 -0.56
N LYS A 75 -0.04 -13.44 -1.66
CA LYS A 75 0.95 -12.35 -1.82
C LYS A 75 0.52 -11.38 -2.93
N TYR A 76 0.60 -10.10 -2.62
CA TYR A 76 0.22 -9.05 -3.62
C TYR A 76 1.38 -8.13 -3.94
N ILE A 77 1.65 -7.94 -5.21
CA ILE A 77 2.78 -7.05 -5.62
C ILE A 77 2.24 -5.70 -6.05
N LEU A 78 2.39 -4.72 -5.20
CA LEU A 78 1.88 -3.36 -5.54
C LEU A 78 3.01 -2.43 -5.99
N TYR A 79 2.63 -1.41 -6.75
CA TYR A 79 3.64 -0.44 -7.25
C TYR A 79 3.26 0.95 -6.75
N SER A 80 4.24 1.78 -6.48
CA SER A 80 3.91 3.15 -5.99
C SER A 80 4.78 4.24 -6.61
N HIS A 81 4.27 5.45 -6.55
CA HIS A 81 5.00 6.62 -7.11
C HIS A 81 4.94 7.77 -6.09
N ALA A 82 5.96 8.62 -6.11
CA ALA A 82 5.96 9.77 -5.14
C ALA A 82 6.00 11.15 -5.82
N VAL A 83 5.37 12.09 -5.20
CA VAL A 83 5.33 13.48 -5.75
C VAL A 83 5.46 14.48 -4.59
N SER A 84 6.03 15.63 -4.85
CA SER A 84 6.16 16.62 -3.72
C SER A 84 4.90 17.46 -3.59
N SER A 85 4.39 17.55 -2.39
CA SER A 85 3.17 18.36 -2.18
C SER A 85 3.37 19.80 -2.66
N ASN A 86 4.53 20.07 -3.22
CA ASN A 86 4.79 21.46 -3.70
C ASN A 86 4.45 21.60 -5.18
N GLY A 87 4.47 20.48 -5.89
CA GLY A 87 4.15 20.53 -7.36
C GLY A 87 5.30 19.95 -8.19
N GLU A 88 6.26 19.35 -7.51
CA GLU A 88 7.42 18.76 -8.25
C GLU A 88 7.37 17.23 -8.19
N ALA A 89 7.45 16.62 -9.34
CA ALA A 89 7.40 15.14 -9.37
C ALA A 89 8.67 14.53 -8.77
N VAL A 90 8.48 13.64 -7.83
CA VAL A 90 9.63 12.97 -7.18
C VAL A 90 9.36 11.49 -7.07
N GLU A 91 8.65 10.98 -8.04
CA GLU A 91 8.34 9.54 -8.02
C GLU A 91 9.49 8.66 -8.50
N ASP A 92 9.38 7.42 -8.16
CA ASP A 92 10.41 6.44 -8.55
C ASP A 92 9.78 5.05 -8.57
N PRO A 93 10.25 4.20 -9.46
CA PRO A 93 9.72 2.85 -9.56
C PRO A 93 9.86 2.08 -8.24
N MET A 94 8.81 2.12 -7.43
CA MET A 94 8.85 1.41 -6.11
C MET A 94 7.87 0.25 -6.11
N GLU A 95 8.40 -0.94 -5.96
CA GLU A 95 7.53 -2.15 -5.94
C GLU A 95 7.35 -2.67 -4.52
N ILE A 96 6.17 -2.52 -3.99
CA ILE A 96 5.91 -3.01 -2.62
C ILE A 96 5.41 -4.45 -2.62
N VAL A 97 6.01 -5.25 -1.77
CA VAL A 97 5.60 -6.68 -1.68
C VAL A 97 4.79 -6.94 -0.41
N ILE A 98 3.54 -7.26 -0.58
CA ILE A 98 2.68 -7.53 0.61
C ILE A 98 2.36 -9.01 0.74
N THR A 99 2.92 -9.64 1.72
CA THR A 99 2.66 -11.09 1.92
C THR A 99 1.50 -11.30 2.88
N VAL A 100 0.78 -12.36 2.69
CA VAL A 100 -0.37 -12.62 3.58
C VAL A 100 0.04 -13.42 4.82
N THR A 101 -0.67 -13.20 5.89
CA THR A 101 -0.36 -13.92 7.15
C THR A 101 -1.65 -14.43 7.79
N ASP A 102 -1.55 -15.53 8.49
CA ASP A 102 -2.76 -16.09 9.15
C ASP A 102 -3.34 -15.09 10.14
N GLN A 103 -4.47 -15.43 10.70
CA GLN A 103 -5.11 -14.52 11.68
C GLN A 103 -4.65 -14.85 13.11
N ASN A 104 -5.58 -14.83 14.04
CA ASN A 104 -5.22 -15.15 15.45
C ASN A 104 -6.06 -16.31 15.96
N ASP A 105 -6.63 -17.04 15.05
CA ASP A 105 -7.46 -18.20 15.46
C ASP A 105 -6.69 -19.11 16.41
N ASN A 106 -6.92 -18.93 17.69
CA ASN A 106 -6.22 -19.78 18.68
C ASN A 106 -6.95 -21.09 18.90
N ASP A 3 13.66 5.84 10.11
CA ASP A 3 13.56 6.52 8.79
C ASP A 3 12.59 5.78 7.87
N TRP A 4 12.23 6.44 6.80
CA TRP A 4 11.28 5.82 5.84
C TRP A 4 11.99 4.88 4.88
N VAL A 5 12.07 3.62 5.23
CA VAL A 5 12.76 2.65 4.33
C VAL A 5 12.34 1.21 4.64
N ILE A 6 11.28 0.77 4.02
CA ILE A 6 10.81 -0.62 4.26
C ILE A 6 9.87 -1.09 3.14
N PRO A 7 10.44 -1.64 2.08
CA PRO A 7 9.65 -2.13 0.95
C PRO A 7 8.70 -3.30 1.32
N PRO A 8 9.19 -4.23 2.12
CA PRO A 8 8.39 -5.38 2.53
C PRO A 8 7.35 -5.01 3.60
N ILE A 9 6.19 -5.60 3.50
CA ILE A 9 5.12 -5.31 4.49
C ILE A 9 4.19 -6.51 4.64
N SER A 10 3.36 -6.46 5.66
CA SER A 10 2.41 -7.60 5.89
C SER A 10 0.96 -7.11 5.96
N CYS A 11 0.06 -7.93 5.46
CA CYS A 11 -1.39 -7.55 5.48
C CYS A 11 -2.23 -8.68 6.11
N PRO A 12 -3.25 -8.31 6.86
CA PRO A 12 -4.12 -9.29 7.52
C PRO A 12 -4.93 -10.12 6.54
N GLU A 13 -5.07 -11.37 6.88
CA GLU A 13 -5.82 -12.29 6.02
C GLU A 13 -7.18 -12.58 6.65
N ASN A 14 -8.13 -12.89 5.81
CA ASN A 14 -9.48 -13.17 6.35
C ASN A 14 -9.91 -12.11 7.35
N GLU A 15 -9.19 -11.01 7.37
CA GLU A 15 -9.54 -9.92 8.31
C GLU A 15 -11.05 -9.67 8.30
N LYS A 16 -11.59 -9.32 9.45
CA LYS A 16 -13.05 -9.05 9.53
C LYS A 16 -13.33 -7.81 10.37
N GLY A 17 -14.45 -7.19 10.12
CA GLY A 17 -14.81 -5.96 10.89
C GLY A 17 -15.47 -4.93 9.98
N GLU A 18 -15.11 -3.69 10.16
CA GLU A 18 -15.69 -2.60 9.32
C GLU A 18 -14.68 -2.09 8.29
N PHE A 19 -15.17 -1.82 7.10
CA PHE A 19 -14.27 -1.31 6.02
C PHE A 19 -14.67 0.12 5.63
N PRO A 20 -13.71 0.89 5.15
CA PRO A 20 -12.32 0.45 5.01
C PRO A 20 -11.60 0.40 6.36
N LYS A 21 -10.43 -0.20 6.37
CA LYS A 21 -9.66 -0.30 7.64
C LYS A 21 -8.19 0.05 7.41
N ASN A 22 -7.67 0.90 8.25
CA ASN A 22 -6.24 1.30 8.09
C ASN A 22 -5.30 0.19 8.53
N LEU A 23 -4.23 -0.01 7.78
CA LEU A 23 -3.26 -1.08 8.15
C LEU A 23 -1.92 -0.49 8.58
N VAL A 24 -1.29 0.22 7.70
CA VAL A 24 0.02 0.82 8.07
C VAL A 24 0.40 1.97 7.13
N GLN A 25 1.31 2.80 7.59
CA GLN A 25 1.74 3.94 6.76
C GLN A 25 2.84 3.53 5.78
N ILE A 26 2.84 4.14 4.63
CA ILE A 26 3.87 3.79 3.62
C ILE A 26 5.12 4.67 3.79
N LYS A 27 6.22 4.20 3.26
CA LYS A 27 7.48 4.98 3.38
C LYS A 27 8.30 4.91 2.08
N SER A 28 8.83 6.05 1.69
CA SER A 28 9.63 6.09 0.43
C SER A 28 11.11 6.27 0.75
N ASN A 29 11.66 7.34 0.28
CA ASN A 29 13.10 7.60 0.55
C ASN A 29 13.41 9.08 0.33
N ARG A 30 12.97 9.59 -0.80
CA ARG A 30 13.23 11.02 -1.09
C ARG A 30 12.63 11.90 -0.02
N ASP A 31 11.91 11.29 0.88
CA ASP A 31 11.28 12.08 1.98
C ASP A 31 12.33 12.72 2.86
N LYS A 32 13.57 12.67 2.41
CA LYS A 32 14.67 13.28 3.21
C LYS A 32 15.07 14.62 2.63
N GLU A 33 14.81 14.81 1.36
CA GLU A 33 15.18 16.10 0.71
C GLU A 33 13.97 17.03 0.60
N THR A 34 12.81 16.45 0.40
CA THR A 34 11.59 17.29 0.27
C THR A 34 10.33 16.48 0.54
N LYS A 35 9.38 17.08 1.20
CA LYS A 35 8.12 16.35 1.48
C LYS A 35 7.66 15.63 0.22
N VAL A 36 7.39 14.36 0.34
CA VAL A 36 6.94 13.58 -0.84
C VAL A 36 5.58 12.92 -0.66
N PHE A 37 4.77 13.04 -1.67
CA PHE A 37 3.41 12.43 -1.63
C PHE A 37 3.46 11.10 -2.37
N TYR A 38 2.50 10.24 -2.11
CA TYR A 38 2.51 8.91 -2.81
C TYR A 38 1.40 8.73 -3.82
N SER A 39 1.47 7.62 -4.49
CA SER A 39 0.48 7.26 -5.52
C SER A 39 0.49 5.74 -5.67
N ILE A 40 -0.65 5.15 -5.97
CA ILE A 40 -0.67 3.65 -6.10
C ILE A 40 -1.37 3.18 -7.38
N THR A 41 -0.89 2.08 -7.90
CA THR A 41 -1.48 1.52 -9.12
C THR A 41 -1.08 0.05 -9.27
N GLY A 42 -2.00 -0.76 -9.77
CA GLY A 42 -1.70 -2.22 -9.93
C GLY A 42 -2.82 -3.09 -9.36
N GLN A 43 -2.60 -4.38 -9.40
CA GLN A 43 -3.62 -5.32 -8.87
C GLN A 43 -4.07 -4.89 -7.49
N GLY A 44 -5.34 -5.00 -7.24
CA GLY A 44 -5.87 -4.60 -5.90
C GLY A 44 -6.39 -3.16 -5.96
N ALA A 45 -5.98 -2.46 -7.00
CA ALA A 45 -6.43 -1.06 -7.16
C ALA A 45 -7.09 -0.89 -8.51
N ASP A 46 -6.28 -0.89 -9.54
CA ASP A 46 -6.83 -0.72 -10.91
C ASP A 46 -6.97 -2.08 -11.60
N LYS A 47 -6.13 -3.01 -11.23
CA LYS A 47 -6.21 -4.36 -11.85
C LYS A 47 -6.98 -5.32 -10.94
N PRO A 48 -7.64 -6.29 -11.56
CA PRO A 48 -8.42 -7.28 -10.81
C PRO A 48 -7.57 -7.99 -9.74
N PRO A 49 -8.07 -8.08 -8.51
CA PRO A 49 -9.37 -7.50 -8.12
C PRO A 49 -9.31 -5.97 -8.12
N VAL A 50 -10.16 -5.36 -8.88
CA VAL A 50 -10.16 -3.89 -8.93
C VAL A 50 -10.87 -3.32 -7.72
N GLY A 51 -10.14 -2.58 -6.93
CA GLY A 51 -10.77 -1.97 -5.72
C GLY A 51 -10.56 -2.87 -4.48
N VAL A 52 -9.40 -2.76 -3.89
CA VAL A 52 -9.11 -3.59 -2.69
C VAL A 52 -8.22 -2.83 -1.73
N PHE A 53 -7.29 -2.07 -2.28
CA PHE A 53 -6.35 -1.28 -1.42
C PHE A 53 -6.50 0.22 -1.70
N ILE A 54 -6.34 1.01 -0.67
CA ILE A 54 -6.46 2.48 -0.84
C ILE A 54 -5.41 3.17 0.00
N ILE A 55 -4.76 4.16 -0.58
CA ILE A 55 -3.71 4.88 0.18
C ILE A 55 -3.86 6.39 0.11
N GLU A 56 -3.40 7.06 1.15
CA GLU A 56 -3.50 8.54 1.18
C GLU A 56 -2.23 9.16 0.59
N ARG A 57 -2.34 9.68 -0.60
CA ARG A 57 -1.15 10.31 -1.25
C ARG A 57 -0.47 11.31 -0.33
N GLU A 58 -1.15 11.69 0.72
CA GLU A 58 -0.54 12.68 1.66
C GLU A 58 0.16 11.97 2.81
N THR A 59 -0.61 11.36 3.67
CA THR A 59 0.00 10.65 4.82
C THR A 59 0.44 9.25 4.43
N GLY A 60 0.41 8.96 3.15
CA GLY A 60 0.82 7.61 2.69
C GLY A 60 0.14 6.53 3.52
N TRP A 61 -0.90 6.91 4.24
CA TRP A 61 -1.61 5.91 5.08
C TRP A 61 -2.20 4.82 4.20
N LEU A 62 -1.78 3.61 4.42
CA LEU A 62 -2.33 2.49 3.59
C LEU A 62 -3.48 1.79 4.29
N LYS A 63 -4.60 1.79 3.62
CA LYS A 63 -5.82 1.14 4.19
C LYS A 63 -6.36 0.11 3.22
N VAL A 64 -7.17 -0.80 3.73
CA VAL A 64 -7.75 -1.86 2.85
C VAL A 64 -9.26 -1.84 2.86
N THR A 65 -9.83 -2.24 1.76
CA THR A 65 -11.31 -2.27 1.66
C THR A 65 -11.78 -3.71 1.71
N GLN A 66 -10.90 -4.62 1.30
CA GLN A 66 -11.27 -6.06 1.32
C GLN A 66 -10.13 -6.91 1.93
N PRO A 67 -10.47 -7.88 2.78
CA PRO A 67 -9.46 -8.73 3.40
C PRO A 67 -8.67 -9.50 2.36
N LEU A 68 -7.54 -10.03 2.76
CA LEU A 68 -6.72 -10.80 1.78
C LEU A 68 -7.09 -12.28 1.78
N ASP A 69 -6.58 -13.00 0.83
CA ASP A 69 -6.88 -14.46 0.75
C ASP A 69 -5.62 -15.26 0.45
N ARG A 70 -5.04 -15.80 1.48
CA ARG A 70 -3.80 -16.60 1.28
C ARG A 70 -4.08 -17.82 0.39
N GLU A 71 -5.32 -18.18 0.26
CA GLU A 71 -5.64 -19.36 -0.59
C GLU A 71 -5.54 -19.00 -2.07
N ALA A 72 -5.54 -17.72 -2.34
CA ALA A 72 -5.45 -17.27 -3.76
C ALA A 72 -4.14 -16.54 -4.01
N ILE A 73 -3.82 -15.64 -3.11
CA ILE A 73 -2.55 -14.86 -3.26
C ILE A 73 -1.91 -14.66 -1.90
N ALA A 74 -0.73 -15.21 -1.74
CA ALA A 74 -0.03 -15.06 -0.44
C ALA A 74 0.84 -13.81 -0.44
N LYS A 75 0.79 -13.08 -1.51
CA LYS A 75 1.61 -11.85 -1.59
C LYS A 75 1.08 -10.91 -2.67
N TYR A 76 0.73 -9.72 -2.26
CA TYR A 76 0.21 -8.73 -3.23
C TYR A 76 1.30 -7.75 -3.67
N ILE A 77 1.37 -7.53 -4.95
CA ILE A 77 2.39 -6.59 -5.48
C ILE A 77 1.73 -5.27 -5.84
N LEU A 78 2.34 -4.18 -5.46
CA LEU A 78 1.73 -2.85 -5.78
C LEU A 78 2.75 -1.87 -6.31
N TYR A 79 2.40 -1.19 -7.38
CA TYR A 79 3.33 -0.21 -7.98
C TYR A 79 2.94 1.18 -7.51
N SER A 80 3.91 1.98 -7.14
CA SER A 80 3.55 3.36 -6.66
C SER A 80 4.42 4.44 -7.28
N HIS A 81 3.90 5.64 -7.21
CA HIS A 81 4.61 6.82 -7.76
C HIS A 81 4.72 7.88 -6.67
N ALA A 82 5.76 8.68 -6.72
CA ALA A 82 5.93 9.75 -5.68
C ALA A 82 6.06 11.15 -6.28
N VAL A 83 5.49 12.12 -5.59
CA VAL A 83 5.56 13.53 -6.09
C VAL A 83 5.81 14.51 -4.95
N SER A 84 6.76 15.38 -5.13
CA SER A 84 7.05 16.36 -4.03
C SER A 84 5.87 17.26 -3.78
N SER A 85 5.47 17.36 -2.54
CA SER A 85 4.32 18.23 -2.20
C SER A 85 4.59 19.68 -2.59
N ASN A 86 5.69 19.92 -3.25
CA ASN A 86 6.02 21.32 -3.66
C ASN A 86 5.61 21.56 -5.11
N GLY A 87 5.23 20.50 -5.79
CA GLY A 87 4.81 20.64 -7.22
C GLY A 87 5.83 19.98 -8.15
N GLU A 88 6.84 19.38 -7.56
CA GLU A 88 7.88 18.70 -8.40
C GLU A 88 7.71 17.20 -8.35
N ALA A 89 7.59 16.61 -9.51
CA ALA A 89 7.41 15.14 -9.56
C ALA A 89 8.69 14.40 -9.18
N VAL A 90 8.57 13.50 -8.24
CA VAL A 90 9.76 12.72 -7.79
C VAL A 90 9.39 11.24 -7.76
N GLU A 91 8.54 10.88 -8.68
CA GLU A 91 8.10 9.46 -8.74
C GLU A 91 9.11 8.57 -9.44
N ASP A 92 9.17 7.36 -8.96
CA ASP A 92 10.10 6.37 -9.53
C ASP A 92 9.42 5.00 -9.47
N PRO A 93 9.74 4.15 -10.40
CA PRO A 93 9.14 2.82 -10.41
C PRO A 93 9.35 2.12 -9.06
N MET A 94 8.44 2.36 -8.15
CA MET A 94 8.56 1.73 -6.80
C MET A 94 7.59 0.58 -6.67
N GLU A 95 8.12 -0.58 -6.41
CA GLU A 95 7.25 -1.77 -6.25
C GLU A 95 7.13 -2.17 -4.79
N ILE A 96 5.97 -1.98 -4.25
CA ILE A 96 5.76 -2.33 -2.83
C ILE A 96 5.33 -3.80 -2.71
N VAL A 97 6.04 -4.52 -1.88
CA VAL A 97 5.72 -5.95 -1.70
C VAL A 97 4.94 -6.17 -0.41
N ILE A 98 3.73 -6.68 -0.54
CA ILE A 98 2.91 -6.92 0.67
C ILE A 98 2.63 -8.41 0.83
N THR A 99 3.16 -8.99 1.86
CA THR A 99 2.93 -10.44 2.09
C THR A 99 1.67 -10.66 2.91
N VAL A 100 1.04 -11.78 2.70
CA VAL A 100 -0.20 -12.08 3.46
C VAL A 100 0.13 -12.79 4.76
N THR A 101 -0.56 -12.39 5.81
CA THR A 101 -0.32 -13.02 7.13
C THR A 101 -1.60 -13.68 7.66
N ASP A 102 -1.52 -14.94 7.95
CA ASP A 102 -2.72 -15.64 8.46
C ASP A 102 -3.24 -14.97 9.73
N GLN A 103 -4.49 -15.22 10.04
CA GLN A 103 -5.08 -14.61 11.25
C GLN A 103 -5.91 -15.63 12.04
N ASN A 104 -6.25 -16.71 11.38
CA ASN A 104 -7.06 -17.76 12.04
C ASN A 104 -6.43 -19.13 11.83
N ASP A 105 -5.36 -19.38 12.53
CA ASP A 105 -4.68 -20.69 12.38
C ASP A 105 -3.64 -20.90 13.48
N ASN A 106 -3.12 -19.82 13.97
CA ASN A 106 -2.10 -19.93 15.05
C ASN A 106 -2.75 -19.87 16.42
N ASP A 3 14.88 7.56 8.83
CA ASP A 3 14.62 7.80 7.39
C ASP A 3 13.48 6.92 6.89
N TRP A 4 12.80 7.41 5.90
CA TRP A 4 11.68 6.64 5.35
C TRP A 4 12.16 5.51 4.43
N VAL A 5 12.13 4.29 4.94
CA VAL A 5 12.58 3.13 4.12
C VAL A 5 12.03 1.78 4.67
N ILE A 6 10.99 1.28 4.06
CA ILE A 6 10.41 -0.01 4.54
C ILE A 6 9.60 -0.71 3.43
N PRO A 7 10.29 -1.47 2.62
CA PRO A 7 9.67 -2.20 1.50
C PRO A 7 8.73 -3.39 1.92
N PRO A 8 9.16 -4.20 2.86
CA PRO A 8 8.36 -5.35 3.32
C PRO A 8 7.18 -4.95 4.20
N ILE A 9 6.07 -5.60 3.98
CA ILE A 9 4.84 -5.30 4.79
C ILE A 9 3.98 -6.57 4.92
N SER A 10 2.96 -6.49 5.74
CA SER A 10 2.07 -7.68 5.92
C SER A 10 0.60 -7.25 5.98
N CYS A 11 -0.27 -8.11 5.50
CA CYS A 11 -1.73 -7.78 5.52
C CYS A 11 -2.58 -9.02 5.87
N PRO A 12 -3.53 -8.86 6.81
CA PRO A 12 -4.40 -9.96 7.23
C PRO A 12 -5.34 -10.45 6.13
N GLU A 13 -5.81 -11.65 6.32
CA GLU A 13 -6.73 -12.25 5.35
C GLU A 13 -8.12 -12.44 5.93
N ASN A 14 -9.10 -12.21 5.12
CA ASN A 14 -10.50 -12.36 5.61
C ASN A 14 -10.70 -11.71 6.97
N GLU A 15 -10.68 -10.40 6.99
CA GLU A 15 -10.87 -9.68 8.28
C GLU A 15 -12.29 -9.13 8.38
N LYS A 16 -12.88 -9.23 9.55
CA LYS A 16 -14.26 -8.72 9.71
C LYS A 16 -14.26 -7.27 10.16
N GLY A 17 -15.42 -6.65 10.12
CA GLY A 17 -15.51 -5.22 10.54
C GLY A 17 -16.22 -4.41 9.45
N GLU A 18 -15.71 -3.22 9.21
CA GLU A 18 -16.34 -2.37 8.17
C GLU A 18 -15.30 -1.52 7.46
N PHE A 19 -15.05 -1.85 6.22
CA PHE A 19 -14.05 -1.10 5.43
C PHE A 19 -14.55 0.34 5.18
N PRO A 20 -13.63 1.27 4.90
CA PRO A 20 -12.16 1.03 4.75
C PRO A 20 -11.49 0.64 6.07
N LYS A 21 -10.31 0.08 5.94
CA LYS A 21 -9.55 -0.34 7.16
C LYS A 21 -8.06 0.01 7.02
N ASN A 22 -7.57 0.80 7.93
CA ASN A 22 -6.13 1.19 7.87
C ASN A 22 -5.22 -0.01 8.15
N LEU A 23 -3.99 0.06 7.68
CA LEU A 23 -3.04 -1.06 7.92
C LEU A 23 -1.68 -0.57 8.40
N VAL A 24 -0.93 0.01 7.50
CA VAL A 24 0.42 0.52 7.90
C VAL A 24 0.83 1.72 7.07
N GLN A 25 1.76 2.50 7.56
CA GLN A 25 2.22 3.70 6.80
C GLN A 25 3.31 3.36 5.79
N ILE A 26 3.41 4.17 4.77
CA ILE A 26 4.45 3.94 3.71
C ILE A 26 5.61 4.92 3.84
N LYS A 27 6.76 4.52 3.35
CA LYS A 27 7.95 5.40 3.43
C LYS A 27 8.83 5.30 2.17
N SER A 28 9.31 6.45 1.66
CA SER A 28 10.19 6.41 0.41
C SER A 28 11.52 7.15 0.64
N ASN A 29 12.28 7.30 -0.41
CA ASN A 29 13.59 8.01 -0.30
C ASN A 29 13.52 9.50 -0.66
N ARG A 30 12.93 9.80 -1.79
CA ARG A 30 12.82 11.23 -2.20
C ARG A 30 12.49 12.14 -1.02
N ASP A 31 11.96 11.58 0.02
CA ASP A 31 11.62 12.42 1.20
C ASP A 31 12.85 13.11 1.77
N LYS A 32 13.94 13.07 1.02
CA LYS A 32 15.19 13.73 1.52
C LYS A 32 15.32 15.15 0.97
N GLU A 33 14.50 15.48 0.00
CA GLU A 33 14.57 16.86 -0.58
C GLU A 33 13.35 17.68 -0.19
N THR A 34 12.19 17.09 -0.29
CA THR A 34 10.95 17.84 0.07
C THR A 34 9.83 16.89 0.48
N LYS A 35 8.92 17.38 1.28
CA LYS A 35 7.81 16.50 1.71
C LYS A 35 7.20 15.86 0.48
N VAL A 36 7.41 14.58 0.33
CA VAL A 36 6.86 13.88 -0.84
C VAL A 36 5.57 13.11 -0.53
N PHE A 37 4.66 13.18 -1.46
CA PHE A 37 3.35 12.49 -1.30
C PHE A 37 3.40 11.19 -2.08
N TYR A 38 2.50 10.27 -1.78
CA TYR A 38 2.54 8.96 -2.53
C TYR A 38 1.26 8.64 -3.30
N SER A 39 1.32 7.53 -3.98
CA SER A 39 0.18 7.04 -4.78
C SER A 39 0.40 5.55 -5.02
N ILE A 40 -0.66 4.81 -5.26
CA ILE A 40 -0.48 3.33 -5.51
C ILE A 40 -1.07 2.87 -6.83
N THR A 41 -0.48 1.84 -7.36
CA THR A 41 -0.96 1.29 -8.64
C THR A 41 -0.44 -0.16 -8.81
N GLY A 42 -1.14 -0.94 -9.59
CA GLY A 42 -0.71 -2.35 -9.80
C GLY A 42 -1.74 -3.32 -9.21
N GLN A 43 -1.38 -4.59 -9.18
CA GLN A 43 -2.33 -5.60 -8.62
C GLN A 43 -2.84 -5.18 -7.25
N GLY A 44 -3.97 -4.53 -7.25
CA GLY A 44 -4.55 -4.08 -5.95
C GLY A 44 -5.27 -2.74 -6.16
N ALA A 45 -5.04 -2.17 -7.29
CA ALA A 45 -5.67 -0.87 -7.61
C ALA A 45 -6.09 -0.84 -9.07
N ASP A 46 -5.12 -1.00 -9.94
CA ASP A 46 -5.42 -0.99 -11.39
C ASP A 46 -5.47 -2.42 -11.93
N LYS A 47 -4.69 -3.27 -11.33
CA LYS A 47 -4.64 -4.69 -11.77
C LYS A 47 -5.40 -5.59 -10.79
N PRO A 48 -5.96 -6.68 -11.29
CA PRO A 48 -6.70 -7.61 -10.45
C PRO A 48 -5.86 -8.11 -9.25
N PRO A 49 -6.38 -7.97 -8.03
CA PRO A 49 -7.70 -7.38 -7.75
C PRO A 49 -7.70 -5.87 -8.06
N VAL A 50 -8.52 -5.47 -8.98
CA VAL A 50 -8.58 -4.04 -9.33
C VAL A 50 -9.45 -3.26 -8.33
N GLY A 51 -8.81 -2.43 -7.54
CA GLY A 51 -9.58 -1.63 -6.55
C GLY A 51 -9.73 -2.38 -5.22
N VAL A 52 -8.72 -2.33 -4.40
CA VAL A 52 -8.81 -3.02 -3.09
C VAL A 52 -7.91 -2.36 -2.07
N PHE A 53 -6.75 -1.90 -2.54
CA PHE A 53 -5.79 -1.22 -1.62
C PHE A 53 -5.74 0.28 -1.92
N ILE A 54 -5.66 1.06 -0.90
CA ILE A 54 -5.61 2.54 -1.08
C ILE A 54 -4.63 3.16 -0.09
N ILE A 55 -3.98 4.22 -0.49
CA ILE A 55 -3.00 4.88 0.44
C ILE A 55 -3.20 6.38 0.50
N GLU A 56 -2.86 6.95 1.62
CA GLU A 56 -3.02 8.43 1.77
C GLU A 56 -1.81 9.13 1.17
N ARG A 57 -2.01 9.70 0.01
CA ARG A 57 -0.90 10.42 -0.64
C ARG A 57 -0.20 11.37 0.32
N GLU A 58 -0.84 11.70 1.41
CA GLU A 58 -0.20 12.63 2.37
C GLU A 58 0.58 11.88 3.45
N THR A 59 -0.14 11.22 4.31
CA THR A 59 0.55 10.46 5.39
C THR A 59 0.95 9.07 4.91
N GLY A 60 0.90 8.88 3.63
CA GLY A 60 1.28 7.55 3.09
C GLY A 60 0.63 6.44 3.90
N TRP A 61 -0.46 6.77 4.54
CA TRP A 61 -1.16 5.74 5.35
C TRP A 61 -1.77 4.67 4.46
N LEU A 62 -1.23 3.48 4.53
CA LEU A 62 -1.75 2.39 3.68
C LEU A 62 -3.00 1.76 4.31
N LYS A 63 -4.08 1.84 3.58
CA LYS A 63 -5.36 1.26 4.07
C LYS A 63 -5.98 0.41 2.98
N VAL A 64 -6.82 -0.53 3.36
CA VAL A 64 -7.46 -1.40 2.35
C VAL A 64 -8.98 -1.38 2.47
N THR A 65 -9.62 -1.49 1.34
CA THR A 65 -11.09 -1.48 1.34
C THR A 65 -11.62 -2.91 1.40
N GLN A 66 -10.82 -3.83 0.92
CA GLN A 66 -11.23 -5.26 0.94
C GLN A 66 -10.13 -6.13 1.57
N PRO A 67 -10.52 -7.21 2.25
CA PRO A 67 -9.56 -8.10 2.89
C PRO A 67 -8.71 -8.81 1.84
N LEU A 68 -7.66 -9.45 2.28
CA LEU A 68 -6.81 -10.15 1.28
C LEU A 68 -7.31 -11.57 1.08
N ASP A 69 -6.82 -12.23 0.05
CA ASP A 69 -7.27 -13.62 -0.22
C ASP A 69 -6.10 -14.56 -0.44
N ARG A 70 -5.68 -15.21 0.61
CA ARG A 70 -4.53 -16.15 0.47
C ARG A 70 -4.83 -17.18 -0.61
N GLU A 71 -6.10 -17.44 -0.81
CA GLU A 71 -6.48 -18.43 -1.84
C GLU A 71 -6.14 -17.92 -3.23
N ALA A 72 -6.17 -16.62 -3.39
CA ALA A 72 -5.85 -16.04 -4.71
C ALA A 72 -4.37 -15.67 -4.78
N ILE A 73 -3.88 -15.06 -3.75
CA ILE A 73 -2.45 -14.67 -3.73
C ILE A 73 -1.91 -14.72 -2.31
N ALA A 74 -0.75 -15.29 -2.16
CA ALA A 74 -0.16 -15.37 -0.79
C ALA A 74 0.67 -14.13 -0.50
N LYS A 75 0.97 -13.39 -1.52
CA LYS A 75 1.79 -12.17 -1.33
C LYS A 75 1.44 -11.14 -2.40
N TYR A 76 1.11 -9.95 -1.97
CA TYR A 76 0.75 -8.89 -2.95
C TYR A 76 1.92 -7.94 -3.20
N ILE A 77 2.18 -7.68 -4.45
CA ILE A 77 3.29 -6.77 -4.82
C ILE A 77 2.70 -5.54 -5.49
N LEU A 78 2.69 -4.44 -4.78
CA LEU A 78 2.13 -3.19 -5.37
C LEU A 78 3.21 -2.30 -5.90
N TYR A 79 2.79 -1.27 -6.60
CA TYR A 79 3.75 -0.30 -7.17
C TYR A 79 3.28 1.09 -6.82
N SER A 80 4.14 1.87 -6.20
CA SER A 80 3.74 3.24 -5.82
C SER A 80 4.54 4.32 -6.54
N HIS A 81 3.96 5.50 -6.57
CA HIS A 81 4.60 6.64 -7.23
C HIS A 81 4.65 7.83 -6.27
N ALA A 82 5.75 8.55 -6.28
CA ALA A 82 5.87 9.72 -5.35
C ALA A 82 5.73 11.07 -6.07
N VAL A 83 5.16 12.02 -5.40
CA VAL A 83 4.98 13.37 -6.01
C VAL A 83 5.25 14.43 -4.95
N SER A 84 6.05 15.39 -5.28
CA SER A 84 6.35 16.46 -4.29
C SER A 84 5.10 17.20 -3.86
N SER A 85 4.97 17.39 -2.58
CA SER A 85 3.78 18.10 -2.06
C SER A 85 3.67 19.50 -2.67
N ASN A 86 4.58 19.80 -3.57
CA ASN A 86 4.54 21.14 -4.22
C ASN A 86 3.79 21.08 -5.54
N GLY A 87 3.71 19.90 -6.12
CA GLY A 87 3.00 19.75 -7.43
C GLY A 87 3.94 19.21 -8.51
N GLU A 88 5.14 18.86 -8.12
CA GLU A 88 6.11 18.33 -9.12
C GLU A 88 6.23 16.82 -8.99
N ALA A 89 6.25 16.16 -10.11
CA ALA A 89 6.37 14.67 -10.08
C ALA A 89 7.76 14.21 -9.63
N VAL A 90 7.77 13.42 -8.59
CA VAL A 90 9.06 12.89 -8.06
C VAL A 90 8.92 11.42 -7.78
N GLU A 91 8.06 10.78 -8.53
CA GLU A 91 7.84 9.34 -8.33
C GLU A 91 8.92 8.50 -8.96
N ASP A 92 8.91 7.26 -8.58
CA ASP A 92 9.88 6.30 -9.11
C ASP A 92 9.32 4.89 -8.93
N PRO A 93 9.64 4.01 -9.84
CA PRO A 93 9.14 2.66 -9.76
C PRO A 93 9.47 2.02 -8.40
N MET A 94 8.58 2.21 -7.44
CA MET A 94 8.81 1.64 -6.09
C MET A 94 7.85 0.50 -5.85
N GLU A 95 8.36 -0.71 -5.83
CA GLU A 95 7.47 -1.85 -5.61
C GLU A 95 7.34 -2.16 -4.12
N ILE A 96 6.10 -2.27 -3.68
CA ILE A 96 5.84 -2.56 -2.26
C ILE A 96 5.52 -4.04 -2.07
N VAL A 97 6.20 -4.66 -1.13
CA VAL A 97 5.94 -6.11 -0.89
C VAL A 97 5.03 -6.31 0.31
N ILE A 98 3.99 -7.08 0.11
CA ILE A 98 3.03 -7.33 1.22
C ILE A 98 2.71 -8.82 1.33
N THR A 99 3.03 -9.40 2.46
CA THR A 99 2.75 -10.84 2.63
C THR A 99 1.36 -11.07 3.22
N VAL A 100 0.77 -12.19 2.84
CA VAL A 100 -0.60 -12.51 3.36
C VAL A 100 -0.55 -13.67 4.34
N THR A 101 -1.47 -13.67 5.28
CA THR A 101 -1.51 -14.76 6.29
C THR A 101 -2.90 -15.35 6.40
N ASP A 102 -3.01 -16.63 6.19
CA ASP A 102 -4.33 -17.28 6.27
C ASP A 102 -4.93 -17.12 7.66
N GLN A 103 -5.97 -17.87 7.93
CA GLN A 103 -6.61 -17.78 9.26
C GLN A 103 -7.15 -19.13 9.69
N ASN A 104 -6.46 -20.17 9.31
CA ASN A 104 -6.92 -21.54 9.69
C ASN A 104 -8.13 -21.94 8.86
N ASP A 105 -8.27 -21.35 7.70
CA ASP A 105 -9.42 -21.68 6.84
C ASP A 105 -9.21 -23.02 6.14
N ASN A 106 -8.65 -22.97 4.97
CA ASN A 106 -8.40 -24.22 4.21
C ASN A 106 -7.55 -23.96 2.97
N ASP A 3 14.57 5.86 9.23
CA ASP A 3 14.76 6.02 7.76
C ASP A 3 13.57 5.48 6.98
N TRP A 4 13.13 6.25 6.01
CA TRP A 4 11.98 5.81 5.19
C TRP A 4 12.41 4.79 4.14
N VAL A 5 12.40 3.52 4.52
CA VAL A 5 12.81 2.47 3.52
C VAL A 5 12.34 1.07 3.92
N ILE A 6 11.20 0.66 3.41
CA ILE A 6 10.69 -0.68 3.77
C ILE A 6 9.67 -1.19 2.73
N PRO A 7 10.18 -1.83 1.68
CA PRO A 7 9.32 -2.38 0.61
C PRO A 7 8.36 -3.50 1.07
N PRO A 8 8.85 -4.40 1.91
CA PRO A 8 8.03 -5.51 2.40
C PRO A 8 6.91 -5.05 3.34
N ILE A 9 5.72 -5.58 3.10
CA ILE A 9 4.56 -5.20 3.95
C ILE A 9 3.72 -6.44 4.26
N SER A 10 2.76 -6.28 5.16
CA SER A 10 1.90 -7.45 5.51
C SER A 10 0.41 -7.06 5.52
N CYS A 11 -0.42 -7.99 5.10
CA CYS A 11 -1.89 -7.70 5.07
C CYS A 11 -2.68 -8.91 5.61
N PRO A 12 -3.44 -8.71 6.69
CA PRO A 12 -4.24 -9.80 7.28
C PRO A 12 -5.31 -10.34 6.33
N GLU A 13 -5.67 -11.56 6.58
CA GLU A 13 -6.69 -12.22 5.76
C GLU A 13 -8.02 -12.28 6.50
N ASN A 14 -9.09 -12.34 5.75
CA ASN A 14 -10.43 -12.40 6.40
C ASN A 14 -10.52 -11.39 7.54
N GLU A 15 -10.49 -10.13 7.21
CA GLU A 15 -10.58 -9.09 8.27
C GLU A 15 -12.03 -8.75 8.56
N LYS A 16 -12.47 -9.07 9.75
CA LYS A 16 -13.88 -8.76 10.11
C LYS A 16 -13.97 -7.37 10.75
N GLY A 17 -15.06 -6.70 10.50
CA GLY A 17 -15.23 -5.34 11.08
C GLY A 17 -15.83 -4.38 10.05
N GLU A 18 -15.27 -3.18 10.00
CA GLU A 18 -15.77 -2.17 9.03
C GLU A 18 -14.66 -1.78 8.05
N PHE A 19 -15.03 -1.62 6.81
CA PHE A 19 -14.03 -1.24 5.77
C PHE A 19 -14.27 0.20 5.29
N PRO A 20 -13.24 0.84 4.77
CA PRO A 20 -11.90 0.24 4.64
C PRO A 20 -11.18 0.12 5.97
N LYS A 21 -10.16 -0.70 6.00
CA LYS A 21 -9.38 -0.91 7.26
C LYS A 21 -7.95 -0.42 7.09
N ASN A 22 -7.52 0.42 8.00
CA ASN A 22 -6.13 0.95 7.91
C ASN A 22 -5.13 -0.14 8.25
N LEU A 23 -3.90 0.03 7.79
CA LEU A 23 -2.85 -0.98 8.08
C LEU A 23 -1.61 -0.31 8.67
N VAL A 24 -0.91 0.43 7.87
CA VAL A 24 0.32 1.11 8.39
C VAL A 24 0.75 2.26 7.50
N GLN A 25 1.51 3.16 8.06
CA GLN A 25 1.98 4.32 7.26
C GLN A 25 3.03 3.89 6.25
N ILE A 26 3.02 4.53 5.11
CA ILE A 26 4.01 4.18 4.06
C ILE A 26 5.29 5.02 4.23
N LYS A 27 6.32 4.59 3.54
CA LYS A 27 7.61 5.33 3.62
C LYS A 27 8.23 5.48 2.23
N SER A 28 8.63 6.69 1.90
CA SER A 28 9.23 6.94 0.56
C SER A 28 10.75 6.96 0.64
N ASN A 29 11.33 8.02 0.14
CA ASN A 29 12.81 8.14 0.17
C ASN A 29 13.23 9.59 0.01
N ARG A 30 12.69 10.26 -0.96
CA ARG A 30 13.05 11.68 -1.17
C ARG A 30 12.37 12.57 -0.15
N ASP A 31 11.86 11.97 0.88
CA ASP A 31 11.18 12.77 1.93
C ASP A 31 12.16 13.71 2.63
N LYS A 32 13.29 13.93 1.99
CA LYS A 32 14.31 14.84 2.60
C LYS A 32 14.41 16.15 1.82
N GLU A 33 13.92 16.16 0.61
CA GLU A 33 13.99 17.42 -0.19
C GLU A 33 12.75 18.28 0.01
N THR A 34 11.60 17.68 -0.05
CA THR A 34 10.35 18.46 0.13
C THR A 34 9.19 17.56 0.52
N LYS A 35 8.18 18.14 1.11
CA LYS A 35 7.03 17.30 1.50
C LYS A 35 6.63 16.44 0.33
N VAL A 36 6.89 15.16 0.45
CA VAL A 36 6.55 14.25 -0.67
C VAL A 36 5.23 13.51 -0.42
N PHE A 37 4.40 13.51 -1.42
CA PHE A 37 3.09 12.82 -1.33
C PHE A 37 3.21 11.44 -1.96
N TYR A 38 2.30 10.56 -1.63
CA TYR A 38 2.38 9.18 -2.21
C TYR A 38 1.35 8.93 -3.30
N SER A 39 1.59 7.84 -4.01
CA SER A 39 0.69 7.42 -5.11
C SER A 39 0.78 5.91 -5.27
N ILE A 40 -0.32 5.30 -5.66
CA ILE A 40 -0.32 3.82 -5.84
C ILE A 40 -0.97 3.40 -7.15
N THR A 41 -0.42 2.37 -7.74
CA THR A 41 -0.99 1.88 -9.02
C THR A 41 -0.51 0.45 -9.29
N GLY A 42 -1.21 -0.24 -10.15
CA GLY A 42 -0.82 -1.65 -10.47
C GLY A 42 -1.78 -2.66 -9.84
N GLN A 43 -1.43 -3.91 -9.94
CA GLN A 43 -2.30 -4.97 -9.38
C GLN A 43 -2.66 -4.66 -7.93
N GLY A 44 -3.87 -4.21 -7.71
CA GLY A 44 -4.30 -3.88 -6.32
C GLY A 44 -5.04 -2.54 -6.28
N ALA A 45 -4.88 -1.79 -7.34
CA ALA A 45 -5.55 -0.47 -7.42
C ALA A 45 -6.27 -0.33 -8.75
N ASP A 46 -5.51 -0.48 -9.81
CA ASP A 46 -6.11 -0.36 -11.17
C ASP A 46 -6.17 -1.72 -11.85
N LYS A 47 -5.27 -2.59 -11.46
CA LYS A 47 -5.25 -3.95 -12.09
C LYS A 47 -5.89 -5.00 -11.14
N PRO A 48 -6.52 -6.02 -11.73
CA PRO A 48 -7.16 -7.08 -10.96
C PRO A 48 -6.17 -7.75 -9.97
N PRO A 49 -6.53 -7.78 -8.67
CA PRO A 49 -7.78 -7.22 -8.15
C PRO A 49 -7.82 -5.69 -8.28
N VAL A 50 -8.77 -5.21 -9.04
CA VAL A 50 -8.88 -3.76 -9.23
C VAL A 50 -9.61 -3.07 -8.07
N GLY A 51 -8.89 -2.29 -7.32
CA GLY A 51 -9.53 -1.59 -6.18
C GLY A 51 -9.55 -2.45 -4.90
N VAL A 52 -8.42 -2.54 -4.25
CA VAL A 52 -8.36 -3.35 -3.00
C VAL A 52 -7.45 -2.66 -1.99
N PHE A 53 -6.42 -2.00 -2.49
CA PHE A 53 -5.47 -1.29 -1.58
C PHE A 53 -5.47 0.20 -1.89
N ILE A 54 -5.49 1.00 -0.86
CA ILE A 54 -5.48 2.48 -1.05
C ILE A 54 -4.57 3.12 -0.04
N ILE A 55 -3.81 4.10 -0.47
CA ILE A 55 -2.88 4.80 0.47
C ILE A 55 -3.19 6.28 0.57
N GLU A 56 -2.92 6.85 1.71
CA GLU A 56 -3.20 8.29 1.89
C GLU A 56 -2.09 9.14 1.26
N ARG A 57 -2.43 9.78 0.18
CA ARG A 57 -1.45 10.64 -0.53
C ARG A 57 -0.66 11.53 0.43
N GLU A 58 -1.24 11.84 1.57
CA GLU A 58 -0.52 12.71 2.54
C GLU A 58 0.18 11.91 3.64
N THR A 59 -0.58 11.31 4.50
CA THR A 59 0.02 10.51 5.59
C THR A 59 0.47 9.15 5.11
N GLY A 60 0.47 8.96 3.83
CA GLY A 60 0.91 7.65 3.30
C GLY A 60 0.23 6.52 4.08
N TRP A 61 -0.82 6.86 4.80
CA TRP A 61 -1.52 5.83 5.58
C TRP A 61 -2.05 4.74 4.66
N LEU A 62 -1.44 3.59 4.72
CA LEU A 62 -1.89 2.47 3.84
C LEU A 62 -3.09 1.75 4.44
N LYS A 63 -4.13 1.70 3.66
CA LYS A 63 -5.38 1.03 4.11
C LYS A 63 -5.89 0.11 3.01
N VAL A 64 -6.72 -0.83 3.38
CA VAL A 64 -7.26 -1.78 2.35
C VAL A 64 -8.78 -1.76 2.37
N THR A 65 -9.36 -1.77 1.20
CA THR A 65 -10.83 -1.77 1.13
C THR A 65 -11.38 -3.18 1.11
N GLN A 66 -10.54 -4.11 0.72
CA GLN A 66 -10.98 -5.53 0.67
C GLN A 66 -9.96 -6.44 1.37
N PRO A 67 -10.44 -7.33 2.25
CA PRO A 67 -9.54 -8.24 2.97
C PRO A 67 -8.78 -9.12 2.00
N LEU A 68 -7.74 -9.74 2.47
CA LEU A 68 -6.95 -10.62 1.57
C LEU A 68 -7.39 -12.06 1.69
N ASP A 69 -6.92 -12.89 0.80
CA ASP A 69 -7.31 -14.34 0.85
C ASP A 69 -6.09 -15.25 0.69
N ARG A 70 -5.49 -15.58 1.80
CA ARG A 70 -4.30 -16.46 1.74
C ARG A 70 -4.63 -17.77 1.01
N GLU A 71 -5.89 -18.10 0.97
CA GLU A 71 -6.29 -19.35 0.28
C GLU A 71 -6.21 -19.20 -1.23
N ALA A 72 -6.41 -17.99 -1.70
CA ALA A 72 -6.36 -17.75 -3.16
C ALA A 72 -4.97 -17.28 -3.56
N ILE A 73 -4.51 -16.25 -2.87
CA ILE A 73 -3.17 -15.70 -3.16
C ILE A 73 -2.30 -15.78 -1.92
N ALA A 74 -1.15 -15.17 -1.97
CA ALA A 74 -0.25 -15.21 -0.79
C ALA A 74 0.61 -13.96 -0.73
N LYS A 75 0.62 -13.23 -1.82
CA LYS A 75 1.44 -12.00 -1.86
C LYS A 75 0.95 -11.09 -2.99
N TYR A 76 0.64 -9.86 -2.65
CA TYR A 76 0.16 -8.91 -3.69
C TYR A 76 1.26 -7.95 -4.14
N ILE A 77 1.26 -7.64 -5.41
CA ILE A 77 2.29 -6.71 -5.96
C ILE A 77 1.69 -5.33 -6.20
N LEU A 78 2.37 -4.31 -5.74
CA LEU A 78 1.85 -2.94 -5.92
C LEU A 78 2.95 -1.96 -6.31
N TYR A 79 2.68 -1.13 -7.27
CA TYR A 79 3.72 -0.14 -7.70
C TYR A 79 3.41 1.20 -7.05
N SER A 80 4.42 1.81 -6.46
CA SER A 80 4.18 3.14 -5.79
C SER A 80 5.00 4.25 -6.43
N HIS A 81 4.56 5.46 -6.18
CA HIS A 81 5.26 6.64 -6.74
C HIS A 81 5.33 7.78 -5.71
N ALA A 82 6.37 8.59 -5.81
CA ALA A 82 6.51 9.73 -4.85
C ALA A 82 6.48 11.09 -5.58
N VAL A 83 5.54 11.93 -5.21
CA VAL A 83 5.44 13.27 -5.87
C VAL A 83 5.62 14.38 -4.86
N SER A 84 6.13 15.51 -5.30
CA SER A 84 6.33 16.63 -4.33
C SER A 84 5.02 17.39 -4.10
N SER A 85 4.86 17.89 -2.91
CA SER A 85 3.61 18.65 -2.59
C SER A 85 3.44 19.88 -3.46
N ASN A 86 4.26 20.03 -4.47
CA ASN A 86 4.13 21.24 -5.37
C ASN A 86 3.74 20.83 -6.78
N GLY A 87 3.76 19.54 -7.04
CA GLY A 87 3.40 19.06 -8.41
C GLY A 87 4.62 18.56 -9.19
N GLU A 88 5.73 18.43 -8.51
CA GLU A 88 6.96 17.95 -9.22
C GLU A 88 7.15 16.46 -8.98
N ALA A 89 7.06 15.71 -10.05
CA ALA A 89 7.23 14.25 -9.91
C ALA A 89 8.63 13.87 -9.48
N VAL A 90 8.72 13.31 -8.32
CA VAL A 90 10.04 12.89 -7.78
C VAL A 90 9.96 11.41 -7.45
N GLU A 91 8.98 10.79 -8.07
CA GLU A 91 8.76 9.35 -7.86
C GLU A 91 9.72 8.48 -8.64
N ASP A 92 9.68 7.23 -8.33
CA ASP A 92 10.55 6.25 -8.99
C ASP A 92 9.82 4.90 -9.01
N PRO A 93 9.92 4.17 -10.09
CA PRO A 93 9.26 2.88 -10.18
C PRO A 93 9.63 1.99 -8.99
N MET A 94 8.84 2.07 -7.93
CA MET A 94 9.14 1.24 -6.73
C MET A 94 8.11 0.14 -6.58
N GLU A 95 8.55 -1.07 -6.76
CA GLU A 95 7.61 -2.19 -6.63
C GLU A 95 7.45 -2.59 -5.17
N ILE A 96 6.32 -2.27 -4.62
CA ILE A 96 6.07 -2.62 -3.21
C ILE A 96 5.49 -4.04 -3.13
N VAL A 97 6.00 -4.83 -2.22
CA VAL A 97 5.49 -6.23 -2.07
C VAL A 97 4.73 -6.39 -0.76
N ILE A 98 3.54 -6.92 -0.86
CA ILE A 98 2.72 -7.13 0.36
C ILE A 98 2.42 -8.62 0.56
N THR A 99 2.84 -9.16 1.67
CA THR A 99 2.60 -10.60 1.94
C THR A 99 1.30 -10.82 2.71
N VAL A 100 0.69 -11.95 2.48
CA VAL A 100 -0.58 -12.26 3.19
C VAL A 100 -0.32 -12.96 4.52
N THR A 101 -1.21 -12.74 5.46
CA THR A 101 -1.04 -13.38 6.80
C THR A 101 -2.15 -14.40 7.03
N ASP A 102 -1.85 -15.43 7.76
CA ASP A 102 -2.87 -16.47 8.04
C ASP A 102 -3.90 -15.97 9.04
N GLN A 103 -5.11 -16.45 8.92
CA GLN A 103 -6.16 -16.01 9.85
C GLN A 103 -7.41 -16.88 9.73
N ASN A 104 -7.22 -18.18 9.77
CA ASN A 104 -8.39 -19.10 9.66
C ASN A 104 -9.32 -18.93 10.86
N ASP A 105 -10.40 -18.25 10.65
CA ASP A 105 -11.37 -18.04 11.76
C ASP A 105 -12.65 -17.39 11.26
N ASN A 106 -12.52 -16.25 10.64
CA ASN A 106 -13.72 -15.55 10.13
C ASN A 106 -13.32 -14.37 9.26
#